data_9KMP
#
_entry.id   9KMP
#
_cell.length_a   1.00
_cell.length_b   1.00
_cell.length_c   1.00
_cell.angle_alpha   90.00
_cell.angle_beta   90.00
_cell.angle_gamma   90.00
#
_symmetry.space_group_name_H-M   'P 1'
#
loop_
_entity.id
_entity.type
_entity.pdbx_description
1 polymer 'C-reactive protein'
2 polymer 'CRP specific recognition heavy chain antibodie 1 (HCAb1)'
#
loop_
_entity_poly.entity_id
_entity_poly.type
_entity_poly.pdbx_seq_one_letter_code
_entity_poly.pdbx_strand_id
1 'polypeptide(L)'
;QTDMSRKAFVFPKESDTSYVSLKAPLTKPLKAFTVCLHFYTELSSTRGYSIFSYATKRQDNEILIFWSKDIGYSFTVGGS
EILFEVPEVTVAPVHICTSWESASGIVEFWVDGKPRVRKSLKKGYTVGAEASIILGQEQDSFGGNFEGSQSLVGDIGNVN
MWDFVLSPDEINTIYLGGPFSPNVLNWRALKYEVQGEVFTKPQLWP
;
A,C,E,G,H
2 'polypeptide(L)'
;MADVQLVESGGGLVQAGESLRLSCTASINIAGLAMGWYRQAPGKQRELAALSTNSGTTIYGNSVKGRFTISRDNAKKTVY
LQVDSLKPEDTGIYYCNVRFNPDRIYWGQGTQVTVSS
;
B,D,F,I,J
#
# COMPACT_ATOMS: atom_id res chain seq x y z
N GLN A 1 16.48 -20.17 43.20
CA GLN A 1 16.98 -18.90 43.78
C GLN A 1 18.11 -18.33 42.93
N THR A 2 17.80 -18.01 41.68
CA THR A 2 18.78 -17.45 40.76
C THR A 2 18.09 -16.38 39.92
N ASP A 3 18.88 -15.39 39.50
CA ASP A 3 18.38 -14.31 38.66
C ASP A 3 18.66 -14.61 37.19
N MET A 4 17.78 -14.10 36.33
CA MET A 4 17.95 -14.26 34.88
C MET A 4 17.67 -12.96 34.15
N SER A 5 17.83 -11.83 34.83
CA SER A 5 17.62 -10.53 34.20
C SER A 5 18.50 -10.40 32.97
N ARG A 6 17.90 -9.97 31.85
CA ARG A 6 18.58 -9.76 30.59
C ARG A 6 19.12 -11.07 29.99
N LYS A 7 18.66 -12.21 30.48
CA LYS A 7 19.03 -13.51 29.95
C LYS A 7 17.81 -14.17 29.33
N ALA A 8 18.05 -15.15 28.45
CA ALA A 8 16.97 -15.85 27.79
C ALA A 8 17.44 -17.24 27.39
N PHE A 9 16.47 -18.16 27.30
CA PHE A 9 16.75 -19.53 26.91
C PHE A 9 16.65 -19.67 25.40
N VAL A 10 17.59 -20.42 24.83
CA VAL A 10 17.72 -20.60 23.39
C VAL A 10 17.66 -22.08 23.08
N PHE A 11 16.74 -22.46 22.18
CA PHE A 11 16.65 -23.80 21.64
C PHE A 11 17.18 -23.76 20.21
N PRO A 12 18.35 -24.34 19.92
CA PRO A 12 18.96 -24.16 18.59
C PRO A 12 18.20 -24.83 17.46
N LYS A 13 17.88 -26.11 17.63
CA LYS A 13 17.27 -26.92 16.59
C LYS A 13 15.99 -27.54 17.14
N GLU A 14 15.27 -28.24 16.26
CA GLU A 14 14.07 -28.96 16.68
C GLU A 14 14.49 -30.31 17.24
N SER A 15 13.92 -30.68 18.39
CA SER A 15 14.23 -31.95 19.01
C SER A 15 13.25 -32.22 20.15
N ASP A 16 12.83 -33.47 20.35
CA ASP A 16 11.85 -33.75 21.39
C ASP A 16 12.53 -34.15 22.70
N THR A 17 13.82 -33.87 22.83
CA THR A 17 14.57 -34.28 24.03
C THR A 17 15.02 -33.11 24.90
N SER A 18 15.23 -31.95 24.30
CA SER A 18 15.70 -30.79 25.03
C SER A 18 14.52 -30.01 25.60
N TYR A 19 14.62 -29.63 26.86
CA TYR A 19 13.55 -28.88 27.52
C TYR A 19 14.02 -28.42 28.88
N VAL A 20 13.38 -27.37 29.38
CA VAL A 20 13.62 -26.91 30.75
C VAL A 20 12.35 -27.15 31.56
N SER A 21 12.54 -27.25 32.88
CA SER A 21 11.44 -27.51 33.80
C SER A 21 11.55 -26.55 34.96
N LEU A 22 10.44 -25.89 35.29
CA LEU A 22 10.40 -24.87 36.34
C LEU A 22 9.54 -25.38 37.49
N LYS A 23 9.94 -25.02 38.71
CA LYS A 23 9.24 -25.43 39.92
C LYS A 23 8.71 -24.21 40.65
N ALA A 24 7.56 -24.38 41.30
CA ALA A 24 6.89 -23.31 42.02
C ALA A 24 6.52 -23.78 43.42
N PRO A 25 6.42 -22.86 44.38
CA PRO A 25 6.04 -23.23 45.75
C PRO A 25 4.54 -23.24 46.03
N LEU A 26 3.70 -23.25 45.01
CA LEU A 26 2.27 -23.17 45.22
C LEU A 26 1.76 -24.34 46.05
N THR A 27 0.75 -24.09 46.87
CA THR A 27 0.18 -25.13 47.73
C THR A 27 -1.33 -25.19 47.65
N LYS A 28 -1.98 -24.08 47.32
CA LYS A 28 -3.44 -24.00 47.32
C LYS A 28 -4.00 -24.12 45.92
N PRO A 29 -5.25 -24.56 45.78
CA PRO A 29 -5.86 -24.66 44.45
C PRO A 29 -6.00 -23.30 43.80
N LEU A 30 -5.37 -23.14 42.64
CA LEU A 30 -5.44 -21.89 41.91
C LEU A 30 -6.85 -21.64 41.47
N LYS A 31 -7.32 -20.41 41.63
CA LYS A 31 -8.65 -20.06 41.15
C LYS A 31 -8.67 -18.91 40.16
N ALA A 32 -7.72 -17.99 40.23
CA ALA A 32 -7.58 -16.93 39.24
C ALA A 32 -6.10 -16.64 39.07
N PHE A 33 -5.65 -16.52 37.82
CA PHE A 33 -4.22 -16.42 37.54
C PHE A 33 -3.97 -15.49 36.36
N THR A 34 -2.69 -15.20 36.14
CA THR A 34 -2.23 -14.33 35.07
C THR A 34 -0.80 -14.72 34.73
N VAL A 35 -0.45 -14.60 33.47
CA VAL A 35 0.88 -14.92 33.03
C VAL A 35 1.38 -13.91 32.02
N CYS A 36 2.68 -13.83 31.85
CA CYS A 36 3.31 -12.91 30.91
C CYS A 36 4.64 -13.49 30.46
N LEU A 37 4.96 -13.26 29.18
CA LEU A 37 6.20 -13.77 28.64
C LEU A 37 6.61 -13.12 27.34
N HIS A 38 7.87 -13.29 26.96
CA HIS A 38 8.34 -12.79 25.68
C HIS A 38 8.97 -13.95 24.95
N PHE A 39 8.81 -13.99 23.63
CA PHE A 39 9.37 -15.08 22.85
C PHE A 39 9.69 -14.58 21.45
N TYR A 40 10.53 -15.37 20.76
CA TYR A 40 10.96 -14.98 19.43
C TYR A 40 11.34 -16.21 18.60
N THR A 41 10.62 -16.46 17.52
CA THR A 41 10.85 -17.59 16.63
C THR A 41 10.26 -17.25 15.28
N GLU A 42 10.32 -18.21 14.34
CA GLU A 42 9.86 -17.99 12.97
C GLU A 42 9.14 -19.21 12.41
N LEU A 43 8.66 -20.10 13.28
CA LEU A 43 7.98 -21.33 12.85
C LEU A 43 6.57 -21.14 12.37
N SER A 44 6.06 -19.92 12.40
CA SER A 44 4.65 -19.70 12.09
C SER A 44 4.28 -20.23 10.72
N SER A 45 5.10 -19.94 9.71
CA SER A 45 4.78 -20.32 8.34
C SER A 45 5.13 -21.76 8.02
N THR A 46 5.51 -22.56 9.01
CA THR A 46 5.94 -23.94 8.76
C THR A 46 5.09 -24.97 9.47
N ARG A 47 4.72 -24.74 10.71
CA ARG A 47 3.96 -25.71 11.50
C ARG A 47 3.47 -25.02 12.77
N GLY A 48 2.87 -25.79 13.66
CA GLY A 48 2.43 -25.29 14.95
C GLY A 48 3.45 -25.59 16.03
N TYR A 49 3.57 -24.67 16.99
CA TYR A 49 4.54 -24.80 18.06
C TYR A 49 3.86 -24.47 19.39
N SER A 50 4.34 -25.12 20.44
CA SER A 50 3.80 -24.92 21.78
C SER A 50 4.57 -23.81 22.50
N ILE A 51 3.85 -22.83 23.01
CA ILE A 51 4.47 -21.70 23.69
C ILE A 51 4.58 -21.95 25.19
N PHE A 52 3.49 -22.39 25.82
CA PHE A 52 3.49 -22.62 27.26
C PHE A 52 2.65 -23.85 27.57
N SER A 53 3.18 -24.72 28.42
CA SER A 53 2.53 -25.99 28.74
C SER A 53 2.58 -26.22 30.24
N TYR A 54 1.40 -26.42 30.84
CA TYR A 54 1.32 -26.76 32.26
C TYR A 54 1.22 -28.27 32.36
N ALA A 55 0.90 -28.79 33.54
CA ALA A 55 0.76 -30.22 33.71
C ALA A 55 0.10 -30.51 35.06
N THR A 56 -0.71 -31.57 35.08
CA THR A 56 -1.36 -32.03 36.30
C THR A 56 -1.58 -33.54 36.21
N LYS A 57 -1.80 -34.15 37.36
CA LYS A 57 -1.98 -35.61 37.41
C LYS A 57 -3.17 -36.04 36.57
N ARG A 58 -4.31 -35.36 36.72
CA ARG A 58 -5.54 -35.83 36.10
C ARG A 58 -5.65 -35.41 34.64
N GLN A 59 -5.21 -34.21 34.30
CA GLN A 59 -5.35 -33.68 32.95
C GLN A 59 -3.98 -33.32 32.40
N ASP A 60 -3.73 -33.70 31.15
CA ASP A 60 -2.45 -33.41 30.53
C ASP A 60 -2.22 -31.91 30.35
N ASN A 61 -3.26 -31.17 29.97
CA ASN A 61 -3.14 -29.75 29.66
C ASN A 61 -4.10 -28.97 30.57
N GLU A 62 -3.58 -28.48 31.68
CA GLU A 62 -4.37 -27.69 32.59
C GLU A 62 -4.43 -26.30 32.00
N ILE A 63 -3.26 -25.76 31.68
CA ILE A 63 -3.19 -24.45 31.04
C ILE A 63 -2.21 -24.60 29.88
N LEU A 64 -2.55 -24.07 28.71
CA LEU A 64 -1.71 -24.30 27.53
C LEU A 64 -1.90 -23.18 26.53
N ILE A 65 -0.78 -22.61 26.09
CA ILE A 65 -0.76 -21.56 25.06
C ILE A 65 -0.01 -22.13 23.87
N PHE A 66 -0.67 -22.17 22.71
CA PHE A 66 -0.17 -22.83 21.52
C PHE A 66 -0.43 -21.94 20.31
N TRP A 67 0.26 -22.24 19.20
CA TRP A 67 0.09 -21.51 17.95
C TRP A 67 -0.35 -22.51 16.88
N SER A 68 -1.49 -22.23 16.27
CA SER A 68 -2.08 -23.11 15.26
C SER A 68 -1.87 -22.52 13.87
N LYS A 69 -1.49 -23.37 12.93
CA LYS A 69 -1.08 -22.95 11.59
C LYS A 69 -2.19 -22.16 10.91
N ASP A 70 -1.86 -20.95 10.45
CA ASP A 70 -2.84 -20.10 9.75
C ASP A 70 -4.02 -19.72 10.62
N ILE A 71 -3.98 -20.07 11.90
CA ILE A 71 -5.09 -19.80 12.81
C ILE A 71 -4.70 -18.74 13.83
N GLY A 72 -3.59 -18.95 14.54
CA GLY A 72 -3.14 -17.97 15.51
C GLY A 72 -2.99 -18.55 16.90
N TYR A 73 -3.18 -17.73 17.92
CA TYR A 73 -2.99 -18.17 19.29
C TYR A 73 -4.19 -18.96 19.79
N SER A 74 -3.92 -20.04 20.50
CA SER A 74 -4.95 -20.87 21.13
C SER A 74 -4.61 -21.02 22.59
N PHE A 75 -5.61 -20.77 23.44
CA PHE A 75 -5.42 -20.71 24.89
C PHE A 75 -6.43 -21.64 25.54
N THR A 76 -5.94 -22.65 26.26
CA THR A 76 -6.78 -23.66 26.89
C THR A 76 -6.57 -23.60 28.40
N VAL A 77 -7.67 -23.61 29.15
CA VAL A 77 -7.62 -23.62 30.60
C VAL A 77 -8.18 -24.94 31.11
N GLY A 78 -8.21 -25.94 30.24
CA GLY A 78 -8.77 -27.23 30.59
C GLY A 78 -9.21 -27.98 29.36
N GLY A 79 -10.46 -28.44 29.35
CA GLY A 79 -10.99 -29.13 28.20
C GLY A 79 -11.67 -28.20 27.21
N SER A 80 -11.41 -26.90 27.37
CA SER A 80 -12.00 -25.88 26.51
C SER A 80 -10.93 -24.87 26.14
N GLU A 81 -11.20 -24.06 25.10
CA GLU A 81 -10.21 -23.09 24.65
C GLU A 81 -10.90 -21.98 23.87
N ILE A 82 -10.19 -20.87 23.71
CA ILE A 82 -10.60 -19.77 22.85
C ILE A 82 -9.66 -19.75 21.66
N LEU A 83 -10.19 -19.39 20.50
CA LEU A 83 -9.41 -19.32 19.27
C LEU A 83 -9.20 -17.85 18.92
N PHE A 84 -8.13 -17.27 19.47
CA PHE A 84 -7.76 -15.89 19.17
C PHE A 84 -7.11 -15.81 17.80
N GLU A 85 -7.65 -14.91 16.99
CA GLU A 85 -7.21 -14.82 15.62
C GLU A 85 -6.19 -13.75 15.31
N VAL A 86 -5.25 -14.10 14.47
CA VAL A 86 -4.22 -13.17 14.00
C VAL A 86 -4.23 -13.21 12.48
N PRO A 87 -4.57 -12.12 11.78
CA PRO A 87 -4.67 -12.19 10.32
C PRO A 87 -3.33 -12.36 9.63
N GLU A 88 -2.38 -11.48 9.99
CA GLU A 88 -1.07 -11.49 9.36
C GLU A 88 0.02 -11.84 10.32
N VAL A 89 1.16 -12.27 9.80
CA VAL A 89 2.29 -12.68 10.61
C VAL A 89 3.53 -11.91 10.17
N THR A 90 4.32 -11.49 11.14
CA THR A 90 5.60 -10.81 10.90
C THR A 90 6.69 -11.56 11.66
N VAL A 91 7.92 -11.10 11.52
CA VAL A 91 9.08 -11.67 12.20
C VAL A 91 9.69 -10.63 13.11
N ALA A 92 9.48 -10.78 14.41
CA ALA A 92 10.02 -9.86 15.41
C ALA A 92 9.68 -10.41 16.79
N PRO A 93 10.38 -9.96 17.83
CA PRO A 93 10.06 -10.42 19.19
C PRO A 93 8.63 -10.06 19.56
N VAL A 94 8.01 -10.91 20.38
CA VAL A 94 6.60 -10.74 20.73
C VAL A 94 6.42 -10.92 22.23
N HIS A 95 5.64 -10.03 22.83
CA HIS A 95 5.17 -10.12 24.20
C HIS A 95 3.76 -10.68 24.22
N ILE A 96 3.42 -11.42 25.27
CA ILE A 96 2.04 -11.88 25.44
C ILE A 96 1.68 -12.07 26.91
N CYS A 97 0.60 -11.45 27.35
CA CYS A 97 0.09 -11.56 28.71
C CYS A 97 -1.35 -12.06 28.63
N THR A 98 -1.75 -12.87 29.60
CA THR A 98 -3.12 -13.37 29.66
C THR A 98 -3.54 -13.50 31.12
N SER A 99 -4.86 -13.49 31.34
CA SER A 99 -5.39 -13.59 32.69
C SER A 99 -6.73 -14.30 32.64
N TRP A 100 -7.10 -14.93 33.75
CA TRP A 100 -8.37 -15.62 33.84
C TRP A 100 -8.76 -15.73 35.30
N GLU A 101 -10.06 -15.85 35.54
CA GLU A 101 -10.59 -16.09 36.88
C GLU A 101 -11.76 -17.04 36.79
N SER A 102 -11.96 -17.83 37.86
CA SER A 102 -13.03 -18.80 37.89
C SER A 102 -14.39 -18.17 38.16
N ALA A 103 -14.43 -17.10 38.95
CA ALA A 103 -15.71 -16.52 39.35
C ALA A 103 -16.51 -16.07 38.14
N SER A 104 -15.87 -15.38 37.20
CA SER A 104 -16.55 -14.82 36.04
C SER A 104 -16.27 -15.57 34.75
N GLY A 105 -15.08 -16.17 34.61
CA GLY A 105 -14.73 -16.86 33.40
C GLY A 105 -14.25 -15.97 32.26
N ILE A 106 -13.94 -14.70 32.55
CA ILE A 106 -13.49 -13.80 31.51
C ILE A 106 -12.02 -14.07 31.19
N VAL A 107 -11.61 -13.66 29.98
CA VAL A 107 -10.23 -13.82 29.58
C VAL A 107 -9.81 -12.63 28.73
N GLU A 108 -8.54 -12.24 28.86
CA GLU A 108 -8.01 -11.11 28.12
C GLU A 108 -6.66 -11.50 27.56
N PHE A 109 -6.50 -11.37 26.25
CA PHE A 109 -5.25 -11.74 25.57
C PHE A 109 -4.58 -10.40 25.23
N TRP A 110 -3.74 -9.94 26.15
CA TRP A 110 -2.95 -8.74 25.92
C TRP A 110 -1.75 -9.09 25.03
N VAL A 111 -1.68 -8.49 23.85
CA VAL A 111 -0.63 -8.77 22.89
C VAL A 111 0.07 -7.47 22.54
N ASP A 112 1.41 -7.45 22.67
CA ASP A 112 2.18 -6.28 22.28
C ASP A 112 1.65 -5.01 22.93
N GLY A 113 1.18 -5.13 24.16
CA GLY A 113 0.69 -3.97 24.87
C GLY A 113 -0.70 -3.50 24.46
N LYS A 114 -1.45 -4.31 23.71
CA LYS A 114 -2.79 -3.94 23.28
C LYS A 114 -3.77 -5.07 23.61
N PRO A 115 -5.01 -4.74 23.89
CA PRO A 115 -6.02 -5.76 24.16
C PRO A 115 -6.75 -6.18 22.89
N ARG A 116 -7.45 -7.32 22.98
CA ARG A 116 -8.22 -7.82 21.85
C ARG A 116 -9.71 -7.81 22.14
N VAL A 117 -10.18 -8.61 23.10
CA VAL A 117 -11.60 -8.74 23.42
C VAL A 117 -11.71 -9.48 24.73
N ARG A 118 -12.81 -9.27 25.44
CA ARG A 118 -13.17 -10.11 26.57
C ARG A 118 -14.04 -11.27 26.11
N LYS A 119 -13.76 -12.47 26.61
CA LYS A 119 -14.50 -13.67 26.24
C LYS A 119 -14.64 -14.57 27.46
N SER A 120 -15.62 -15.47 27.39
CA SER A 120 -15.99 -16.31 28.52
C SER A 120 -15.57 -17.75 28.28
N LEU A 121 -15.19 -18.44 29.36
CA LEU A 121 -14.80 -19.83 29.27
C LEU A 121 -14.77 -20.47 30.66
N LYS A 122 -15.30 -21.69 30.79
CA LYS A 122 -15.11 -22.55 31.94
C LYS A 122 -15.24 -21.78 33.26
N LYS A 123 -16.46 -21.30 33.48
CA LYS A 123 -16.77 -20.58 34.72
C LYS A 123 -17.09 -21.61 35.81
N GLY A 124 -16.22 -21.70 36.80
CA GLY A 124 -16.41 -22.64 37.89
C GLY A 124 -15.25 -23.59 38.07
N TYR A 125 -14.54 -23.85 36.98
CA TYR A 125 -13.41 -24.77 37.02
C TYR A 125 -12.32 -24.29 37.95
N THR A 126 -11.83 -25.16 38.83
CA THR A 126 -10.76 -24.83 39.75
C THR A 126 -9.49 -25.55 39.32
N VAL A 127 -8.37 -24.83 39.34
CA VAL A 127 -7.10 -25.39 38.88
C VAL A 127 -6.43 -26.15 40.01
N GLY A 128 -5.56 -27.08 39.63
CA GLY A 128 -4.82 -27.89 40.59
C GLY A 128 -3.63 -27.15 41.17
N ALA A 129 -2.91 -27.84 42.05
CA ALA A 129 -1.77 -27.28 42.74
C ALA A 129 -0.45 -27.88 42.29
N GLU A 130 -0.31 -29.21 42.34
CA GLU A 130 0.89 -29.85 41.86
C GLU A 130 0.99 -29.70 40.35
N ALA A 131 2.19 -29.39 39.87
CA ALA A 131 2.38 -29.12 38.44
C ALA A 131 3.79 -29.51 38.03
N SER A 132 3.94 -29.73 36.70
CA SER A 132 5.26 -30.00 36.12
C SER A 132 5.23 -28.96 35.00
N ILE A 133 5.82 -27.80 35.23
CA ILE A 133 5.82 -26.69 34.29
C ILE A 133 7.00 -26.89 33.34
N ILE A 134 6.74 -27.49 32.19
CA ILE A 134 7.77 -27.72 31.18
C ILE A 134 7.80 -26.54 30.22
N LEU A 135 8.93 -26.37 29.55
CA LEU A 135 9.08 -25.33 28.54
C LEU A 135 10.02 -25.87 27.46
N GLY A 136 9.54 -25.86 26.22
CA GLY A 136 10.28 -26.37 25.08
C GLY A 136 9.46 -27.31 24.22
N GLN A 137 8.58 -28.09 24.85
CA GLN A 137 7.72 -29.02 24.13
C GLN A 137 6.45 -29.24 24.94
N GLU A 138 5.33 -29.36 24.12
CA GLU A 138 4.07 -29.67 24.75
C GLU A 138 4.09 -31.11 25.20
N GLN A 139 3.49 -31.36 26.41
CA GLN A 139 3.43 -32.71 26.89
C GLN A 139 1.99 -33.19 27.09
N ASP A 140 1.74 -34.43 26.74
CA ASP A 140 0.46 -35.12 26.85
C ASP A 140 0.40 -36.00 28.09
N SER A 141 1.36 -35.81 28.99
CA SER A 141 1.39 -36.55 30.24
C SER A 141 2.14 -35.70 31.26
N PHE A 142 2.38 -36.24 32.45
CA PHE A 142 3.09 -35.49 33.49
C PHE A 142 4.51 -35.58 32.97
N GLY A 143 4.93 -34.50 32.29
CA GLY A 143 6.31 -34.35 31.89
C GLY A 143 6.84 -35.52 31.11
N GLY A 144 6.23 -35.81 29.96
CA GLY A 144 6.66 -36.93 29.15
C GLY A 144 5.80 -37.03 27.90
N ASN A 145 6.11 -38.00 27.05
CA ASN A 145 5.31 -38.21 25.84
C ASN A 145 5.29 -37.07 24.84
N PHE A 146 6.45 -36.46 24.60
CA PHE A 146 6.55 -35.37 23.65
C PHE A 146 6.56 -35.76 22.18
N GLU A 147 5.99 -34.91 21.34
CA GLU A 147 5.99 -35.09 19.89
C GLU A 147 6.82 -33.99 19.26
N GLY A 148 7.77 -34.37 18.40
CA GLY A 148 8.70 -33.42 17.84
C GLY A 148 8.05 -32.33 17.00
N SER A 149 6.85 -32.58 16.47
CA SER A 149 6.19 -31.58 15.65
C SER A 149 5.95 -30.30 16.42
N GLN A 150 5.53 -30.41 17.68
CA GLN A 150 5.21 -29.24 18.49
C GLN A 150 6.45 -28.56 19.07
N SER A 151 7.62 -29.19 18.92
CA SER A 151 8.83 -28.61 19.48
C SER A 151 9.04 -27.19 19.01
N LEU A 152 9.62 -26.33 19.82
CA LEU A 152 9.90 -24.95 19.47
C LEU A 152 11.39 -24.74 19.25
N VAL A 153 11.74 -24.01 18.21
CA VAL A 153 13.13 -23.68 17.93
C VAL A 153 13.23 -22.18 17.87
N GLY A 154 14.12 -21.57 18.64
CA GLY A 154 14.20 -20.12 18.78
C GLY A 154 14.64 -19.69 20.16
N ASP A 155 13.99 -18.77 20.80
CA ASP A 155 14.36 -18.36 22.13
C ASP A 155 13.15 -17.80 22.87
N ILE A 156 13.23 -17.71 24.15
CA ILE A 156 12.11 -17.28 24.99
C ILE A 156 12.65 -16.82 26.33
N GLY A 157 11.90 -15.96 27.00
CA GLY A 157 12.29 -15.50 28.31
C GLY A 157 11.26 -14.58 28.93
N ASN A 158 11.66 -13.87 29.99
CA ASN A 158 10.76 -12.91 30.64
C ASN A 158 9.48 -13.56 31.17
N VAL A 159 9.56 -14.83 31.56
CA VAL A 159 8.35 -15.52 32.01
C VAL A 159 8.04 -15.08 33.43
N ASN A 160 6.76 -14.81 33.69
CA ASN A 160 6.31 -14.42 35.02
C ASN A 160 4.85 -14.78 35.17
N MET A 161 4.43 -15.03 36.42
CA MET A 161 3.08 -15.47 36.72
C MET A 161 2.61 -14.85 38.02
N TRP A 162 1.29 -14.67 38.13
CA TRP A 162 0.64 -14.18 39.32
C TRP A 162 -0.61 -15.00 39.58
N ASP A 163 -1.00 -15.08 40.85
CA ASP A 163 -2.23 -15.77 41.25
C ASP A 163 -3.40 -14.81 41.41
N PHE A 164 -3.30 -13.63 40.82
CA PHE A 164 -4.45 -12.74 40.83
C PHE A 164 -4.65 -12.20 39.45
N VAL A 165 -5.66 -11.37 39.28
CA VAL A 165 -6.01 -10.84 37.96
C VAL A 165 -5.59 -9.37 37.96
N LEU A 166 -4.58 -9.06 37.15
CA LEU A 166 -4.02 -7.72 37.16
C LEU A 166 -4.97 -6.71 36.53
N SER A 167 -4.93 -5.49 37.05
CA SER A 167 -5.72 -4.41 36.49
C SER A 167 -5.11 -3.96 35.16
N PRO A 168 -5.86 -3.23 34.33
CA PRO A 168 -5.38 -2.94 32.98
C PRO A 168 -4.20 -1.98 32.93
N ASP A 169 -3.74 -1.48 34.08
CA ASP A 169 -2.60 -0.57 34.12
C ASP A 169 -1.26 -1.27 34.42
N GLU A 170 -1.22 -2.18 35.38
CA GLU A 170 0.03 -2.89 35.65
C GLU A 170 0.54 -3.62 34.42
N ILE A 171 -0.37 -4.03 33.53
CA ILE A 171 0.08 -4.65 32.28
C ILE A 171 0.92 -3.66 31.47
N ASN A 172 0.48 -2.40 31.43
CA ASN A 172 1.27 -1.38 30.73
C ASN A 172 2.65 -1.24 31.34
N THR A 173 2.73 -1.22 32.68
CA THR A 173 4.03 -1.10 33.33
C THR A 173 4.91 -2.30 33.03
N ILE A 174 4.33 -3.51 33.04
CA ILE A 174 5.08 -4.68 32.61
C ILE A 174 5.62 -4.49 31.21
N TYR A 175 4.79 -4.02 30.30
CA TYR A 175 5.21 -3.81 28.92
C TYR A 175 6.37 -2.82 28.86
N LEU A 176 6.36 -1.81 29.72
CA LEU A 176 7.43 -0.83 29.74
C LEU A 176 8.65 -1.29 30.51
N GLY A 177 8.57 -2.40 31.24
CA GLY A 177 9.74 -2.96 31.90
C GLY A 177 10.02 -2.38 33.27
N GLY A 178 9.06 -2.50 34.19
CA GLY A 178 9.20 -1.96 35.52
C GLY A 178 9.36 -3.03 36.58
N PRO A 179 9.60 -2.62 37.83
CA PRO A 179 9.81 -3.60 38.91
C PRO A 179 8.55 -3.97 39.68
N PHE A 180 8.30 -5.28 39.73
CA PHE A 180 7.08 -5.84 40.29
C PHE A 180 7.42 -7.18 40.93
N SER A 181 6.46 -7.73 41.68
CA SER A 181 6.67 -8.91 42.51
C SER A 181 5.74 -10.05 42.12
N PRO A 182 6.16 -10.95 41.23
CA PRO A 182 5.39 -12.17 41.01
C PRO A 182 5.28 -12.99 42.29
N ASN A 183 4.19 -13.75 42.40
CA ASN A 183 3.93 -14.57 43.57
C ASN A 183 3.96 -16.06 43.30
N VAL A 184 4.05 -16.49 42.04
CA VAL A 184 4.10 -17.90 41.70
C VAL A 184 5.43 -18.22 41.02
N LEU A 185 5.66 -17.61 39.86
CA LEU A 185 6.90 -17.75 39.12
C LEU A 185 7.50 -16.36 38.94
N ASN A 186 8.72 -16.16 39.44
CA ASN A 186 9.38 -14.87 39.42
C ASN A 186 10.66 -14.99 38.63
N TRP A 187 10.74 -14.26 37.51
CA TRP A 187 11.95 -14.26 36.70
C TRP A 187 13.14 -13.73 37.49
N ARG A 188 12.89 -12.80 38.42
CA ARG A 188 14.00 -12.24 39.20
C ARG A 188 14.63 -13.29 40.09
N ALA A 189 13.85 -14.23 40.62
CA ALA A 189 14.34 -15.31 41.46
C ALA A 189 13.61 -16.58 41.05
N LEU A 190 14.32 -17.49 40.39
CA LEU A 190 13.69 -18.62 39.74
C LEU A 190 14.49 -19.89 40.00
N LYS A 191 13.78 -21.02 40.00
CA LYS A 191 14.37 -22.34 40.13
C LYS A 191 14.01 -23.16 38.90
N TYR A 192 14.98 -23.89 38.36
CA TYR A 192 14.78 -24.60 37.10
C TYR A 192 15.79 -25.73 36.99
N GLU A 193 15.51 -26.62 36.05
CA GLU A 193 16.42 -27.71 35.71
C GLU A 193 16.24 -28.04 34.23
N VAL A 194 17.36 -28.18 33.51
CA VAL A 194 17.34 -28.27 32.05
C VAL A 194 17.98 -29.57 31.61
N GLN A 195 17.44 -30.13 30.52
CA GLN A 195 17.98 -31.31 29.87
C GLN A 195 18.08 -31.08 28.37
N GLY A 196 19.10 -31.68 27.77
CA GLY A 196 19.26 -31.63 26.33
C GLY A 196 20.01 -30.39 25.87
N GLU A 197 19.81 -30.07 24.59
CA GLU A 197 20.49 -28.95 23.94
C GLU A 197 19.67 -27.68 24.14
N VAL A 198 20.00 -26.95 25.21
CA VAL A 198 19.43 -25.64 25.46
C VAL A 198 20.55 -24.76 26.02
N PHE A 199 20.50 -23.47 25.71
CA PHE A 199 21.54 -22.56 26.15
C PHE A 199 20.94 -21.31 26.76
N THR A 200 21.76 -20.61 27.54
CA THR A 200 21.39 -19.33 28.14
C THR A 200 22.25 -18.24 27.52
N LYS A 201 21.61 -17.21 26.98
CA LYS A 201 22.34 -16.14 26.34
C LYS A 201 21.65 -14.80 26.61
N PRO A 202 22.40 -13.69 26.51
CA PRO A 202 21.75 -12.39 26.68
C PRO A 202 20.61 -12.22 25.68
N GLN A 203 19.50 -11.65 26.17
CA GLN A 203 18.31 -11.54 25.34
C GLN A 203 18.64 -10.63 24.17
N LEU A 204 18.59 -11.17 22.95
CA LEU A 204 18.85 -10.37 21.77
C LEU A 204 17.71 -9.38 21.58
N TRP A 205 16.50 -9.77 21.83
CA TRP A 205 15.38 -8.86 21.71
C TRP A 205 15.59 -7.73 22.72
N PRO A 206 15.00 -6.59 22.50
CA PRO A 206 15.24 -5.37 23.30
C PRO A 206 14.75 -5.48 24.73
N VAL B 4 -16.20 -38.93 18.21
CA VAL B 4 -16.39 -40.36 18.40
C VAL B 4 -17.20 -40.95 17.26
N GLN B 5 -17.82 -40.08 16.47
CA GLN B 5 -18.61 -40.50 15.33
C GLN B 5 -18.56 -39.41 14.26
N LEU B 6 -18.83 -39.81 13.02
CA LEU B 6 -18.76 -38.87 11.90
C LEU B 6 -19.43 -39.42 10.65
N VAL B 7 -20.16 -38.56 9.94
CA VAL B 7 -20.85 -38.96 8.72
C VAL B 7 -20.80 -37.82 7.71
N GLU B 8 -20.62 -38.16 6.43
CA GLU B 8 -20.52 -37.13 5.41
C GLU B 8 -21.46 -37.35 4.23
N SER B 9 -21.80 -36.28 3.54
CA SER B 9 -22.68 -36.35 2.38
C SER B 9 -22.22 -35.31 1.36
N GLY B 10 -21.94 -35.76 0.15
CA GLY B 10 -21.48 -34.86 -0.89
C GLY B 10 -21.09 -35.67 -2.12
N GLY B 11 -20.87 -34.96 -3.21
CA GLY B 11 -20.54 -35.59 -4.48
C GLY B 11 -19.46 -34.84 -5.22
N GLY B 12 -18.63 -35.59 -5.93
CA GLY B 12 -17.59 -35.03 -6.79
C GLY B 12 -18.03 -35.00 -8.24
N LEU B 13 -17.22 -35.11 -9.17
CA LEU B 13 -17.60 -35.10 -10.58
C LEU B 13 -18.40 -33.85 -10.90
N VAL B 14 -17.88 -32.70 -10.49
CA VAL B 14 -18.59 -31.45 -10.75
C VAL B 14 -17.95 -30.71 -11.92
N GLN B 15 -18.75 -29.97 -12.66
CA GLN B 15 -18.24 -29.27 -13.84
C GLN B 15 -17.49 -28.01 -13.46
N ALA B 16 -16.76 -27.42 -14.40
CA ALA B 16 -15.94 -26.27 -14.08
C ALA B 16 -16.81 -25.04 -13.83
N GLY B 17 -16.77 -24.53 -12.60
CA GLY B 17 -17.40 -23.28 -12.25
C GLY B 17 -18.73 -23.38 -11.52
N GLU B 18 -19.36 -24.54 -11.58
CA GLU B 18 -20.64 -24.74 -10.94
C GLU B 18 -20.52 -24.84 -9.43
N SER B 19 -21.66 -24.97 -8.75
CA SER B 19 -21.64 -25.03 -7.31
C SER B 19 -21.64 -26.45 -6.77
N LEU B 20 -21.60 -26.56 -5.45
CA LEU B 20 -21.66 -27.87 -4.81
C LEU B 20 -22.01 -27.66 -3.35
N ARG B 21 -22.76 -28.61 -2.78
CA ARG B 21 -23.25 -28.54 -1.41
C ARG B 21 -22.75 -29.76 -0.64
N LEU B 22 -21.88 -29.70 0.22
CA LEU B 22 -21.46 -30.85 0.99
C LEU B 22 -21.99 -30.67 2.40
N SER B 23 -21.95 -31.64 3.21
CA SER B 23 -22.57 -31.70 4.52
C SER B 23 -21.87 -32.76 5.37
N CYS B 24 -21.91 -32.54 6.68
CA CYS B 24 -21.36 -33.49 7.63
C CYS B 24 -22.21 -33.50 8.88
N THR B 25 -22.22 -34.64 9.57
CA THR B 25 -22.99 -34.84 10.78
C THR B 25 -22.18 -35.66 11.77
N ALA B 26 -22.62 -35.65 13.02
CA ALA B 26 -21.94 -36.36 14.09
C ALA B 26 -22.96 -36.58 15.22
N SER B 27 -22.50 -37.25 16.28
CA SER B 27 -23.34 -37.55 17.43
C SER B 27 -23.07 -36.63 18.62
N ILE B 28 -22.62 -35.40 18.36
CA ILE B 28 -22.26 -34.50 19.47
C ILE B 28 -22.66 -33.05 19.25
N ASN B 29 -23.03 -32.35 20.33
CA ASN B 29 -23.37 -30.94 20.23
C ASN B 29 -22.22 -30.15 19.64
N ILE B 30 -22.52 -28.99 19.08
CA ILE B 30 -21.46 -28.17 18.50
C ILE B 30 -21.06 -27.08 19.48
N ALA B 31 -21.85 -26.90 20.54
CA ALA B 31 -21.48 -25.90 21.54
C ALA B 31 -20.08 -26.18 22.07
N GLY B 32 -19.22 -25.18 22.00
CA GLY B 32 -17.84 -25.36 22.43
C GLY B 32 -17.03 -26.29 21.56
N LEU B 33 -17.39 -26.42 20.27
CA LEU B 33 -16.63 -27.23 19.33
C LEU B 33 -16.54 -26.48 18.02
N ALA B 34 -15.35 -25.97 17.69
CA ALA B 34 -15.12 -25.33 16.41
C ALA B 34 -14.94 -26.39 15.33
N MET B 35 -15.78 -26.33 14.30
CA MET B 35 -15.80 -27.34 13.25
C MET B 35 -15.37 -26.71 11.92
N GLY B 36 -14.65 -27.48 11.11
CA GLY B 36 -14.11 -26.93 9.89
C GLY B 36 -13.76 -27.97 8.86
N TRP B 37 -13.23 -27.47 7.74
CA TRP B 37 -12.90 -28.26 6.56
C TRP B 37 -11.47 -27.99 6.14
N TYR B 38 -10.78 -29.07 5.80
CA TYR B 38 -9.39 -29.07 5.34
C TYR B 38 -9.36 -29.62 3.92
N ARG B 39 -8.38 -29.19 3.13
CA ARG B 39 -8.22 -29.66 1.77
C ARG B 39 -6.94 -30.47 1.64
N GLN B 40 -7.02 -31.58 0.92
CA GLN B 40 -5.89 -32.47 0.66
C GLN B 40 -5.87 -32.76 -0.84
N ALA B 41 -5.13 -31.96 -1.59
CA ALA B 41 -4.99 -32.17 -3.02
C ALA B 41 -3.92 -33.22 -3.28
N PRO B 42 -3.69 -33.61 -4.53
CA PRO B 42 -2.62 -34.56 -4.81
C PRO B 42 -1.28 -34.02 -4.33
N GLY B 43 -0.46 -34.91 -3.78
CA GLY B 43 0.78 -34.46 -3.17
C GLY B 43 0.52 -33.47 -2.07
N LYS B 44 1.31 -32.40 -2.05
CA LYS B 44 1.18 -31.34 -1.07
C LYS B 44 0.99 -31.88 0.34
N GLN B 45 -0.09 -31.48 1.00
CA GLN B 45 -0.37 -31.91 2.37
C GLN B 45 -1.77 -31.48 2.73
N ARG B 46 -2.35 -32.17 3.71
CA ARG B 46 -3.68 -31.81 4.19
C ARG B 46 -3.64 -30.40 4.78
N GLU B 47 -4.34 -29.48 4.14
CA GLU B 47 -4.35 -28.09 4.59
C GLU B 47 -5.75 -27.70 4.99
N LEU B 48 -5.93 -26.57 5.68
CA LEU B 48 -7.26 -26.09 6.14
C LEU B 48 -8.05 -25.14 5.21
N ALA B 49 -9.17 -25.61 4.66
CA ALA B 49 -9.99 -24.79 3.78
C ALA B 49 -10.62 -23.63 4.55
N ALA B 50 -11.43 -23.95 5.57
CA ALA B 50 -12.02 -22.90 6.39
C ALA B 50 -12.85 -23.55 7.49
N LEU B 51 -12.99 -22.84 8.60
CA LEU B 51 -13.78 -23.36 9.69
C LEU B 51 -14.60 -22.28 10.35
N SER B 52 -15.50 -22.68 11.23
CA SER B 52 -16.36 -21.74 11.95
C SER B 52 -15.91 -21.68 13.40
N THR B 53 -15.61 -20.47 13.87
CA THR B 53 -15.18 -20.31 15.25
C THR B 53 -16.29 -20.70 16.21
N ASN B 54 -15.94 -20.83 17.49
CA ASN B 54 -16.92 -21.21 18.49
C ASN B 54 -17.99 -20.14 18.69
N SER B 55 -17.61 -18.86 18.62
CA SER B 55 -18.51 -17.76 18.95
C SER B 55 -18.44 -16.68 17.87
N GLY B 56 -19.39 -16.71 16.95
CA GLY B 56 -19.63 -15.60 16.04
C GLY B 56 -18.45 -15.18 15.18
N THR B 57 -17.76 -16.13 14.55
CA THR B 57 -16.70 -15.80 13.63
C THR B 57 -16.44 -17.00 12.72
N THR B 58 -15.89 -16.73 11.53
CA THR B 58 -15.57 -17.80 10.59
C THR B 58 -14.21 -17.55 9.95
N ILE B 59 -13.27 -18.44 10.25
CA ILE B 59 -11.94 -18.33 9.67
C ILE B 59 -11.99 -18.88 8.26
N TYR B 60 -11.26 -18.23 7.36
CA TYR B 60 -11.23 -18.66 5.98
C TYR B 60 -9.80 -18.88 5.52
N GLY B 61 -9.58 -19.97 4.77
CA GLY B 61 -8.29 -20.22 4.17
C GLY B 61 -7.86 -19.10 3.26
N ASN B 62 -6.62 -18.65 3.40
CA ASN B 62 -6.15 -17.54 2.59
C ASN B 62 -6.16 -17.86 1.10
N SER B 63 -5.81 -19.10 0.76
CA SER B 63 -5.71 -19.48 -0.66
C SER B 63 -7.01 -19.18 -1.39
N VAL B 64 -8.14 -19.59 -0.82
CA VAL B 64 -9.44 -19.37 -1.45
C VAL B 64 -10.23 -18.33 -0.66
N LYS B 65 -10.13 -17.09 -1.09
CA LYS B 65 -10.89 -16.04 -0.43
C LYS B 65 -12.25 -15.95 -1.07
N GLY B 66 -13.26 -15.70 -0.25
CA GLY B 66 -14.63 -15.63 -0.75
C GLY B 66 -14.98 -16.85 -1.57
N ARG B 67 -14.39 -17.99 -1.24
CA ARG B 67 -14.59 -19.21 -2.01
C ARG B 67 -15.88 -19.92 -1.63
N PHE B 68 -16.07 -20.16 -0.34
CA PHE B 68 -17.21 -20.95 0.13
C PHE B 68 -17.73 -20.30 1.42
N THR B 69 -18.76 -20.92 1.99
CA THR B 69 -19.40 -20.43 3.20
C THR B 69 -19.39 -21.53 4.25
N ILE B 70 -19.16 -21.19 5.51
CA ILE B 70 -19.08 -22.21 6.56
C ILE B 70 -20.46 -22.74 6.93
N SER B 71 -21.48 -21.90 6.84
CA SER B 71 -22.84 -22.35 7.14
C SER B 71 -22.99 -23.17 8.41
N ARG B 72 -22.57 -22.60 9.54
CA ARG B 72 -22.56 -23.32 10.81
C ARG B 72 -23.95 -23.83 11.16
N ASP B 73 -24.04 -25.14 11.41
CA ASP B 73 -25.27 -25.73 11.91
C ASP B 73 -25.36 -25.56 13.42
N ASN B 74 -26.59 -25.41 13.91
CA ASN B 74 -26.83 -25.35 15.35
C ASN B 74 -27.97 -26.32 15.70
N ALA B 75 -27.94 -26.93 16.87
CA ALA B 75 -28.95 -27.89 17.33
C ALA B 75 -28.82 -29.19 16.56
N LYS B 76 -27.95 -29.22 15.56
CA LYS B 76 -27.70 -30.40 14.75
C LYS B 76 -26.27 -30.33 14.25
N LYS B 77 -25.89 -31.34 13.46
CA LYS B 77 -24.54 -31.44 12.91
C LYS B 77 -24.74 -31.50 11.39
N THR B 78 -24.66 -30.35 10.73
CA THR B 78 -24.78 -30.29 9.26
C THR B 78 -23.97 -29.11 8.67
N VAL B 79 -22.66 -29.30 8.49
CA VAL B 79 -21.82 -28.23 7.94
C VAL B 79 -22.01 -28.09 6.45
N TYR B 80 -21.90 -26.86 5.95
CA TYR B 80 -22.11 -26.60 4.54
C TYR B 80 -20.99 -25.71 4.01
N LEU B 81 -20.74 -25.79 2.71
CA LEU B 81 -19.71 -25.01 2.07
C LEU B 81 -20.24 -24.06 1.00
N GLN B 82 -21.27 -24.46 0.26
CA GLN B 82 -21.83 -23.64 -0.82
C GLN B 82 -20.74 -23.32 -1.85
N VAL B 83 -20.21 -24.38 -2.44
CA VAL B 83 -19.18 -24.21 -3.44
C VAL B 83 -19.69 -23.38 -4.59
N ASP B 84 -18.81 -22.64 -5.23
CA ASP B 84 -19.15 -21.86 -6.41
C ASP B 84 -17.85 -21.53 -7.14
N SER B 85 -17.99 -21.22 -8.44
CA SER B 85 -16.83 -20.94 -9.28
C SER B 85 -15.82 -22.07 -9.19
N LEU B 86 -16.34 -23.31 -9.22
CA LEU B 86 -15.49 -24.50 -9.13
C LEU B 86 -14.49 -24.45 -10.26
N LYS B 87 -13.22 -24.41 -9.93
CA LYS B 87 -12.16 -24.46 -10.92
C LYS B 87 -11.44 -25.80 -10.87
N PRO B 88 -10.55 -26.04 -11.83
CA PRO B 88 -9.86 -27.35 -11.85
C PRO B 88 -9.02 -27.61 -10.61
N GLU B 89 -8.45 -26.58 -9.98
CA GLU B 89 -7.56 -26.82 -8.85
C GLU B 89 -8.29 -27.35 -7.62
N ASP B 90 -9.61 -27.32 -7.64
CA ASP B 90 -10.38 -27.74 -6.47
C ASP B 90 -10.39 -29.26 -6.28
N THR B 91 -9.93 -30.00 -7.28
CA THR B 91 -9.96 -31.45 -7.20
C THR B 91 -9.10 -31.95 -6.04
N GLY B 92 -9.60 -32.98 -5.34
CA GLY B 92 -8.90 -33.53 -4.21
C GLY B 92 -9.83 -33.99 -3.10
N ILE B 93 -9.26 -34.44 -1.99
CA ILE B 93 -10.06 -34.81 -0.83
C ILE B 93 -10.41 -33.57 -0.03
N TYR B 94 -11.60 -33.56 0.56
CA TYR B 94 -12.06 -32.48 1.43
C TYR B 94 -12.38 -33.14 2.76
N TYR B 95 -11.45 -33.03 3.71
CA TYR B 95 -11.65 -33.53 5.06
C TYR B 95 -12.49 -32.54 5.85
N CYS B 96 -13.21 -33.05 6.84
CA CYS B 96 -13.98 -32.19 7.73
C CYS B 96 -13.91 -32.77 9.14
N ASN B 97 -13.74 -31.90 10.13
CA ASN B 97 -13.58 -32.41 11.49
C ASN B 97 -13.86 -31.31 12.51
N VAL B 98 -14.06 -31.74 13.75
CA VAL B 98 -14.22 -30.87 14.91
C VAL B 98 -13.13 -31.21 15.90
N ARG B 99 -12.32 -30.22 16.27
CA ARG B 99 -11.26 -30.42 17.24
C ARG B 99 -11.53 -29.55 18.47
N PHE B 100 -11.52 -30.17 19.64
CA PHE B 100 -11.61 -29.47 20.91
C PHE B 100 -10.27 -29.63 21.63
N ASN B 101 -9.55 -28.54 21.82
CA ASN B 101 -8.23 -28.61 22.44
C ASN B 101 -7.21 -29.24 21.49
N PRO B 102 -5.94 -28.87 21.64
CA PRO B 102 -4.91 -29.33 20.69
C PRO B 102 -4.69 -30.80 21.03
N ASP B 103 -4.21 -31.59 20.07
CA ASP B 103 -3.92 -33.01 20.32
C ASP B 103 -5.18 -33.87 20.46
N ARG B 104 -6.34 -33.30 20.17
CA ARG B 104 -7.59 -34.05 20.22
C ARG B 104 -8.54 -33.45 19.18
N ILE B 105 -8.62 -34.07 18.01
CA ILE B 105 -9.45 -33.52 16.93
C ILE B 105 -10.39 -34.55 16.30
N TYR B 106 -10.17 -35.82 16.61
CA TYR B 106 -11.04 -36.88 16.09
C TYR B 106 -11.25 -36.72 14.59
N TRP B 107 -10.14 -36.87 13.84
CA TRP B 107 -10.12 -36.64 12.41
C TRP B 107 -11.26 -37.30 11.63
N GLY B 108 -11.87 -36.52 10.74
CA GLY B 108 -12.89 -37.03 9.86
C GLY B 108 -12.40 -37.91 8.72
N GLN B 109 -13.34 -38.40 7.91
CA GLN B 109 -12.99 -39.30 6.80
C GLN B 109 -12.82 -38.55 5.49
N GLY B 110 -13.58 -37.47 5.29
CA GLY B 110 -13.41 -36.66 4.11
C GLY B 110 -14.07 -37.26 2.88
N THR B 111 -14.26 -36.41 1.86
CA THR B 111 -14.92 -36.82 0.64
C THR B 111 -14.17 -36.26 -0.55
N GLN B 112 -13.99 -37.08 -1.57
CA GLN B 112 -13.25 -36.65 -2.74
C GLN B 112 -14.13 -35.89 -3.71
N VAL B 113 -13.52 -34.93 -4.40
CA VAL B 113 -14.25 -34.17 -5.41
C VAL B 113 -13.36 -33.92 -6.63
N THR B 114 -13.92 -34.23 -7.79
CA THR B 114 -13.17 -34.04 -9.03
C THR B 114 -13.64 -32.80 -9.76
N VAL B 115 -12.86 -32.38 -10.74
CA VAL B 115 -13.20 -31.22 -11.55
C VAL B 115 -13.18 -31.64 -13.02
N SER B 116 -14.35 -31.74 -13.63
CA SER B 116 -14.42 -32.03 -15.06
C SER B 116 -14.04 -30.79 -15.86
N SER B 117 -13.13 -30.97 -16.81
CA SER B 117 -12.67 -29.86 -17.64
C SER B 117 -13.61 -29.61 -18.81
N GLN C 1 49.48 0.61 9.78
CA GLN C 1 49.42 1.70 10.79
C GLN C 1 48.94 3.00 10.14
N THR C 2 47.71 2.97 9.63
CA THR C 2 47.12 4.14 9.00
C THR C 2 45.64 4.20 9.38
N ASP C 3 45.11 5.41 9.43
CA ASP C 3 43.71 5.63 9.74
C ASP C 3 42.90 5.77 8.46
N MET C 4 41.63 5.36 8.54
CA MET C 4 40.70 5.48 7.41
C MET C 4 39.35 6.00 7.85
N SER C 5 39.31 6.73 8.97
CA SER C 5 38.06 7.29 9.45
C SER C 5 37.41 8.16 8.38
N ARG C 6 36.13 7.94 8.13
CA ARG C 6 35.35 8.69 7.15
C ARG C 6 35.83 8.44 5.72
N LYS C 7 36.62 7.40 5.50
CA LYS C 7 37.08 7.03 4.17
C LYS C 7 36.49 5.67 3.80
N ALA C 8 36.46 5.38 2.50
CA ALA C 8 35.92 4.13 2.02
C ALA C 8 36.56 3.76 0.70
N PHE C 9 36.60 2.46 0.42
CA PHE C 9 37.16 1.96 -0.82
C PHE C 9 36.08 1.87 -1.88
N VAL C 10 36.44 2.26 -3.11
CA VAL C 10 35.52 2.34 -4.24
C VAL C 10 36.07 1.48 -5.36
N PHE C 11 35.23 0.55 -5.85
CA PHE C 11 35.52 -0.24 -7.03
C PHE C 11 34.65 0.30 -8.17
N PRO C 12 35.23 0.97 -9.18
CA PRO C 12 34.39 1.63 -10.18
C PRO C 12 33.61 0.68 -11.08
N LYS C 13 34.29 -0.30 -11.66
CA LYS C 13 33.72 -1.20 -12.64
C LYS C 13 33.95 -2.64 -12.18
N GLU C 14 33.38 -3.58 -12.92
CA GLU C 14 33.61 -4.99 -12.66
C GLU C 14 34.92 -5.41 -13.30
N SER C 15 35.74 -6.14 -12.54
CA SER C 15 37.02 -6.62 -13.05
C SER C 15 37.62 -7.63 -12.09
N ASP C 16 38.28 -8.67 -12.59
CA ASP C 16 38.80 -9.69 -11.70
C ASP C 16 40.26 -9.41 -11.34
N THR C 17 40.73 -8.20 -11.57
CA THR C 17 42.14 -7.84 -11.31
C THR C 17 42.33 -6.87 -10.15
N SER C 18 41.33 -6.02 -9.89
CA SER C 18 41.45 -5.04 -8.85
C SER C 18 40.97 -5.61 -7.52
N TYR C 19 41.74 -5.38 -6.47
CA TYR C 19 41.40 -5.89 -5.15
C TYR C 19 42.34 -5.30 -4.12
N VAL C 20 41.89 -5.29 -2.87
CA VAL C 20 42.75 -4.89 -1.75
C VAL C 20 42.98 -6.11 -0.88
N SER C 21 44.09 -6.09 -0.13
CA SER C 21 44.47 -7.19 0.74
C SER C 21 44.86 -6.62 2.09
N LEU C 22 44.30 -7.19 3.15
CA LEU C 22 44.51 -6.72 4.52
C LEU C 22 45.30 -7.76 5.30
N LYS C 23 46.17 -7.30 6.19
CA LYS C 23 47.01 -8.16 7.00
C LYS C 23 46.68 -7.97 8.48
N ALA C 24 46.80 -9.05 9.24
CA ALA C 24 46.49 -9.05 10.66
C ALA C 24 47.63 -9.68 11.44
N PRO C 25 47.80 -9.31 12.71
CA PRO C 25 48.87 -9.89 13.53
C PRO C 25 48.49 -11.16 14.28
N LEU C 26 47.40 -11.82 13.92
CA LEU C 26 46.94 -12.99 14.67
C LEU C 26 47.99 -14.09 14.66
N THR C 27 48.06 -14.83 15.76
CA THR C 27 49.03 -15.91 15.89
C THR C 27 48.41 -17.21 16.38
N LYS C 28 47.29 -17.12 17.11
CA LYS C 28 46.68 -18.29 17.73
C LYS C 28 45.48 -18.76 16.92
N PRO C 29 45.11 -20.04 17.03
CA PRO C 29 43.94 -20.54 16.31
C PRO C 29 42.66 -19.87 16.80
N LEU C 30 41.98 -19.21 15.87
CA LEU C 30 40.73 -18.54 16.21
C LEU C 30 39.71 -19.57 16.61
N LYS C 31 38.97 -19.29 17.68
CA LYS C 31 37.90 -20.18 18.10
C LYS C 31 36.53 -19.52 18.17
N ALA C 32 36.47 -18.22 18.44
CA ALA C 32 35.22 -17.47 18.39
C ALA C 32 35.53 -16.06 17.89
N PHE C 33 34.71 -15.57 16.97
CA PHE C 33 35.02 -14.32 16.30
C PHE C 33 33.74 -13.54 16.01
N THR C 34 33.94 -12.30 15.55
CA THR C 34 32.86 -11.39 15.21
C THR C 34 33.38 -10.39 14.20
N VAL C 35 32.51 -9.98 13.29
CA VAL C 35 32.90 -9.03 12.28
C VAL C 35 31.80 -8.01 12.06
N CYS C 36 32.15 -6.87 11.49
CA CYS C 36 31.21 -5.80 11.22
C CYS C 36 31.72 -4.99 10.03
N LEU C 37 30.78 -4.54 9.20
CA LEU C 37 31.14 -3.75 8.03
C LEU C 37 29.98 -3.00 7.42
N HIS C 38 30.30 -2.02 6.58
CA HIS C 38 29.27 -1.30 5.86
C HIS C 38 29.60 -1.36 4.40
N PHE C 39 28.59 -1.47 3.54
CA PHE C 39 28.82 -1.55 2.12
C PHE C 39 27.63 -0.96 1.37
N TYR C 40 27.88 -0.65 0.09
CA TYR C 40 26.86 -0.02 -0.72
C TYR C 40 27.06 -0.34 -2.20
N THR C 41 26.11 -1.03 -2.81
CA THR C 41 26.15 -1.41 -4.22
C THR C 41 24.72 -1.65 -4.68
N GLU C 42 24.58 -2.09 -5.94
CA GLU C 42 23.26 -2.29 -6.53
C GLU C 42 23.21 -3.53 -7.42
N LEU C 43 24.16 -4.47 -7.22
CA LEU C 43 24.23 -5.69 -8.03
C LEU C 43 23.20 -6.74 -7.68
N SER C 44 22.36 -6.49 -6.69
CA SER C 44 21.45 -7.53 -6.22
C SER C 44 20.58 -8.06 -7.34
N SER C 45 20.00 -7.17 -8.15
CA SER C 45 19.06 -7.59 -9.18
C SER C 45 19.74 -8.08 -10.44
N THR C 46 21.06 -8.24 -10.44
CA THR C 46 21.79 -8.63 -11.65
C THR C 46 22.54 -9.94 -11.50
N ARG C 47 23.19 -10.19 -10.38
CA ARG C 47 23.99 -11.39 -10.18
C ARG C 47 24.35 -11.47 -8.70
N GLY C 48 25.20 -12.45 -8.37
CA GLY C 48 25.71 -12.59 -7.02
C GLY C 48 27.08 -11.96 -6.88
N TYR C 49 27.35 -11.39 -5.70
CA TYR C 49 28.59 -10.71 -5.42
C TYR C 49 29.14 -11.16 -4.07
N SER C 50 30.46 -11.16 -3.96
CA SER C 50 31.13 -11.57 -2.73
C SER C 50 31.36 -10.35 -1.84
N ILE C 51 30.92 -10.43 -0.60
CA ILE C 51 31.07 -9.32 0.33
C ILE C 51 32.35 -9.44 1.14
N PHE C 52 32.62 -10.61 1.70
CA PHE C 52 33.81 -10.81 2.52
C PHE C 52 34.38 -12.20 2.26
N SER C 53 35.69 -12.28 2.07
CA SER C 53 36.35 -13.54 1.73
C SER C 53 37.60 -13.70 2.58
N TYR C 54 37.70 -14.82 3.29
CA TYR C 54 38.89 -15.13 4.06
C TYR C 54 39.75 -16.06 3.20
N ALA C 55 40.77 -16.67 3.79
CA ALA C 55 41.63 -17.58 3.04
C ALA C 55 42.51 -18.35 4.01
N THR C 56 42.77 -19.61 3.66
CA THR C 56 43.67 -20.46 4.43
C THR C 56 44.32 -21.46 3.49
N LYS C 57 45.43 -22.05 3.96
CA LYS C 57 46.18 -22.99 3.13
C LYS C 57 45.31 -24.19 2.76
N ARG C 58 44.62 -24.77 3.72
CA ARG C 58 43.91 -26.03 3.47
C ARG C 58 42.56 -25.82 2.81
N GLN C 59 41.84 -24.78 3.18
CA GLN C 59 40.49 -24.53 2.66
C GLN C 59 40.43 -23.17 2.01
N ASP C 60 39.81 -23.11 0.83
CA ASP C 60 39.70 -21.85 0.11
C ASP C 60 38.86 -20.84 0.85
N ASN C 61 37.75 -21.27 1.47
CA ASN C 61 36.80 -20.38 2.13
C ASN C 61 36.68 -20.79 3.59
N GLU C 62 37.45 -20.14 4.45
CA GLU C 62 37.37 -20.41 5.87
C GLU C 62 36.18 -19.66 6.38
N ILE C 63 36.10 -18.38 6.06
CA ILE C 63 34.94 -17.56 6.43
C ILE C 63 34.57 -16.78 5.20
N LEU C 64 33.28 -16.72 4.87
CA LEU C 64 32.86 -16.10 3.62
C LEU C 64 31.43 -15.58 3.74
N ILE C 65 31.24 -14.31 3.38
CA ILE C 65 29.93 -13.68 3.34
C ILE C 65 29.65 -13.30 1.89
N PHE C 66 28.54 -13.82 1.35
CA PHE C 66 28.21 -13.72 -0.06
C PHE C 66 26.74 -13.39 -0.21
N TRP C 67 26.36 -12.92 -1.40
CA TRP C 67 24.97 -12.60 -1.72
C TRP C 67 24.53 -13.47 -2.89
N SER C 68 23.47 -14.25 -2.68
CA SER C 68 22.96 -15.17 -3.70
C SER C 68 21.69 -14.61 -4.33
N LYS C 69 21.62 -14.71 -5.65
CA LYS C 69 20.56 -14.08 -6.43
C LYS C 69 19.18 -14.53 -5.97
N ASP C 70 18.32 -13.57 -5.62
CA ASP C 70 16.96 -13.89 -5.18
C ASP C 70 16.93 -14.71 -3.90
N ILE C 71 18.09 -14.93 -3.28
CA ILE C 71 18.17 -15.75 -2.08
C ILE C 71 18.50 -14.88 -0.87
N GLY C 72 19.58 -14.11 -0.95
CA GLY C 72 19.96 -13.25 0.15
C GLY C 72 21.37 -13.49 0.65
N TYR C 73 21.60 -13.25 1.94
CA TYR C 73 22.93 -13.39 2.50
C TYR C 73 23.23 -14.86 2.79
N SER C 74 24.46 -15.26 2.47
CA SER C 74 24.97 -16.60 2.75
C SER C 74 26.26 -16.47 3.52
N PHE C 75 26.37 -17.21 4.62
CA PHE C 75 27.48 -17.08 5.56
C PHE C 75 28.06 -18.47 5.78
N THR C 76 29.33 -18.64 5.43
CA THR C 76 30.01 -19.93 5.54
C THR C 76 31.18 -19.79 6.51
N VAL C 77 31.31 -20.75 7.42
CA VAL C 77 32.40 -20.78 8.37
C VAL C 77 33.28 -22.00 8.08
N GLY C 78 33.16 -22.54 6.88
CA GLY C 78 33.91 -23.73 6.50
C GLY C 78 33.22 -24.45 5.37
N GLY C 79 32.95 -25.74 5.55
CA GLY C 79 32.27 -26.52 4.55
C GLY C 79 30.76 -26.53 4.73
N SER C 80 30.28 -25.60 5.57
CA SER C 80 28.86 -25.49 5.87
C SER C 80 28.45 -24.03 5.86
N GLU C 81 27.14 -23.75 5.77
CA GLU C 81 26.68 -22.37 5.72
C GLU C 81 25.24 -22.31 6.16
N ILE C 82 24.79 -21.09 6.49
CA ILE C 82 23.40 -20.79 6.78
C ILE C 82 22.88 -19.94 5.63
N LEU C 83 21.61 -20.13 5.28
CA LEU C 83 20.97 -19.38 4.20
C LEU C 83 20.01 -18.38 4.82
N PHE C 84 20.52 -17.19 5.15
CA PHE C 84 19.71 -16.12 5.69
C PHE C 84 18.91 -15.47 4.57
N GLU C 85 17.60 -15.37 4.81
CA GLU C 85 16.71 -14.89 3.78
C GLU C 85 16.31 -13.45 3.87
N VAL C 86 16.25 -12.82 2.73
CA VAL C 86 15.81 -11.43 2.62
C VAL C 86 14.71 -11.38 1.56
N PRO C 87 13.46 -11.03 1.92
CA PRO C 87 12.38 -11.08 0.94
C PRO C 87 12.48 -10.03 -0.14
N GLU C 88 12.66 -8.78 0.30
CA GLU C 88 12.71 -7.66 -0.63
C GLU C 88 14.06 -6.99 -0.64
N VAL C 89 14.36 -6.25 -1.69
CA VAL C 89 15.63 -5.56 -1.85
C VAL C 89 15.38 -4.10 -2.12
N THR C 90 16.19 -3.24 -1.50
CA THR C 90 16.15 -1.79 -1.73
C THR C 90 17.55 -1.33 -2.11
N VAL C 91 17.68 -0.04 -2.39
CA VAL C 91 18.96 0.57 -2.73
C VAL C 91 19.32 1.62 -1.69
N ALA C 92 20.28 1.29 -0.84
CA ALA C 92 20.75 2.20 0.21
C ALA C 92 21.93 1.55 0.91
N PRO C 93 22.73 2.34 1.63
CA PRO C 93 23.86 1.75 2.37
C PRO C 93 23.37 0.74 3.39
N VAL C 94 24.20 -0.28 3.63
CA VAL C 94 23.80 -1.38 4.51
C VAL C 94 24.93 -1.71 5.47
N HIS C 95 24.59 -1.89 6.74
CA HIS C 95 25.47 -2.40 7.78
C HIS C 95 25.22 -3.88 7.98
N ILE C 96 26.27 -4.61 8.34
CA ILE C 96 26.10 -6.03 8.68
C ILE C 96 27.14 -6.51 9.69
N CYS C 97 26.70 -7.09 10.80
CA CYS C 97 27.56 -7.64 11.83
C CYS C 97 27.20 -9.10 12.01
N THR C 98 28.20 -9.93 12.30
CA THR C 98 27.97 -11.35 12.55
C THR C 98 28.95 -11.83 13.59
N SER C 99 28.58 -12.93 14.26
CA SER C 99 29.43 -13.50 15.30
C SER C 99 29.23 -15.01 15.33
N TRP C 100 30.25 -15.71 15.81
CA TRP C 100 30.19 -17.16 15.92
C TRP C 100 31.18 -17.62 16.98
N GLU C 101 30.90 -18.78 17.56
CA GLU C 101 31.82 -19.41 18.50
C GLU C 101 31.80 -20.92 18.29
N SER C 102 32.94 -21.55 18.57
CA SER C 102 33.06 -22.99 18.39
C SER C 102 32.38 -23.78 19.49
N ALA C 103 32.36 -23.26 20.72
CA ALA C 103 31.84 -24.03 21.84
C ALA C 103 30.38 -24.40 21.64
N SER C 104 29.57 -23.43 21.20
CA SER C 104 28.13 -23.64 21.03
C SER C 104 27.69 -23.75 19.58
N GLY C 105 28.38 -23.09 18.66
CA GLY C 105 27.99 -23.12 17.27
C GLY C 105 26.87 -22.18 16.89
N ILE C 106 26.52 -21.23 17.77
CA ILE C 106 25.44 -20.31 17.47
C ILE C 106 25.93 -19.22 16.53
N VAL C 107 24.99 -18.61 15.83
CA VAL C 107 25.32 -17.52 14.92
C VAL C 107 24.21 -16.47 14.95
N GLU C 108 24.61 -15.21 14.80
CA GLU C 108 23.66 -14.11 14.82
C GLU C 108 23.98 -13.17 13.68
N PHE C 109 23.01 -12.90 12.82
CA PHE C 109 23.21 -12.04 11.66
C PHE C 109 22.51 -10.73 12.03
N TRP C 110 23.27 -9.82 12.62
CA TRP C 110 22.76 -8.47 12.92
C TRP C 110 22.77 -7.63 11.65
N VAL C 111 21.59 -7.19 11.21
CA VAL C 111 21.45 -6.42 9.98
C VAL C 111 20.78 -5.11 10.31
N ASP C 112 21.39 -3.99 9.90
CA ASP C 112 20.77 -2.68 10.09
C ASP C 112 20.36 -2.45 11.53
N GLY C 113 21.15 -2.97 12.46
CA GLY C 113 20.85 -2.78 13.86
C GLY C 113 19.75 -3.66 14.42
N LYS C 114 19.34 -4.69 13.69
CA LYS C 114 18.28 -5.59 14.15
C LYS C 114 18.74 -7.03 14.02
N PRO C 115 18.27 -7.91 14.91
CA PRO C 115 18.63 -9.33 14.82
C PRO C 115 17.61 -10.10 13.98
N ARG C 116 18.01 -11.31 13.58
CA ARG C 116 17.15 -12.18 12.80
C ARG C 116 16.77 -13.43 13.57
N VAL C 117 17.73 -14.30 13.88
CA VAL C 117 17.46 -15.57 14.55
C VAL C 117 18.80 -16.14 15.01
N ARG C 118 18.77 -16.98 16.04
CA ARG C 118 19.92 -17.79 16.39
C ARG C 118 19.85 -19.13 15.68
N LYS C 119 20.98 -19.58 15.14
CA LYS C 119 21.06 -20.83 14.41
C LYS C 119 22.39 -21.50 14.71
N SER C 120 22.44 -22.81 14.48
CA SER C 120 23.58 -23.64 14.83
C SER C 120 24.36 -24.07 13.59
N LEU C 121 25.68 -24.19 13.74
CA LEU C 121 26.52 -24.62 12.63
C LEU C 121 27.90 -25.01 13.15
N LYS C 122 28.45 -26.13 12.66
CA LYS C 122 29.85 -26.51 12.81
C LYS C 122 30.35 -26.25 14.24
N LYS C 123 29.77 -27.01 15.16
CA LYS C 123 30.17 -26.94 16.56
C LYS C 123 31.41 -27.81 16.76
N GLY C 124 32.55 -27.19 17.02
CA GLY C 124 33.79 -27.92 17.24
C GLY C 124 34.89 -27.48 16.31
N TYR C 125 34.51 -26.98 15.14
CA TYR C 125 35.48 -26.54 14.15
C TYR C 125 36.35 -25.41 14.66
N THR C 126 37.66 -25.53 14.51
CA THR C 126 38.60 -24.49 14.93
C THR C 126 39.17 -23.81 13.70
N VAL C 127 39.25 -22.48 13.73
CA VAL C 127 39.70 -21.71 12.58
C VAL C 127 41.22 -21.62 12.60
N GLY C 128 41.80 -21.39 11.42
CA GLY C 128 43.23 -21.27 11.27
C GLY C 128 43.73 -19.89 11.67
N ALA C 129 45.05 -19.72 11.55
CA ALA C 129 45.71 -18.49 11.93
C ALA C 129 46.24 -17.70 10.73
N GLU C 130 47.04 -18.32 9.88
CA GLU C 130 47.51 -17.64 8.68
C GLU C 130 46.35 -17.41 7.73
N ALA C 131 46.30 -16.21 7.14
CA ALA C 131 45.18 -15.84 6.29
C ALA C 131 45.64 -14.87 5.23
N SER C 132 44.83 -14.80 4.14
CA SER C 132 45.07 -13.82 3.07
C SER C 132 43.67 -13.21 2.99
N ILE C 133 43.46 -12.09 3.67
CA ILE C 133 42.15 -11.43 3.74
C ILE C 133 42.03 -10.53 2.52
N ILE C 134 41.40 -11.02 1.47
CA ILE C 134 41.19 -10.24 0.26
C ILE C 134 39.85 -9.52 0.35
N LEU C 135 39.71 -8.45 -0.43
CA LEU C 135 38.46 -7.70 -0.50
C LEU C 135 38.32 -7.17 -1.92
N GLY C 136 37.20 -7.51 -2.56
CA GLY C 136 36.94 -7.12 -3.93
C GLY C 136 36.47 -8.28 -4.78
N GLN C 137 37.01 -9.47 -4.52
CA GLN C 137 36.65 -10.66 -5.27
C GLN C 137 36.85 -11.88 -4.38
N GLU C 138 35.86 -12.84 -4.58
CA GLU C 138 35.99 -14.10 -3.87
C GLU C 138 37.12 -14.89 -4.51
N GLN C 139 37.91 -15.58 -3.62
CA GLN C 139 38.98 -16.41 -4.13
C GLN C 139 38.80 -17.88 -3.75
N ASP C 140 39.12 -18.75 -4.68
CA ASP C 140 39.06 -20.20 -4.56
C ASP C 140 40.42 -20.79 -4.27
N SER C 141 41.38 -19.93 -3.91
CA SER C 141 42.71 -20.37 -3.54
C SER C 141 43.30 -19.33 -2.62
N PHE C 142 44.58 -19.48 -2.26
CA PHE C 142 45.24 -18.53 -1.35
C PHE C 142 45.46 -17.36 -2.30
N GLY C 143 44.55 -16.39 -2.23
CA GLY C 143 44.70 -15.13 -2.93
C GLY C 143 44.98 -15.30 -4.41
N GLY C 144 44.03 -15.92 -5.12
CA GLY C 144 44.21 -16.13 -6.54
C GLY C 144 43.00 -16.85 -7.11
N ASN C 145 43.01 -17.08 -8.42
CA ASN C 145 41.91 -17.81 -9.06
C ASN C 145 40.54 -17.15 -9.00
N PHE C 146 40.51 -15.83 -9.21
CA PHE C 146 39.24 -15.12 -9.18
C PHE C 146 38.38 -15.26 -10.42
N GLU C 147 37.06 -15.22 -10.22
CA GLU C 147 36.09 -15.25 -11.32
C GLU C 147 35.34 -13.92 -11.35
N GLY C 148 35.30 -13.31 -12.52
CA GLY C 148 34.74 -11.97 -12.66
C GLY C 148 33.28 -11.88 -12.28
N SER C 149 32.54 -12.99 -12.33
CA SER C 149 31.13 -12.95 -12.00
C SER C 149 30.91 -12.49 -10.56
N GLN C 150 31.74 -12.96 -9.63
CA GLN C 150 31.58 -12.62 -8.23
C GLN C 150 32.14 -11.24 -7.88
N SER C 151 32.83 -10.60 -8.83
CA SER C 151 33.42 -9.30 -8.55
C SER C 151 32.37 -8.32 -8.04
N LEU C 152 32.76 -7.40 -7.18
CA LEU C 152 31.86 -6.39 -6.64
C LEU C 152 32.18 -5.03 -7.22
N VAL C 153 31.14 -4.28 -7.58
CA VAL C 153 31.32 -2.92 -8.10
C VAL C 153 30.49 -2.01 -7.22
N GLY C 154 31.09 -0.97 -6.65
CA GLY C 154 30.44 -0.12 -5.66
C GLY C 154 31.41 0.43 -4.64
N ASP C 155 31.13 0.36 -3.38
CA ASP C 155 32.04 0.83 -2.36
C ASP C 155 31.81 0.10 -1.06
N ILE C 156 32.74 0.15 -0.16
CA ILE C 156 32.68 -0.59 1.10
C ILE C 156 33.65 0.05 2.08
N GLY C 157 33.37 -0.13 3.37
CA GLY C 157 34.27 0.39 4.38
C GLY C 157 33.80 0.01 5.78
N ASN C 158 34.37 0.68 6.79
CA ASN C 158 33.97 0.43 8.18
C ASN C 158 34.21 -1.02 8.61
N VAL C 159 35.21 -1.67 8.04
CA VAL C 159 35.45 -3.08 8.36
C VAL C 159 36.13 -3.16 9.71
N ASN C 160 35.66 -4.09 10.55
CA ASN C 160 36.26 -4.31 11.86
C ASN C 160 35.99 -5.74 12.29
N MET C 161 36.88 -6.28 13.12
CA MET C 161 36.80 -7.67 13.56
C MET C 161 37.25 -7.78 15.00
N TRP C 162 36.71 -8.78 15.69
CA TRP C 162 37.07 -9.10 17.05
C TRP C 162 37.20 -10.62 17.18
N ASP C 163 38.03 -11.04 18.13
CA ASP C 163 38.21 -12.46 18.43
C ASP C 163 37.34 -12.92 19.59
N PHE C 164 36.31 -12.16 19.91
CA PHE C 164 35.39 -12.63 20.93
C PHE C 164 33.98 -12.44 20.43
N VAL C 165 33.00 -12.81 21.23
CA VAL C 165 31.60 -12.75 20.82
C VAL C 165 30.99 -11.59 21.59
N LEU C 166 30.62 -10.54 20.86
CA LEU C 166 30.12 -9.33 21.50
C LEU C 166 28.73 -9.55 22.09
N SER C 167 28.47 -8.86 23.20
CA SER C 167 27.16 -8.90 23.81
C SER C 167 26.18 -8.08 22.98
N PRO C 168 24.87 -8.27 23.17
CA PRO C 168 23.89 -7.65 22.28
C PRO C 168 23.80 -6.13 22.39
N ASP C 169 24.57 -5.53 23.31
CA ASP C 169 24.57 -4.08 23.48
C ASP C 169 25.69 -3.36 22.72
N GLU C 170 26.92 -3.88 22.77
CA GLU C 170 28.00 -3.23 22.02
C GLU C 170 27.69 -3.16 20.54
N ILE C 171 26.88 -4.09 20.03
CA ILE C 171 26.47 -4.00 18.62
C ILE C 171 25.67 -2.73 18.39
N ASN C 172 24.79 -2.39 19.33
CA ASN C 172 24.04 -1.15 19.21
C ASN C 172 24.96 0.06 19.18
N THR C 173 25.97 0.08 20.06
CA THR C 173 26.91 1.19 20.08
C THR C 173 27.69 1.28 18.77
N ILE C 174 28.11 0.14 18.23
CA ILE C 174 28.74 0.12 16.91
C ILE C 174 27.81 0.76 15.89
N TYR C 175 26.54 0.35 15.91
CA TYR C 175 25.58 0.89 14.95
C TYR C 175 25.46 2.40 15.09
N LEU C 176 25.54 2.91 16.32
CA LEU C 176 25.45 4.34 16.55
C LEU C 176 26.76 5.08 16.30
N GLY C 177 27.87 4.36 16.11
CA GLY C 177 29.13 5.00 15.75
C GLY C 177 29.95 5.48 16.93
N GLY C 178 30.30 4.57 17.84
CA GLY C 178 31.06 4.92 19.02
C GLY C 178 32.49 4.42 18.99
N PRO C 179 33.28 4.78 19.99
CA PRO C 179 34.70 4.38 20.01
C PRO C 179 34.96 3.09 20.77
N PHE C 180 35.60 2.15 20.06
CA PHE C 180 35.84 0.80 20.55
C PHE C 180 37.18 0.31 20.00
N SER C 181 37.64 -0.83 20.52
CA SER C 181 38.99 -1.33 20.23
C SER C 181 38.94 -2.72 19.61
N PRO C 182 38.93 -2.82 18.29
CA PRO C 182 39.12 -4.12 17.64
C PRO C 182 40.47 -4.73 18.02
N ASN C 183 40.53 -6.05 18.03
CA ASN C 183 41.74 -6.78 18.40
C ASN C 183 42.35 -7.56 17.25
N VAL C 184 41.68 -7.66 16.10
CA VAL C 184 42.23 -8.39 14.95
C VAL C 184 42.41 -7.42 13.79
N LEU C 185 41.31 -6.85 13.32
CA LEU C 185 41.34 -5.84 12.25
C LEU C 185 40.69 -4.58 12.79
N ASN C 186 41.44 -3.48 12.78
CA ASN C 186 40.99 -2.22 13.34
C ASN C 186 40.97 -1.16 12.24
N TRP C 187 39.78 -0.65 11.93
CA TRP C 187 39.67 0.40 10.92
C TRP C 187 40.44 1.65 11.33
N ARG C 188 40.53 1.91 12.64
CA ARG C 188 41.25 3.09 13.10
C ARG C 188 42.73 3.01 12.78
N ALA C 189 43.31 1.81 12.84
CA ALA C 189 44.72 1.60 12.52
C ALA C 189 44.81 0.30 11.72
N LEU C 190 45.09 0.42 10.44
CA LEU C 190 44.97 -0.70 9.51
C LEU C 190 46.17 -0.74 8.58
N LYS C 191 46.49 -1.95 8.13
CA LYS C 191 47.54 -2.19 7.14
C LYS C 191 46.94 -2.89 5.94
N TYR C 192 47.31 -2.45 4.74
CA TYR C 192 46.68 -2.95 3.53
C TYR C 192 47.61 -2.73 2.34
N GLU C 193 47.28 -3.41 1.25
CA GLU C 193 47.98 -3.23 -0.02
C GLU C 193 46.99 -3.48 -1.15
N VAL C 194 46.97 -2.61 -2.15
CA VAL C 194 45.93 -2.61 -3.16
C VAL C 194 46.56 -2.77 -4.54
N GLN C 195 45.84 -3.47 -5.42
CA GLN C 195 46.23 -3.64 -6.81
C GLN C 195 45.02 -3.35 -7.71
N GLY C 196 45.30 -2.81 -8.89
CA GLY C 196 44.28 -2.58 -9.88
C GLY C 196 43.55 -1.26 -9.68
N GLU C 197 42.36 -1.20 -10.26
CA GLU C 197 41.54 0.03 -10.24
C GLU C 197 40.68 0.03 -8.98
N VAL C 198 41.20 0.66 -7.93
CA VAL C 198 40.46 0.90 -6.70
C VAL C 198 40.85 2.28 -6.20
N PHE C 199 39.90 2.97 -5.57
CA PHE C 199 40.15 4.31 -5.10
C PHE C 199 39.69 4.47 -3.66
N THR C 200 40.22 5.51 -3.00
CA THR C 200 39.82 5.87 -1.65
C THR C 200 39.12 7.22 -1.69
N LYS C 201 37.90 7.28 -1.16
CA LYS C 201 37.14 8.51 -1.19
C LYS C 201 36.35 8.66 0.10
N PRO C 202 35.97 9.89 0.47
CA PRO C 202 35.13 10.07 1.65
C PRO C 202 33.85 9.25 1.53
N GLN C 203 33.46 8.62 2.64
CA GLN C 203 32.30 7.73 2.62
C GLN C 203 31.08 8.56 2.28
N LEU C 204 30.46 8.26 1.15
CA LEU C 204 29.24 8.99 0.76
C LEU C 204 28.12 8.58 1.70
N TRP C 205 28.04 7.35 2.09
CA TRP C 205 27.01 6.94 3.01
C TRP C 205 27.22 7.68 4.33
N PRO C 206 26.20 7.83 5.13
CA PRO C 206 26.24 8.65 6.35
C PRO C 206 27.17 8.12 7.43
N VAL D 4 28.08 -35.78 -6.39
CA VAL D 4 28.92 -36.74 -7.10
C VAL D 4 28.07 -37.69 -7.93
N GLN D 5 26.76 -37.68 -7.66
CA GLN D 5 25.83 -38.52 -8.39
C GLN D 5 24.47 -37.83 -8.43
N LEU D 6 23.66 -38.21 -9.42
CA LEU D 6 22.35 -37.59 -9.60
C LEU D 6 21.45 -38.39 -10.53
N VAL D 7 20.17 -38.49 -10.18
CA VAL D 7 19.21 -39.23 -10.98
C VAL D 7 17.86 -38.51 -10.96
N GLU D 8 17.17 -38.50 -12.09
CA GLU D 8 15.89 -37.79 -12.16
C GLU D 8 14.77 -38.65 -12.72
N SER D 9 13.54 -38.30 -12.39
CA SER D 9 12.37 -39.03 -12.86
C SER D 9 11.23 -38.03 -13.05
N GLY D 10 10.69 -37.98 -14.26
CA GLY D 10 9.62 -37.05 -14.57
C GLY D 10 9.31 -37.12 -16.05
N GLY D 11 8.20 -36.50 -16.41
CA GLY D 11 7.73 -36.51 -17.79
C GLY D 11 7.20 -35.15 -18.22
N GLY D 12 7.40 -34.84 -19.49
CA GLY D 12 6.89 -33.63 -20.11
C GLY D 12 5.62 -33.92 -20.89
N LEU D 13 5.31 -33.25 -21.90
CA LEU D 13 4.11 -33.50 -22.69
C LEU D 13 2.88 -33.46 -21.80
N VAL D 14 2.77 -32.42 -20.99
CA VAL D 14 1.62 -32.30 -20.10
C VAL D 14 0.61 -31.31 -20.66
N GLN D 15 -0.67 -31.54 -20.37
CA GLN D 15 -1.72 -30.67 -20.91
C GLN D 15 -1.81 -29.37 -20.14
N ALA D 16 -2.53 -28.39 -20.68
CA ALA D 16 -2.60 -27.09 -20.05
C ALA D 16 -3.42 -27.15 -18.76
N GLY D 17 -2.76 -26.90 -17.63
CA GLY D 17 -3.44 -26.75 -16.35
C GLY D 17 -3.36 -27.95 -15.43
N GLU D 18 -3.03 -29.11 -15.97
CA GLU D 18 -2.96 -30.32 -15.17
C GLU D 18 -1.74 -30.34 -14.27
N SER D 19 -1.62 -31.39 -13.46
CA SER D 19 -0.51 -31.48 -12.54
C SER D 19 0.65 -32.28 -13.08
N LEU D 20 1.71 -32.37 -12.29
CA LEU D 20 2.87 -33.18 -12.67
C LEU D 20 3.70 -33.42 -11.43
N ARG D 21 4.34 -34.60 -11.37
CA ARG D 21 5.12 -35.03 -10.21
C ARG D 21 6.55 -35.32 -10.67
N LEU D 22 7.49 -34.59 -10.39
CA LEU D 22 8.85 -34.92 -10.76
C LEU D 22 9.60 -35.33 -9.50
N SER D 23 10.73 -35.86 -9.59
CA SER D 23 11.49 -36.47 -8.51
C SER D 23 12.96 -36.51 -8.88
N CYS D 24 13.80 -36.48 -7.86
CA CYS D 24 15.24 -36.60 -8.04
C CYS D 24 15.83 -37.37 -6.88
N THR D 25 16.96 -38.04 -7.15
CA THR D 25 17.65 -38.85 -6.16
C THR D 25 19.16 -38.67 -6.34
N ALA D 26 19.90 -39.09 -5.31
CA ALA D 26 21.35 -38.97 -5.31
C ALA D 26 21.90 -39.98 -4.32
N SER D 27 23.23 -40.01 -4.20
CA SER D 27 23.92 -40.94 -3.30
C SER D 27 24.39 -40.27 -2.01
N ILE D 28 23.73 -39.20 -1.58
CA ILE D 28 24.20 -38.46 -0.41
C ILE D 28 23.10 -37.98 0.53
N ASN D 29 23.38 -37.95 1.83
CA ASN D 29 22.40 -37.46 2.80
C ASN D 29 22.00 -36.03 2.46
N ILE D 30 20.84 -35.61 2.94
CA ILE D 30 20.39 -34.26 2.67
C ILE D 30 20.69 -33.37 3.87
N ALA D 31 21.07 -33.98 4.99
CA ALA D 31 21.40 -33.17 6.15
C ALA D 31 22.52 -32.19 5.80
N GLY D 32 22.26 -30.91 6.06
CA GLY D 32 23.23 -29.88 5.70
C GLY D 32 23.40 -29.68 4.21
N LEU D 33 22.38 -29.98 3.41
CA LEU D 33 22.42 -29.76 1.97
C LEU D 33 21.07 -29.20 1.54
N ALA D 34 21.04 -27.92 1.18
CA ALA D 34 19.83 -27.31 0.65
C ALA D 34 19.67 -27.70 -0.82
N MET D 35 18.54 -28.32 -1.15
CA MET D 35 18.29 -28.84 -2.49
C MET D 35 17.15 -28.07 -3.14
N GLY D 36 17.26 -27.86 -4.44
CA GLY D 36 16.26 -27.05 -5.11
C GLY D 36 16.19 -27.29 -6.60
N TRP D 37 15.31 -26.51 -7.24
CA TRP D 37 14.98 -26.61 -8.66
C TRP D 37 15.10 -25.25 -9.31
N TYR D 38 15.71 -25.25 -10.51
CA TYR D 38 15.92 -24.07 -11.34
C TYR D 38 15.18 -24.29 -12.65
N ARG D 39 14.75 -23.20 -13.27
CA ARG D 39 14.06 -23.26 -14.55
C ARG D 39 14.91 -22.63 -15.65
N GLN D 40 14.94 -23.28 -16.80
CA GLN D 40 15.69 -22.81 -17.97
C GLN D 40 14.73 -22.89 -19.17
N ALA D 41 14.04 -21.79 -19.44
CA ALA D 41 13.14 -21.72 -20.59
C ALA D 41 13.96 -21.40 -21.84
N PRO D 42 13.33 -21.37 -23.01
CA PRO D 42 14.07 -20.98 -24.22
C PRO D 42 14.66 -19.60 -24.07
N GLY D 43 15.88 -19.43 -24.57
CA GLY D 43 16.57 -18.17 -24.36
C GLY D 43 16.75 -17.89 -22.88
N LYS D 44 16.50 -16.64 -22.50
CA LYS D 44 16.60 -16.22 -21.11
C LYS D 44 17.87 -16.74 -20.44
N GLN D 45 17.71 -17.45 -19.34
CA GLN D 45 18.85 -17.97 -18.59
C GLN D 45 18.32 -18.93 -17.53
N ARG D 46 19.19 -19.84 -17.09
CA ARG D 46 18.82 -20.77 -16.04
C ARG D 46 18.52 -19.99 -14.75
N GLU D 47 17.26 -20.04 -14.33
CA GLU D 47 16.85 -19.30 -13.14
C GLU D 47 16.37 -20.27 -12.10
N LEU D 48 16.21 -19.83 -10.84
CA LEU D 48 15.75 -20.70 -9.72
C LEU D 48 14.24 -20.79 -9.43
N ALA D 49 13.64 -21.95 -9.67
CA ALA D 49 12.22 -22.15 -9.42
C ALA D 49 11.91 -22.07 -7.92
N ALA D 50 12.52 -22.97 -7.14
CA ALA D 50 12.32 -22.92 -5.70
C ALA D 50 13.16 -24.02 -5.06
N LEU D 51 13.54 -23.81 -3.81
CA LEU D 51 14.33 -24.80 -3.11
C LEU D 51 13.90 -24.92 -1.66
N SER D 52 14.40 -25.93 -0.98
CA SER D 52 14.09 -26.16 0.42
C SER D 52 15.31 -25.82 1.26
N THR D 53 15.13 -24.94 2.24
CA THR D 53 16.23 -24.55 3.10
C THR D 53 16.71 -25.74 3.92
N ASN D 54 17.87 -25.57 4.54
CA ASN D 54 18.43 -26.65 5.36
C ASN D 54 17.57 -26.95 6.57
N SER D 55 16.98 -25.93 7.20
CA SER D 55 16.27 -26.09 8.47
C SER D 55 14.92 -25.39 8.40
N GLY D 56 13.87 -26.15 8.14
CA GLY D 56 12.50 -25.70 8.32
C GLY D 56 12.10 -24.45 7.57
N THR D 57 12.43 -24.37 6.27
CA THR D 57 11.98 -23.25 5.46
C THR D 57 12.07 -23.66 3.99
N THR D 58 11.26 -23.00 3.16
CA THR D 58 11.26 -23.28 1.72
C THR D 58 11.20 -21.97 0.93
N ILE D 59 12.27 -21.69 0.21
CA ILE D 59 12.31 -20.50 -0.62
C ILE D 59 11.55 -20.77 -1.90
N TYR D 60 10.83 -19.77 -2.37
CA TYR D 60 10.04 -19.92 -3.58
C TYR D 60 10.39 -18.83 -4.57
N GLY D 61 10.50 -19.21 -5.84
CA GLY D 61 10.71 -18.24 -6.90
C GLY D 61 9.61 -17.22 -6.96
N ASN D 62 9.95 -15.95 -7.06
CA ASN D 62 8.94 -14.91 -7.07
C ASN D 62 8.02 -15.02 -8.28
N SER D 63 8.57 -15.39 -9.43
CA SER D 63 7.76 -15.46 -10.65
C SER D 63 6.54 -16.33 -10.46
N VAL D 64 6.73 -17.53 -9.90
CA VAL D 64 5.63 -18.47 -9.69
C VAL D 64 5.34 -18.59 -8.20
N LYS D 65 4.38 -17.80 -7.73
CA LYS D 65 4.02 -17.89 -6.33
C LYS D 65 2.95 -18.95 -6.17
N GLY D 66 3.02 -19.69 -5.08
CA GLY D 66 2.06 -20.76 -4.86
C GLY D 66 1.96 -21.69 -6.04
N ARG D 67 3.07 -21.84 -6.77
CA ARG D 67 3.07 -22.64 -7.99
C ARG D 67 3.23 -24.12 -7.70
N PHE D 68 4.24 -24.49 -6.91
CA PHE D 68 4.56 -25.88 -6.66
C PHE D 68 4.96 -26.03 -5.18
N THR D 69 5.30 -27.25 -4.80
CA THR D 69 5.68 -27.58 -3.43
C THR D 69 7.06 -28.22 -3.44
N ILE D 70 7.90 -27.90 -2.46
CA ILE D 70 9.25 -28.44 -2.44
C ILE D 70 9.28 -29.90 -2.01
N SER D 71 8.35 -30.28 -1.14
CA SER D 71 8.27 -31.68 -0.70
C SER D 71 9.60 -32.32 -0.31
N ARG D 72 10.29 -31.70 0.64
CA ARG D 72 11.62 -32.14 1.03
C ARG D 72 11.61 -33.60 1.47
N ASP D 73 12.46 -34.41 0.85
CA ASP D 73 12.66 -35.78 1.26
C ASP D 73 13.65 -35.85 2.43
N ASN D 74 13.45 -36.81 3.32
CA ASN D 74 14.39 -37.04 4.41
C ASN D 74 14.72 -38.54 4.46
N ALA D 75 15.93 -38.91 4.85
CA ALA D 75 16.39 -40.29 4.93
C ALA D 75 16.57 -40.87 3.53
N LYS D 76 16.19 -40.11 2.52
CA LYS D 76 16.32 -40.51 1.12
C LYS D 76 16.49 -39.26 0.29
N LYS D 77 16.60 -39.46 -1.03
CA LYS D 77 16.78 -38.37 -1.98
C LYS D 77 15.62 -38.50 -2.96
N THR D 78 14.53 -37.77 -2.69
CA THR D 78 13.35 -37.76 -3.60
C THR D 78 12.61 -36.41 -3.55
N VAL D 79 13.09 -35.42 -4.29
CA VAL D 79 12.44 -34.10 -4.30
C VAL D 79 11.19 -34.11 -5.14
N TYR D 80 10.20 -33.32 -4.73
CA TYR D 80 8.93 -33.28 -5.43
C TYR D 80 8.50 -31.84 -5.64
N LEU D 81 7.68 -31.62 -6.66
CA LEU D 81 7.19 -30.29 -6.99
C LEU D 81 5.68 -30.16 -6.90
N GLN D 82 4.94 -31.21 -7.25
CA GLN D 82 3.47 -31.17 -7.24
C GLN D 82 2.97 -30.04 -8.14
N VAL D 83 3.31 -30.16 -9.41
CA VAL D 83 2.89 -29.15 -10.37
C VAL D 83 1.38 -29.07 -10.41
N ASP D 84 0.86 -27.90 -10.72
CA ASP D 84 -0.57 -27.70 -10.87
C ASP D 84 -0.78 -26.40 -11.65
N SER D 85 -1.95 -26.29 -12.27
CA SER D 85 -2.27 -25.13 -13.10
C SER D 85 -1.18 -24.91 -14.15
N LEU D 86 -0.76 -26.02 -14.76
CA LEU D 86 0.30 -25.97 -15.78
C LEU D 86 -0.16 -25.06 -16.89
N LYS D 87 0.56 -23.99 -17.13
CA LYS D 87 0.27 -23.09 -18.22
C LYS D 87 1.32 -23.23 -19.31
N PRO D 88 1.10 -22.58 -20.46
CA PRO D 88 2.06 -22.72 -21.57
C PRO D 88 3.46 -22.23 -21.23
N GLU D 89 3.59 -21.21 -20.37
CA GLU D 89 4.91 -20.65 -20.10
C GLU D 89 5.82 -21.60 -19.34
N ASP D 90 5.27 -22.69 -18.83
CA ASP D 90 6.06 -23.62 -18.02
C ASP D 90 7.01 -24.48 -18.85
N THR D 91 6.86 -24.45 -20.17
CA THR D 91 7.69 -25.28 -21.03
C THR D 91 9.16 -24.89 -20.89
N GLY D 92 10.03 -25.90 -20.89
CA GLY D 92 11.46 -25.68 -20.76
C GLY D 92 12.15 -26.76 -19.95
N ILE D 93 13.45 -26.58 -19.71
CA ILE D 93 14.18 -27.51 -18.86
C ILE D 93 13.97 -27.15 -17.40
N TYR D 94 13.92 -28.17 -16.54
CA TYR D 94 13.80 -28.00 -15.10
C TYR D 94 15.03 -28.69 -14.51
N TYR D 95 16.03 -27.90 -14.16
CA TYR D 95 17.22 -28.40 -13.50
C TYR D 95 16.94 -28.60 -12.02
N CYS D 96 17.67 -29.53 -11.40
CA CYS D 96 17.56 -29.74 -9.97
C CYS D 96 18.93 -30.06 -9.42
N ASN D 97 19.27 -29.49 -8.27
CA ASN D 97 20.61 -29.70 -7.74
C ASN D 97 20.66 -29.37 -6.25
N VAL D 98 21.74 -29.83 -5.62
CA VAL D 98 22.06 -29.55 -4.22
C VAL D 98 23.42 -28.86 -4.20
N ARG D 99 23.48 -27.67 -3.63
CA ARG D 99 24.72 -26.93 -3.51
C ARG D 99 25.06 -26.74 -2.03
N PHE D 100 26.27 -27.13 -1.65
CA PHE D 100 26.80 -26.87 -0.32
C PHE D 100 27.94 -25.88 -0.45
N ASN D 101 27.78 -24.68 0.10
CA ASN D 101 28.82 -23.66 -0.04
C ASN D 101 28.86 -23.11 -1.47
N PRO D 102 29.28 -21.85 -1.62
CA PRO D 102 29.23 -21.21 -2.94
C PRO D 102 30.36 -21.84 -3.73
N ASP D 103 30.27 -21.84 -5.06
CA ASP D 103 31.34 -22.39 -5.92
C ASP D 103 31.40 -23.92 -5.87
N ARG D 104 30.42 -24.55 -5.27
CA ARG D 104 30.36 -26.01 -5.23
C ARG D 104 28.88 -26.42 -5.19
N ILE D 105 28.32 -26.79 -6.33
CA ILE D 105 26.89 -27.11 -6.39
C ILE D 105 26.60 -28.43 -7.10
N TYR D 106 27.61 -28.98 -7.78
CA TYR D 106 27.45 -30.25 -8.47
C TYR D 106 26.16 -30.27 -9.30
N TRP D 107 26.14 -29.40 -10.32
CA TRP D 107 24.97 -29.19 -11.14
C TRP D 107 24.29 -30.46 -11.65
N GLY D 108 22.96 -30.50 -11.50
CA GLY D 108 22.18 -31.59 -12.04
C GLY D 108 22.00 -31.61 -13.55
N GLN D 109 21.30 -32.63 -14.05
CA GLN D 109 21.10 -32.78 -15.49
C GLN D 109 19.78 -32.17 -15.95
N GLY D 110 18.75 -32.19 -15.12
CA GLY D 110 17.51 -31.55 -15.45
C GLY D 110 16.66 -32.37 -16.41
N THR D 111 15.38 -32.02 -16.47
CA THR D 111 14.42 -32.74 -17.29
C THR D 111 13.54 -31.74 -18.03
N GLN D 112 13.30 -32.00 -19.31
CA GLN D 112 12.49 -31.09 -20.09
C GLN D 112 11.02 -31.36 -19.93
N VAL D 113 10.22 -30.29 -20.00
CA VAL D 113 8.77 -30.43 -19.92
C VAL D 113 8.09 -29.51 -20.91
N THR D 114 7.17 -30.08 -21.67
CA THR D 114 6.45 -29.29 -22.67
C THR D 114 5.04 -28.97 -22.19
N VAL D 115 4.41 -28.04 -22.88
CA VAL D 115 3.04 -27.65 -22.55
C VAL D 115 2.20 -27.79 -23.81
N SER D 116 1.33 -28.79 -23.84
CA SER D 116 0.40 -28.95 -24.95
C SER D 116 -0.72 -27.91 -24.85
N SER D 117 -0.97 -27.21 -25.94
CA SER D 117 -1.99 -26.17 -25.96
C SER D 117 -3.37 -26.77 -26.23
N GLN E 1 26.62 41.14 -12.01
CA GLN E 1 26.76 41.64 -10.62
C GLN E 1 25.39 41.98 -10.03
N THR E 2 24.53 40.97 -9.93
CA THR E 2 23.20 41.14 -9.37
C THR E 2 22.86 39.93 -8.52
N ASP E 3 22.02 40.15 -7.51
CA ASP E 3 21.58 39.09 -6.63
C ASP E 3 20.24 38.55 -7.09
N MET E 4 20.01 37.26 -6.81
CA MET E 4 18.74 36.61 -7.14
C MET E 4 18.25 35.74 -5.99
N SER E 5 18.66 36.06 -4.76
CA SER E 5 18.22 35.30 -3.61
C SER E 5 16.70 35.30 -3.52
N ARG E 6 16.13 34.11 -3.34
CA ARG E 6 14.69 33.92 -3.21
C ARG E 6 13.95 34.25 -4.51
N LYS E 7 14.66 34.35 -5.62
CA LYS E 7 14.06 34.58 -6.93
C LYS E 7 14.28 33.36 -7.81
N ALA E 8 13.47 33.25 -8.87
CA ALA E 8 13.57 32.13 -9.77
C ALA E 8 13.04 32.53 -11.14
N PHE E 9 13.55 31.86 -12.17
CA PHE E 9 13.14 32.11 -13.54
C PHE E 9 11.96 31.20 -13.89
N VAL E 10 10.99 31.77 -14.59
CA VAL E 10 9.75 31.10 -14.95
C VAL E 10 9.59 31.14 -16.46
N PHE E 11 9.40 29.96 -17.06
CA PHE E 11 9.06 29.82 -18.46
C PHE E 11 7.58 29.44 -18.55
N PRO E 12 6.70 30.33 -19.02
CA PRO E 12 5.26 30.05 -18.95
C PRO E 12 4.80 28.92 -19.85
N LYS E 13 5.17 28.98 -21.12
CA LYS E 13 4.70 28.05 -22.14
C LYS E 13 5.91 27.43 -22.83
N GLU E 14 5.64 26.48 -23.71
CA GLU E 14 6.70 25.87 -24.52
C GLU E 14 6.98 26.76 -25.72
N SER E 15 8.25 27.01 -25.99
CA SER E 15 8.64 27.83 -27.12
C SER E 15 10.14 27.74 -27.36
N ASP E 16 10.59 27.73 -28.61
CA ASP E 16 12.02 27.56 -28.86
C ASP E 16 12.72 28.92 -29.00
N THR E 17 12.07 29.99 -28.56
CA THR E 17 12.63 31.34 -28.69
C THR E 17 13.04 31.99 -27.38
N SER E 18 12.38 31.61 -26.28
CA SER E 18 12.66 32.20 -24.99
C SER E 18 13.77 31.43 -24.29
N TYR E 19 14.73 32.15 -23.74
CA TYR E 19 15.86 31.51 -23.05
C TYR E 19 16.67 32.58 -22.35
N VAL E 20 17.42 32.16 -21.33
CA VAL E 20 18.37 33.04 -20.66
C VAL E 20 19.77 32.51 -20.94
N SER E 21 20.75 33.41 -20.84
CA SER E 21 22.13 33.09 -21.10
C SER E 21 22.99 33.66 -19.99
N LEU E 22 23.86 32.83 -19.43
CA LEU E 22 24.71 33.20 -18.29
C LEU E 22 26.16 33.25 -18.74
N LYS E 23 26.91 34.20 -18.18
CA LYS E 23 28.32 34.38 -18.51
C LYS E 23 29.17 34.14 -17.27
N ALA E 24 30.37 33.60 -17.49
CA ALA E 24 31.30 33.29 -16.42
C ALA E 24 32.68 33.85 -16.74
N PRO E 25 33.48 34.15 -15.72
CA PRO E 25 34.83 34.67 -15.95
C PRO E 25 35.92 33.62 -16.11
N LEU E 26 35.58 32.36 -16.36
CA LEU E 26 36.58 31.30 -16.41
C LEU E 26 37.58 31.57 -17.52
N THR E 27 38.83 31.17 -17.29
CA THR E 27 39.90 31.39 -18.26
C THR E 27 40.71 30.13 -18.52
N LYS E 28 40.77 29.20 -17.54
CA LYS E 28 41.61 28.03 -17.65
C LYS E 28 40.79 26.80 -18.02
N PRO E 29 41.41 25.79 -18.63
CA PRO E 29 40.68 24.57 -18.99
C PRO E 29 40.18 23.85 -17.74
N LEU E 30 38.85 23.69 -17.67
CA LEU E 30 38.25 22.99 -16.54
C LEU E 30 38.69 21.56 -16.53
N LYS E 31 39.04 21.05 -15.36
CA LYS E 31 39.40 19.65 -15.23
C LYS E 31 38.56 18.87 -14.25
N ALA E 32 38.03 19.52 -13.21
CA ALA E 32 37.09 18.89 -12.29
C ALA E 32 36.09 19.94 -11.85
N PHE E 33 34.81 19.58 -11.84
CA PHE E 33 33.76 20.56 -11.61
C PHE E 33 32.61 19.94 -10.82
N THR E 34 31.69 20.80 -10.41
CA THR E 34 30.51 20.42 -9.64
C THR E 34 29.43 21.45 -9.89
N VAL E 35 28.19 20.99 -9.90
CA VAL E 35 27.08 21.89 -10.12
C VAL E 35 25.93 21.55 -9.20
N CYS E 36 25.03 22.49 -8.99
CA CYS E 36 23.87 22.31 -8.13
C CYS E 36 22.76 23.23 -8.60
N LEU E 37 21.52 22.74 -8.51
CA LEU E 37 20.38 23.53 -8.93
C LEU E 37 19.06 23.01 -8.42
N HIS E 38 18.03 23.85 -8.48
CA HIS E 38 16.71 23.42 -8.11
C HIS E 38 15.79 23.73 -9.26
N PHE E 39 14.80 22.87 -9.51
CA PHE E 39 13.88 23.07 -10.60
C PHE E 39 12.53 22.46 -10.27
N TYR E 40 11.52 22.88 -11.03
CA TYR E 40 10.17 22.42 -10.78
C TYR E 40 9.33 22.48 -12.05
N THR E 41 8.87 21.34 -12.53
CA THR E 41 8.05 21.23 -13.74
C THR E 41 7.28 19.92 -13.66
N GLU E 42 6.51 19.63 -14.72
CA GLU E 42 5.66 18.44 -14.74
C GLU E 42 5.65 17.76 -16.11
N LEU E 43 6.68 18.02 -16.93
CA LEU E 43 6.77 17.45 -18.28
C LEU E 43 7.19 16.00 -18.32
N SER E 44 7.46 15.39 -17.18
CA SER E 44 8.01 14.04 -17.18
C SER E 44 7.11 13.07 -17.93
N SER E 45 5.80 13.11 -17.68
CA SER E 45 4.88 12.15 -18.28
C SER E 45 4.48 12.51 -19.70
N THR E 46 5.10 13.52 -20.30
CA THR E 46 4.70 13.97 -21.64
C THR E 46 5.82 13.86 -22.66
N ARG E 47 7.05 14.21 -22.31
CA ARG E 47 8.16 14.21 -23.25
C ARG E 47 9.44 14.40 -22.46
N GLY E 48 10.56 14.56 -23.18
CA GLY E 48 11.83 14.84 -22.56
C GLY E 48 12.14 16.33 -22.59
N TYR E 49 12.82 16.79 -21.54
CA TYR E 49 13.15 18.20 -21.40
C TYR E 49 14.61 18.35 -20.99
N SER E 50 15.22 19.44 -21.42
CA SER E 50 16.62 19.71 -21.11
C SER E 50 16.71 20.55 -19.83
N ILE E 51 17.51 20.07 -18.88
CA ILE E 51 17.65 20.75 -17.60
C ILE E 51 18.83 21.72 -17.64
N PHE E 52 19.99 21.28 -18.11
CA PHE E 52 21.18 22.13 -18.15
C PHE E 52 21.96 21.85 -19.42
N SER E 53 22.39 22.90 -20.09
CA SER E 53 23.07 22.77 -21.38
C SER E 53 24.28 23.69 -21.40
N TYR E 54 25.46 23.12 -21.66
CA TYR E 54 26.67 23.91 -21.81
C TYR E 54 26.88 24.16 -23.30
N ALA E 55 28.04 24.65 -23.69
CA ALA E 55 28.33 24.90 -25.09
C ALA E 55 29.82 25.16 -25.27
N THR E 56 30.34 24.70 -26.40
CA THR E 56 31.73 24.95 -26.78
C THR E 56 31.84 24.98 -28.30
N LYS E 57 32.94 25.56 -28.78
CA LYS E 57 33.13 25.69 -30.22
C LYS E 57 33.15 24.34 -30.90
N ARG E 58 33.91 23.38 -30.36
CA ARG E 58 34.13 22.12 -31.05
C ARG E 58 32.99 21.15 -30.85
N GLN E 59 32.40 21.10 -29.66
CA GLN E 59 31.35 20.14 -29.34
C GLN E 59 30.10 20.87 -28.89
N ASP E 60 28.95 20.43 -29.40
CA ASP E 60 27.70 21.08 -29.04
C ASP E 60 27.36 20.89 -27.57
N ASN E 61 27.62 19.70 -27.02
CA ASN E 61 27.25 19.37 -25.64
C ASN E 61 28.50 18.98 -24.88
N GLU E 62 29.09 19.93 -24.18
CA GLU E 62 30.26 19.66 -23.37
C GLU E 62 29.75 19.04 -22.10
N ILE E 63 28.79 19.70 -21.46
CA ILE E 63 28.18 19.17 -20.25
C ILE E 63 26.68 19.34 -20.44
N LEU E 64 25.89 18.31 -20.12
CA LEU E 64 24.46 18.37 -20.41
C LEU E 64 23.70 17.46 -19.45
N ILE E 65 22.67 18.01 -18.81
CA ILE E 65 21.79 17.27 -17.93
C ILE E 65 20.40 17.30 -18.55
N PHE E 66 19.84 16.13 -18.82
CA PHE E 66 18.60 15.98 -19.58
C PHE E 66 17.73 14.93 -18.90
N TRP E 67 16.44 14.94 -19.26
CA TRP E 67 15.48 13.97 -18.73
C TRP E 67 14.90 13.17 -19.90
N SER E 68 15.06 11.86 -19.86
CA SER E 68 14.59 10.98 -20.93
C SER E 68 13.32 10.26 -20.51
N LYS E 69 12.36 10.20 -21.43
CA LYS E 69 11.02 9.70 -21.14
C LYS E 69 11.06 8.28 -20.59
N ASP E 70 10.46 8.08 -19.42
CA ASP E 70 10.41 6.74 -18.80
C ASP E 70 11.79 6.21 -18.46
N ILE E 71 12.83 7.02 -18.63
CA ILE E 71 14.20 6.59 -18.37
C ILE E 71 14.76 7.28 -17.14
N GLY E 72 14.72 8.61 -17.12
CA GLY E 72 15.21 9.35 -15.97
C GLY E 72 16.28 10.36 -16.33
N TYR E 73 17.19 10.62 -15.41
CA TYR E 73 18.21 11.63 -15.63
C TYR E 73 19.35 11.07 -16.49
N SER E 74 19.82 11.89 -17.43
CA SER E 74 20.95 11.55 -18.29
C SER E 74 21.96 12.67 -18.18
N PHE E 75 23.22 12.31 -17.96
CA PHE E 75 24.29 13.26 -17.68
C PHE E 75 25.43 12.97 -18.63
N THR E 76 25.78 13.94 -19.46
CA THR E 76 26.83 13.79 -20.47
C THR E 76 27.93 14.80 -20.18
N VAL E 77 29.17 14.33 -20.22
CA VAL E 77 30.34 15.19 -20.04
C VAL E 77 31.13 15.26 -21.34
N GLY E 78 30.49 14.92 -22.44
CA GLY E 78 31.14 14.91 -23.73
C GLY E 78 30.42 13.99 -24.69
N GLY E 79 31.14 13.05 -25.28
CA GLY E 79 30.54 12.10 -26.19
C GLY E 79 30.08 10.83 -25.50
N SER E 80 30.01 10.90 -24.16
CA SER E 80 29.61 9.76 -23.35
C SER E 80 28.65 10.23 -22.27
N GLU E 81 27.92 9.30 -21.65
CA GLU E 81 26.95 9.67 -20.63
C GLU E 81 26.67 8.47 -19.73
N ILE E 82 26.08 8.76 -18.57
CA ILE E 82 25.57 7.75 -17.66
C ILE E 82 24.06 7.84 -17.68
N LEU E 83 23.40 6.70 -17.56
CA LEU E 83 21.94 6.62 -17.55
C LEU E 83 21.47 6.35 -16.13
N PHE E 84 21.27 7.41 -15.35
CA PHE E 84 20.77 7.29 -14.00
C PHE E 84 19.27 7.04 -14.03
N GLU E 85 18.88 5.99 -13.31
CA GLU E 85 17.51 5.57 -13.35
C GLU E 85 16.63 6.02 -12.22
N VAL E 86 15.41 6.38 -12.56
CA VAL E 86 14.41 6.77 -11.58
C VAL E 86 13.16 5.92 -11.83
N PRO E 87 12.75 5.07 -10.90
CA PRO E 87 11.61 4.17 -11.17
C PRO E 87 10.28 4.90 -11.27
N GLU E 88 9.99 5.72 -10.24
CA GLU E 88 8.73 6.42 -10.17
C GLU E 88 8.90 7.91 -10.26
N VAL E 89 7.84 8.61 -10.61
CA VAL E 89 7.86 10.06 -10.77
C VAL E 89 6.76 10.67 -9.91
N THR E 90 7.08 11.79 -9.27
CA THR E 90 6.12 12.56 -8.49
C THR E 90 6.15 14.01 -8.99
N VAL E 91 5.30 14.84 -8.40
CA VAL E 91 5.21 16.26 -8.73
C VAL E 91 5.56 17.09 -7.51
N ALA E 92 6.75 17.66 -7.50
CA ALA E 92 7.22 18.50 -6.40
C ALA E 92 8.57 19.10 -6.80
N PRO E 93 8.99 20.17 -6.13
CA PRO E 93 10.30 20.75 -6.44
C PRO E 93 11.43 19.74 -6.21
N VAL E 94 12.48 19.86 -7.01
CA VAL E 94 13.57 18.88 -6.98
C VAL E 94 14.91 19.60 -6.97
N HIS E 95 15.81 19.14 -6.10
CA HIS E 95 17.20 19.55 -6.07
C HIS E 95 18.06 18.52 -6.78
N ILE E 96 19.14 18.98 -7.42
CA ILE E 96 20.08 18.03 -8.01
C ILE E 96 21.51 18.60 -8.05
N CYS E 97 22.46 17.86 -7.51
CA CYS E 97 23.87 18.22 -7.49
C CYS E 97 24.65 17.10 -8.17
N THR E 98 25.71 17.47 -8.89
CA THR E 98 26.57 16.49 -9.54
C THR E 98 28.00 16.99 -9.52
N SER E 99 28.94 16.05 -9.63
CA SER E 99 30.35 16.39 -9.62
C SER E 99 31.11 15.40 -10.48
N TRP E 100 32.26 15.84 -11.00
CA TRP E 100 33.09 14.99 -11.83
C TRP E 100 34.52 15.51 -11.79
N GLU E 101 35.47 14.61 -12.03
CA GLU E 101 36.87 14.98 -12.15
C GLU E 101 37.52 14.15 -13.24
N SER E 102 38.53 14.73 -13.89
CA SER E 102 39.21 14.06 -14.98
C SER E 102 40.18 13.00 -14.49
N ALA E 103 40.81 13.22 -13.33
CA ALA E 103 41.85 12.30 -12.87
C ALA E 103 41.31 10.90 -12.68
N SER E 104 40.14 10.76 -12.04
CA SER E 104 39.56 9.46 -11.74
C SER E 104 38.37 9.10 -12.62
N GLY E 105 37.61 10.09 -13.08
CA GLY E 105 36.44 9.81 -13.88
C GLY E 105 35.21 9.41 -13.11
N ILE E 106 35.21 9.60 -11.78
CA ILE E 106 34.05 9.22 -10.98
C ILE E 106 32.96 10.27 -11.10
N VAL E 107 31.73 9.85 -10.81
CA VAL E 107 30.61 10.77 -10.86
C VAL E 107 29.62 10.43 -9.75
N GLU E 108 28.99 11.46 -9.20
CA GLU E 108 28.03 11.27 -8.12
C GLU E 108 26.80 12.12 -8.41
N PHE E 109 25.64 11.49 -8.44
CA PHE E 109 24.39 12.18 -8.74
C PHE E 109 23.67 12.30 -7.40
N TRP E 110 23.92 13.41 -6.70
CA TRP E 110 23.23 13.71 -5.46
C TRP E 110 21.83 14.24 -5.78
N VAL E 111 20.80 13.52 -5.34
CA VAL E 111 19.41 13.89 -5.62
C VAL E 111 18.67 14.03 -4.30
N ASP E 112 18.01 15.18 -4.11
CA ASP E 112 17.20 15.37 -2.91
C ASP E 112 17.98 15.09 -1.64
N GLY E 113 19.26 15.42 -1.64
CA GLY E 113 20.08 15.21 -0.47
C GLY E 113 20.52 13.78 -0.24
N LYS E 114 20.38 12.90 -1.22
CA LYS E 114 20.78 11.51 -1.09
C LYS E 114 21.66 11.10 -2.26
N PRO E 115 22.59 10.19 -2.05
CA PRO E 115 23.44 9.71 -3.15
C PRO E 115 22.83 8.48 -3.82
N ARG E 116 23.35 8.16 -5.01
CA ARG E 116 22.89 7.00 -5.76
C ARG E 116 23.99 5.95 -5.89
N VAL E 117 25.08 6.26 -6.60
CA VAL E 117 26.16 5.31 -6.86
C VAL E 117 27.33 6.09 -7.43
N ARG E 118 28.53 5.56 -7.26
CA ARG E 118 29.69 6.06 -7.98
C ARG E 118 29.87 5.29 -9.28
N LYS E 119 30.15 6.02 -10.36
CA LYS E 119 30.32 5.43 -11.68
C LYS E 119 31.45 6.15 -12.42
N SER E 120 31.99 5.48 -13.42
CA SER E 120 33.16 5.96 -14.15
C SER E 120 32.77 6.43 -15.55
N LEU E 121 33.47 7.46 -16.03
CA LEU E 121 33.23 7.97 -17.37
C LEU E 121 34.38 8.89 -17.80
N LYS E 122 34.83 8.75 -19.05
CA LYS E 122 35.70 9.71 -19.73
C LYS E 122 36.82 10.20 -18.80
N LYS E 123 37.68 9.25 -18.44
CA LYS E 123 38.84 9.56 -17.61
C LYS E 123 39.96 10.10 -18.51
N GLY E 124 40.27 11.37 -18.37
CA GLY E 124 41.32 12.00 -19.16
C GLY E 124 40.84 13.21 -19.94
N TYR E 125 39.54 13.22 -20.25
CA TYR E 125 38.96 14.32 -21.01
C TYR E 125 39.07 15.64 -20.28
N THR E 126 39.54 16.68 -20.96
CA THR E 126 39.67 18.01 -20.38
C THR E 126 38.62 18.92 -20.99
N VAL E 127 37.95 19.71 -20.14
CA VAL E 127 36.87 20.56 -20.60
C VAL E 127 37.44 21.89 -21.12
N GLY E 128 36.66 22.55 -21.98
CA GLY E 128 37.05 23.81 -22.54
C GLY E 128 36.82 24.97 -21.59
N ALA E 129 37.16 26.17 -22.07
CA ALA E 129 37.04 27.38 -21.29
C ALA E 129 35.93 28.31 -21.78
N GLU E 130 35.96 28.67 -23.06
CA GLU E 130 34.89 29.50 -23.61
C GLU E 130 33.59 28.70 -23.65
N ALA E 131 32.49 29.35 -23.27
CA ALA E 131 31.22 28.66 -23.17
C ALA E 131 30.08 29.63 -23.44
N SER E 132 28.92 29.05 -23.81
CA SER E 132 27.69 29.83 -23.99
C SER E 132 26.74 29.00 -23.13
N ILE E 133 26.56 29.40 -21.88
CA ILE E 133 25.73 28.68 -20.91
C ILE E 133 24.29 29.14 -21.10
N ILE E 134 23.52 28.39 -21.88
CA ILE E 134 22.13 28.69 -22.11
C ILE E 134 21.27 27.97 -21.08
N LEU E 135 20.07 28.48 -20.87
CA LEU E 135 19.11 27.85 -19.96
C LEU E 135 17.71 28.10 -20.52
N GLY E 136 16.98 27.01 -20.74
CA GLY E 136 15.63 27.06 -21.30
C GLY E 136 15.46 26.07 -22.44
N GLN E 137 16.51 25.86 -23.23
CA GLN E 137 16.44 24.93 -24.35
C GLN E 137 17.84 24.39 -24.60
N GLU E 138 17.83 23.04 -24.98
CA GLU E 138 19.07 22.44 -25.35
C GLU E 138 19.48 22.97 -26.71
N GLN E 139 20.83 23.20 -26.86
CA GLN E 139 21.32 23.66 -28.13
C GLN E 139 22.32 22.69 -28.75
N ASP E 140 22.24 22.51 -30.04
CA ASP E 140 23.09 21.67 -30.87
C ASP E 140 24.17 22.47 -31.58
N SER E 141 24.34 23.72 -31.15
CA SER E 141 25.39 24.57 -31.70
C SER E 141 25.75 25.59 -30.64
N PHE E 142 26.61 26.55 -30.98
CA PHE E 142 27.02 27.57 -30.02
C PHE E 142 25.78 28.45 -29.99
N GLY E 143 24.94 28.23 -28.99
CA GLY E 143 23.80 29.09 -28.71
C GLY E 143 22.90 29.28 -29.91
N GLY E 144 22.34 28.20 -30.42
CA GLY E 144 21.47 28.29 -31.58
C GLY E 144 20.95 26.91 -31.95
N ASN E 145 20.11 26.85 -32.97
CA ASN E 145 19.59 25.57 -33.45
C ASN E 145 18.74 24.78 -32.46
N PHE E 146 17.85 25.49 -31.75
CA PHE E 146 16.98 24.84 -30.80
C PHE E 146 15.79 24.09 -31.38
N GLU E 147 15.40 23.00 -30.72
CA GLU E 147 14.23 22.23 -31.10
C GLU E 147 13.18 22.34 -29.99
N GLY E 148 11.96 22.70 -30.37
CA GLY E 148 10.91 22.97 -29.39
C GLY E 148 10.56 21.78 -28.53
N SER E 149 10.83 20.56 -28.99
CA SER E 149 10.50 19.39 -28.19
C SER E 149 11.22 19.40 -26.86
N GLN E 150 12.49 19.79 -26.86
CA GLN E 150 13.29 19.77 -25.63
C GLN E 150 13.02 20.99 -24.74
N SER E 151 12.26 21.95 -25.22
CA SER E 151 11.99 23.14 -24.44
C SER E 151 11.42 22.79 -23.08
N LEU E 152 11.72 23.58 -22.05
CA LEU E 152 11.22 23.35 -20.71
C LEU E 152 10.18 24.40 -20.35
N VAL E 153 9.09 23.97 -19.72
CA VAL E 153 8.05 24.88 -19.27
C VAL E 153 7.88 24.66 -17.79
N GLY E 154 7.97 25.70 -16.97
CA GLY E 154 7.99 25.58 -15.53
C GLY E 154 8.84 26.64 -14.86
N ASP E 155 9.70 26.31 -13.96
CA ASP E 155 10.56 27.29 -13.33
C ASP E 155 11.83 26.63 -12.82
N ILE E 156 12.84 27.38 -12.54
CA ILE E 156 14.14 26.87 -12.15
C ILE E 156 14.92 27.99 -11.46
N GLY E 157 15.85 27.60 -10.60
CA GLY E 157 16.69 28.58 -9.94
C GLY E 157 17.74 27.92 -9.07
N ASN E 158 18.35 28.71 -8.18
CA ASN E 158 19.36 28.17 -7.26
C ASN E 158 20.55 27.56 -7.98
N VAL E 159 20.88 28.07 -9.17
CA VAL E 159 21.97 27.47 -9.93
C VAL E 159 23.30 27.93 -9.35
N ASN E 160 24.23 27.00 -9.20
CA ASN E 160 25.56 27.31 -8.70
C ASN E 160 26.54 26.27 -9.20
N MET E 161 27.80 26.69 -9.34
CA MET E 161 28.84 25.83 -9.89
C MET E 161 30.16 26.08 -9.17
N TRP E 162 31.00 25.04 -9.14
CA TRP E 162 32.32 25.10 -8.57
C TRP E 162 33.29 24.38 -9.50
N ASP E 163 34.56 24.79 -9.46
CA ASP E 163 35.61 24.13 -10.22
C ASP E 163 36.38 23.11 -9.40
N PHE E 164 35.79 22.65 -8.31
CA PHE E 164 36.43 21.57 -7.58
C PHE E 164 35.39 20.54 -7.25
N VAL E 165 35.80 19.48 -6.59
CA VAL E 165 34.91 18.36 -6.28
C VAL E 165 34.61 18.45 -4.79
N LEU E 166 33.36 18.75 -4.47
CA LEU E 166 32.98 18.98 -3.09
C LEU E 166 32.98 17.67 -2.30
N SER E 167 33.32 17.77 -1.01
CA SER E 167 33.28 16.63 -0.12
C SER E 167 31.82 16.30 0.22
N PRO E 168 31.55 15.10 0.73
CA PRO E 168 30.16 14.68 0.89
C PRO E 168 29.39 15.43 1.98
N ASP E 169 30.05 16.36 2.67
CA ASP E 169 29.39 17.15 3.71
C ASP E 169 28.89 18.52 3.23
N GLU E 170 29.69 19.25 2.47
CA GLU E 170 29.23 20.54 1.96
C GLU E 170 27.95 20.39 1.14
N ILE E 171 27.76 19.23 0.51
CA ILE E 171 26.51 19.00 -0.22
C ILE E 171 25.33 19.05 0.74
N ASN E 172 25.49 18.45 1.93
CA ASN E 172 24.43 18.51 2.93
C ASN E 172 24.13 19.94 3.32
N THR E 173 25.17 20.76 3.53
CA THR E 173 24.95 22.16 3.90
C THR E 173 24.25 22.92 2.78
N ILE E 174 24.63 22.66 1.53
CA ILE E 174 23.91 23.24 0.40
C ILE E 174 22.44 22.86 0.47
N TYR E 175 22.16 21.58 0.71
CA TYR E 175 20.79 21.12 0.78
C TYR E 175 20.02 21.84 1.89
N LEU E 176 20.69 22.14 3.00
CA LEU E 176 20.05 22.84 4.10
C LEU E 176 20.00 24.35 3.89
N GLY E 177 20.68 24.88 2.89
CA GLY E 177 20.58 26.30 2.57
C GLY E 177 21.51 27.20 3.36
N GLY E 178 22.82 26.95 3.25
CA GLY E 178 23.80 27.72 3.98
C GLY E 178 24.62 28.63 3.09
N PRO E 179 25.49 29.45 3.69
CA PRO E 179 26.28 30.41 2.90
C PRO E 179 27.64 29.88 2.48
N PHE E 180 27.89 29.93 1.17
CA PHE E 180 29.08 29.37 0.54
C PHE E 180 29.46 30.24 -0.65
N SER E 181 30.64 29.97 -1.20
CA SER E 181 31.24 30.83 -2.23
C SER E 181 31.51 30.05 -3.51
N PRO E 182 30.58 30.06 -4.46
CA PRO E 182 30.89 29.53 -5.79
C PRO E 182 32.03 30.30 -6.44
N ASN E 183 32.78 29.61 -7.30
CA ASN E 183 33.92 30.20 -7.98
C ASN E 183 33.73 30.34 -9.48
N VAL E 184 32.67 29.78 -10.06
CA VAL E 184 32.43 29.89 -11.49
C VAL E 184 31.12 30.64 -11.73
N LEU E 185 30.02 30.06 -11.26
CA LEU E 185 28.70 30.68 -11.35
C LEU E 185 28.16 30.82 -9.93
N ASN E 186 27.85 32.05 -9.53
CA ASN E 186 27.41 32.33 -8.17
C ASN E 186 26.02 32.95 -8.23
N TRP E 187 25.04 32.26 -7.66
CA TRP E 187 23.68 32.78 -7.62
C TRP E 187 23.61 34.09 -6.84
N ARG E 188 24.48 34.25 -5.84
CA ARG E 188 24.46 35.48 -5.05
C ARG E 188 24.87 36.69 -5.89
N ALA E 189 25.79 36.50 -6.83
CA ALA E 189 26.24 37.58 -7.72
C ALA E 189 26.37 36.98 -9.12
N LEU E 190 25.47 37.34 -10.01
CA LEU E 190 25.34 36.67 -11.29
C LEU E 190 25.14 37.68 -12.40
N LYS E 191 25.60 37.31 -13.60
CA LYS E 191 25.41 38.10 -14.82
C LYS E 191 24.65 37.27 -15.83
N TYR E 192 23.68 37.88 -16.50
CA TYR E 192 22.79 37.13 -17.38
C TYR E 192 22.17 38.08 -18.39
N GLU E 193 21.60 37.49 -19.43
CA GLU E 193 20.84 38.23 -20.44
C GLU E 193 19.75 37.31 -20.98
N VAL E 194 18.52 37.82 -21.08
CA VAL E 194 17.36 37.01 -21.37
C VAL E 194 16.67 37.51 -22.62
N GLN E 195 16.12 36.56 -23.39
CA GLN E 195 15.32 36.86 -24.58
C GLN E 195 14.02 36.05 -24.53
N GLY E 196 12.97 36.65 -25.09
CA GLY E 196 11.70 35.96 -25.21
C GLY E 196 10.85 36.08 -23.96
N GLU E 197 9.91 35.14 -23.84
CA GLU E 197 8.94 35.13 -22.74
C GLU E 197 9.53 34.36 -21.58
N VAL E 198 10.17 35.09 -20.67
CA VAL E 198 10.66 34.54 -19.41
C VAL E 198 10.44 35.61 -18.34
N PHE E 199 10.15 35.17 -17.12
CA PHE E 199 9.88 36.10 -16.04
C PHE E 199 10.68 35.73 -14.80
N THR E 200 10.81 36.70 -13.90
CA THR E 200 11.46 36.52 -12.62
C THR E 200 10.41 36.67 -11.51
N LYS E 201 10.31 35.67 -10.66
CA LYS E 201 9.31 35.71 -9.60
C LYS E 201 9.87 35.07 -8.33
N PRO E 202 9.32 35.41 -7.16
CA PRO E 202 9.77 34.75 -5.93
C PRO E 202 9.61 33.25 -6.05
N GLN E 203 10.62 32.53 -5.56
CA GLN E 203 10.63 31.07 -5.70
C GLN E 203 9.44 30.52 -4.92
N LEU E 204 8.51 29.89 -5.63
CA LEU E 204 7.35 29.29 -4.97
C LEU E 204 7.82 28.09 -4.16
N TRP E 205 8.74 27.34 -4.66
CA TRP E 205 9.24 26.20 -3.91
C TRP E 205 9.90 26.73 -2.64
N PRO E 206 10.01 25.92 -1.62
CA PRO E 206 10.48 26.35 -0.29
C PRO E 206 11.94 26.77 -0.26
N VAL F 4 25.77 4.01 -37.81
CA VAL F 4 26.10 4.23 -39.21
C VAL F 4 25.66 3.04 -40.05
N GLN F 5 25.33 1.94 -39.37
CA GLN F 5 24.87 0.73 -40.03
C GLN F 5 23.93 -0.02 -39.10
N LEU F 6 23.08 -0.86 -39.69
CA LEU F 6 22.09 -1.60 -38.91
C LEU F 6 21.48 -2.74 -39.71
N VAL F 7 21.28 -3.89 -39.04
CA VAL F 7 20.70 -5.06 -39.68
C VAL F 7 19.79 -5.78 -38.70
N GLU F 8 18.67 -6.30 -39.18
CA GLU F 8 17.73 -6.97 -38.29
C GLU F 8 17.33 -8.35 -38.79
N SER F 9 16.91 -9.21 -37.86
CA SER F 9 16.47 -10.56 -38.19
C SER F 9 15.34 -10.95 -37.25
N GLY F 10 14.20 -11.32 -37.82
CA GLY F 10 13.04 -11.68 -37.03
C GLY F 10 11.85 -11.92 -37.94
N GLY F 11 10.82 -12.48 -37.36
CA GLY F 11 9.61 -12.80 -38.12
C GLY F 11 8.35 -12.48 -37.34
N GLY F 12 7.32 -12.09 -38.06
CA GLY F 12 6.01 -11.82 -37.51
C GLY F 12 5.06 -12.99 -37.74
N LEU F 13 3.84 -12.84 -37.86
CA LEU F 13 2.91 -13.94 -38.09
C LEU F 13 3.06 -14.99 -37.01
N VAL F 14 3.05 -14.55 -35.75
CA VAL F 14 3.19 -15.48 -34.65
C VAL F 14 1.84 -15.75 -34.00
N GLN F 15 1.66 -16.96 -33.47
CA GLN F 15 0.38 -17.32 -32.88
C GLN F 15 0.21 -16.72 -31.50
N ALA F 16 -1.00 -16.76 -30.96
CA ALA F 16 -1.27 -16.13 -29.68
C ALA F 16 -0.61 -16.91 -28.54
N GLY F 17 0.36 -16.28 -27.88
CA GLY F 17 0.95 -16.81 -26.67
C GLY F 17 2.32 -17.45 -26.84
N GLU F 18 2.68 -17.80 -28.06
CA GLU F 18 3.96 -18.44 -28.33
C GLU F 18 5.11 -17.47 -28.21
N SER F 19 6.33 -17.99 -28.38
CA SER F 19 7.50 -17.16 -28.25
C SER F 19 8.00 -16.61 -29.56
N LEU F 20 9.06 -15.82 -29.50
CA LEU F 20 9.67 -15.27 -30.70
C LEU F 20 11.06 -14.77 -30.35
N ARG F 21 11.99 -14.89 -31.30
CA ARG F 21 13.39 -14.53 -31.10
C ARG F 21 13.77 -13.48 -32.13
N LEU F 22 13.97 -12.30 -31.85
CA LEU F 22 14.41 -11.32 -32.83
C LEU F 22 15.85 -11.00 -32.53
N SER F 23 16.53 -10.33 -33.37
CA SER F 23 17.97 -10.09 -33.32
C SER F 23 18.30 -8.87 -34.16
N CYS F 24 19.38 -8.19 -33.78
CA CYS F 24 19.89 -7.05 -34.52
C CYS F 24 21.40 -7.04 -34.46
N THR F 25 22.00 -6.46 -35.49
CA THR F 25 23.45 -6.37 -35.62
C THR F 25 23.82 -5.01 -36.19
N ALA F 26 25.09 -4.66 -36.06
CA ALA F 26 25.62 -3.39 -36.55
C ALA F 26 27.12 -3.54 -36.73
N SER F 27 27.76 -2.45 -37.19
CA SER F 27 29.19 -2.43 -37.43
C SER F 27 29.97 -1.72 -36.33
N ILE F 28 29.45 -1.71 -35.10
CA ILE F 28 30.11 -0.97 -34.02
C ILE F 28 30.11 -1.66 -32.67
N ASN F 29 31.18 -1.48 -31.89
CA ASN F 29 31.23 -2.06 -30.55
C ASN F 29 30.05 -1.61 -29.72
N ILE F 30 29.71 -2.36 -28.68
CA ILE F 30 28.61 -1.97 -27.84
C ILE F 30 29.14 -1.30 -26.58
N ALA F 31 30.44 -1.37 -26.35
CA ALA F 31 31.01 -0.70 -25.19
C ALA F 31 30.65 0.79 -25.23
N GLY F 32 30.05 1.27 -24.15
CA GLY F 32 29.61 2.66 -24.10
C GLY F 32 28.47 2.99 -25.03
N LEU F 33 27.64 2.00 -25.38
CA LEU F 33 26.47 2.23 -26.21
C LEU F 33 25.30 1.43 -25.63
N ALA F 34 24.34 2.13 -25.04
CA ALA F 34 23.13 1.47 -24.54
C ALA F 34 22.19 1.20 -25.72
N MET F 35 21.82 -0.07 -25.90
CA MET F 35 21.01 -0.50 -27.03
C MET F 35 19.67 -1.00 -26.54
N GLY F 36 18.62 -0.73 -27.32
CA GLY F 36 17.29 -1.09 -26.87
C GLY F 36 16.29 -1.20 -27.99
N TRP F 37 15.05 -1.48 -27.59
CA TRP F 37 13.93 -1.75 -28.47
C TRP F 37 12.75 -0.87 -28.10
N TYR F 38 12.11 -0.30 -29.13
CA TYR F 38 10.95 0.56 -29.02
C TYR F 38 9.78 -0.11 -29.75
N ARG F 39 8.56 0.16 -29.31
CA ARG F 39 7.37 -0.40 -29.93
C ARG F 39 6.56 0.71 -30.59
N GLN F 40 6.07 0.44 -31.79
CA GLN F 40 5.24 1.37 -32.56
C GLN F 40 4.02 0.59 -33.05
N ALA F 41 2.95 0.63 -32.27
CA ALA F 41 1.70 -0.02 -32.65
C ALA F 41 0.93 0.89 -33.60
N PRO F 42 -0.21 0.44 -34.11
CA PRO F 42 -1.02 1.32 -34.96
C PRO F 42 -1.42 2.57 -34.20
N GLY F 43 -1.40 3.70 -34.90
CA GLY F 43 -1.64 4.97 -34.23
C GLY F 43 -0.63 5.19 -33.13
N LYS F 44 -1.12 5.66 -31.98
CA LYS F 44 -0.28 5.91 -30.82
C LYS F 44 1.01 6.65 -31.19
N GLN F 45 2.15 6.07 -30.84
CA GLN F 45 3.43 6.70 -31.10
C GLN F 45 4.53 5.68 -30.80
N ARG F 46 5.68 5.89 -31.42
CA ARG F 46 6.83 5.02 -31.17
C ARG F 46 7.24 5.14 -29.70
N GLU F 47 7.07 4.04 -28.97
CA GLU F 47 7.39 4.05 -27.54
C GLU F 47 8.50 3.06 -27.27
N LEU F 48 9.14 3.11 -26.09
CA LEU F 48 10.25 2.20 -25.72
C LEU F 48 9.91 0.88 -25.01
N ALA F 49 10.12 -0.25 -25.67
CA ALA F 49 9.85 -1.56 -25.09
C ALA F 49 10.79 -1.84 -23.92
N ALA F 50 12.09 -1.87 -24.20
CA ALA F 50 13.07 -2.07 -23.13
C ALA F 50 14.47 -2.01 -23.73
N LEU F 51 15.42 -1.63 -22.89
CA LEU F 51 16.80 -1.55 -23.36
C LEU F 51 17.76 -2.05 -22.30
N SER F 52 19.02 -2.21 -22.68
CA SER F 52 20.06 -2.67 -21.77
C SER F 52 20.98 -1.50 -21.46
N THR F 53 21.15 -1.21 -20.17
CA THR F 53 22.02 -0.12 -19.77
C THR F 53 23.46 -0.40 -20.17
N ASN F 54 24.30 0.62 -20.08
CA ASN F 54 25.71 0.46 -20.44
C ASN F 54 26.43 -0.49 -19.49
N SER F 55 26.10 -0.45 -18.19
CA SER F 55 26.85 -1.18 -17.18
C SER F 55 25.89 -1.92 -16.25
N GLY F 56 25.69 -3.21 -16.52
CA GLY F 56 25.03 -4.11 -15.58
C GLY F 56 23.63 -3.71 -15.13
N THR F 57 22.77 -3.34 -16.08
CA THR F 57 21.38 -3.06 -15.74
C THR F 57 20.55 -3.15 -17.01
N THR F 58 19.25 -3.41 -16.84
CA THR F 58 18.34 -3.50 -17.98
C THR F 58 17.02 -2.80 -17.65
N ILE F 59 16.76 -1.71 -18.37
CA ILE F 59 15.52 -0.98 -18.18
C ILE F 59 14.41 -1.71 -18.91
N TYR F 60 13.23 -1.74 -18.32
CA TYR F 60 12.10 -2.42 -18.92
C TYR F 60 10.91 -1.48 -19.02
N GLY F 61 10.23 -1.53 -20.17
CA GLY F 61 9.00 -0.77 -20.34
C GLY F 61 7.96 -1.14 -19.30
N ASN F 62 7.34 -0.14 -18.69
CA ASN F 62 6.36 -0.41 -17.65
C ASN F 62 5.17 -1.19 -18.18
N SER F 63 4.73 -0.88 -19.39
CA SER F 63 3.54 -1.53 -19.94
C SER F 63 3.68 -3.04 -19.91
N VAL F 64 4.81 -3.57 -20.37
CA VAL F 64 5.04 -5.01 -20.40
C VAL F 64 6.09 -5.39 -19.37
N LYS F 65 5.63 -5.77 -18.19
CA LYS F 65 6.56 -6.19 -17.16
C LYS F 65 6.83 -7.67 -17.33
N GLY F 66 8.06 -8.08 -17.10
CA GLY F 66 8.44 -9.47 -17.27
C GLY F 66 8.02 -10.01 -18.61
N ARG F 67 8.00 -9.14 -19.62
CA ARG F 67 7.53 -9.52 -20.94
C ARG F 67 8.61 -10.22 -21.75
N PHE F 68 9.79 -9.61 -21.84
CA PHE F 68 10.86 -10.13 -22.68
C PHE F 68 12.19 -9.94 -21.95
N THR F 69 13.27 -10.34 -22.60
CA THR F 69 14.61 -10.27 -22.04
C THR F 69 15.50 -9.48 -22.97
N ILE F 70 16.39 -8.65 -22.43
CA ILE F 70 17.23 -7.81 -23.29
C ILE F 70 18.35 -8.62 -23.93
N SER F 71 18.85 -9.65 -23.24
CA SER F 71 19.89 -10.50 -23.81
C SER F 71 21.05 -9.76 -24.46
N ARG F 72 21.69 -8.89 -23.69
CA ARG F 72 22.76 -8.04 -24.23
C ARG F 72 23.87 -8.88 -24.86
N ASP F 73 24.18 -8.58 -26.12
CA ASP F 73 25.32 -9.19 -26.79
C ASP F 73 26.60 -8.45 -26.43
N ASN F 74 27.70 -9.19 -26.37
CA ASN F 74 29.01 -8.59 -26.14
C ASN F 74 29.98 -9.14 -27.19
N ALA F 75 30.95 -8.35 -27.62
CA ALA F 75 31.94 -8.74 -28.63
C ALA F 75 31.30 -8.84 -30.00
N LYS F 76 29.98 -8.69 -30.05
CA LYS F 76 29.22 -8.74 -31.29
C LYS F 76 27.98 -7.86 -31.11
N LYS F 77 27.16 -7.81 -32.17
CA LYS F 77 25.93 -7.02 -32.18
C LYS F 77 24.82 -8.02 -32.47
N THR F 78 24.18 -8.55 -31.41
CA THR F 78 23.04 -9.47 -31.56
C THR F 78 22.05 -9.36 -30.39
N VAL F 79 21.17 -8.37 -30.44
CA VAL F 79 20.20 -8.19 -29.36
C VAL F 79 19.08 -9.20 -29.44
N TYR F 80 18.56 -9.61 -28.29
CA TYR F 80 17.51 -10.61 -28.25
C TYR F 80 16.41 -10.16 -27.31
N LEU F 81 15.20 -10.68 -27.53
CA LEU F 81 14.04 -10.34 -26.72
C LEU F 81 13.44 -11.53 -26.00
N GLN F 82 13.44 -12.71 -26.62
CA GLN F 82 12.85 -13.92 -26.03
C GLN F 82 11.38 -13.67 -25.71
N VAL F 83 10.63 -13.39 -26.77
CA VAL F 83 9.21 -13.14 -26.61
C VAL F 83 8.53 -14.35 -26.02
N ASP F 84 7.47 -14.13 -25.27
CA ASP F 84 6.67 -15.21 -24.70
C ASP F 84 5.31 -14.63 -24.31
N SER F 85 4.33 -15.51 -24.21
CA SER F 85 2.96 -15.10 -23.90
C SER F 85 2.50 -14.04 -24.88
N LEU F 86 2.81 -14.25 -26.16
CA LEU F 86 2.45 -13.30 -27.21
C LEU F 86 0.95 -13.13 -27.20
N LYS F 87 0.49 -11.93 -26.96
CA LYS F 87 -0.92 -11.62 -27.01
C LYS F 87 -1.25 -10.77 -28.23
N PRO F 88 -2.54 -10.54 -28.50
CA PRO F 88 -2.89 -9.77 -29.70
C PRO F 88 -2.36 -8.35 -29.69
N GLU F 89 -2.21 -7.72 -28.52
CA GLU F 89 -1.80 -6.32 -28.49
C GLU F 89 -0.35 -6.13 -28.93
N ASP F 90 0.40 -7.22 -29.07
CA ASP F 90 1.82 -7.10 -29.43
C ASP F 90 2.03 -6.74 -30.89
N THR F 91 0.99 -6.79 -31.70
CA THR F 91 1.13 -6.51 -33.12
C THR F 91 1.61 -5.08 -33.34
N GLY F 92 2.50 -4.91 -34.32
CA GLY F 92 3.05 -3.61 -34.64
C GLY F 92 4.50 -3.66 -35.04
N ILE F 93 5.10 -2.49 -35.27
CA ILE F 93 6.52 -2.43 -35.57
C ILE F 93 7.32 -2.48 -34.28
N TYR F 94 8.49 -3.12 -34.34
CA TYR F 94 9.43 -3.19 -33.23
C TYR F 94 10.73 -2.58 -33.74
N TYR F 95 10.96 -1.32 -33.38
CA TYR F 95 12.20 -0.64 -33.71
C TYR F 95 13.29 -1.05 -32.74
N CYS F 96 14.53 -0.98 -33.20
CA CYS F 96 15.66 -1.26 -32.33
C CYS F 96 16.80 -0.32 -32.69
N ASN F 97 17.48 0.22 -31.69
CA ASN F 97 18.52 1.20 -31.98
C ASN F 97 19.46 1.35 -30.79
N VAL F 98 20.61 1.98 -31.08
CA VAL F 98 21.61 2.34 -30.09
C VAL F 98 21.82 3.84 -30.16
N ARG F 99 21.60 4.53 -29.04
CA ARG F 99 21.79 5.96 -28.96
C ARG F 99 22.92 6.27 -27.98
N PHE F 100 23.89 7.06 -28.44
CA PHE F 100 24.95 7.58 -27.59
C PHE F 100 24.77 9.09 -27.48
N ASN F 101 24.47 9.58 -26.29
CA ASN F 101 24.23 11.01 -26.12
C ASN F 101 22.89 11.41 -26.74
N PRO F 102 22.26 12.46 -26.20
CA PRO F 102 20.91 12.84 -26.67
C PRO F 102 21.13 13.47 -28.03
N ASP F 103 20.10 13.45 -28.88
CA ASP F 103 20.19 14.09 -30.21
C ASP F 103 21.07 13.30 -31.18
N ARG F 104 21.48 12.10 -30.81
CA ARG F 104 22.27 11.24 -31.69
C ARG F 104 21.93 9.79 -31.36
N ILE F 105 21.06 9.17 -32.13
CA ILE F 105 20.62 7.80 -31.83
C ILE F 105 20.69 6.87 -33.04
N TYR F 106 20.87 7.44 -34.23
CA TYR F 106 21.00 6.64 -35.45
C TYR F 106 19.88 5.59 -35.52
N TRP F 107 18.64 6.10 -35.64
CA TRP F 107 17.45 5.28 -35.60
C TRP F 107 17.49 4.04 -36.49
N GLY F 108 17.09 2.90 -35.91
CA GLY F 108 16.98 1.67 -36.67
C GLY F 108 15.80 1.58 -37.63
N GLN F 109 15.70 0.46 -38.33
CA GLN F 109 14.62 0.28 -39.32
C GLN F 109 13.43 -0.46 -38.74
N GLY F 110 13.65 -1.37 -37.80
CA GLY F 110 12.56 -2.04 -37.14
C GLY F 110 11.96 -3.16 -37.97
N THR F 111 11.21 -4.02 -37.30
CA THR F 111 10.61 -5.18 -37.94
C THR F 111 9.18 -5.34 -37.46
N GLN F 112 8.27 -5.62 -38.39
CA GLN F 112 6.87 -5.75 -38.02
C GLN F 112 6.56 -7.14 -37.52
N VAL F 113 5.60 -7.21 -36.59
CA VAL F 113 5.18 -8.50 -36.07
C VAL F 113 3.66 -8.51 -35.89
N THR F 114 3.03 -9.55 -36.41
CA THR F 114 1.59 -9.68 -36.30
C THR F 114 1.21 -10.69 -35.24
N VAL F 115 -0.06 -10.68 -34.86
CA VAL F 115 -0.57 -11.62 -33.87
C VAL F 115 -1.76 -12.34 -34.49
N SER F 116 -1.59 -13.62 -34.80
CA SER F 116 -2.70 -14.43 -35.29
C SER F 116 -3.63 -14.79 -34.13
N SER F 117 -4.92 -14.56 -34.32
CA SER F 117 -5.91 -14.84 -33.29
C SER F 117 -6.33 -16.30 -33.32
N GLN G 1 -20.53 45.39 7.97
CA GLN G 1 -19.71 45.72 9.16
C GLN G 1 -20.01 44.73 10.30
N THR G 2 -19.73 43.46 10.05
CA THR G 2 -19.94 42.41 11.04
C THR G 2 -18.79 41.42 10.97
N ASP G 3 -18.49 40.80 12.11
CA ASP G 3 -17.44 39.81 12.19
C ASP G 3 -18.02 38.41 12.06
N MET G 4 -17.21 37.50 11.51
CA MET G 4 -17.61 36.11 11.36
C MET G 4 -16.48 35.16 11.77
N SER G 5 -15.58 35.62 12.63
CA SER G 5 -14.49 34.78 13.09
C SER G 5 -15.03 33.51 13.73
N ARG G 6 -14.48 32.37 13.31
CA ARG G 6 -14.86 31.06 13.83
C ARG G 6 -16.29 30.68 13.45
N LYS G 7 -16.89 31.39 12.49
CA LYS G 7 -18.23 31.07 12.00
C LYS G 7 -18.13 30.63 10.55
N ALA G 8 -19.18 29.94 10.08
CA ALA G 8 -19.19 29.44 8.72
C ALA G 8 -20.64 29.29 8.26
N PHE G 9 -20.84 29.40 6.94
CA PHE G 9 -22.15 29.25 6.35
C PHE G 9 -22.39 27.78 5.99
N VAL G 10 -23.61 27.32 6.26
CA VAL G 10 -24.01 25.94 6.07
C VAL G 10 -25.20 25.90 5.14
N PHE G 11 -25.09 25.12 4.06
CA PHE G 11 -26.19 24.82 3.16
C PHE G 11 -26.64 23.39 3.43
N PRO G 12 -27.82 23.16 4.02
CA PRO G 12 -28.18 21.80 4.44
C PRO G 12 -28.42 20.84 3.28
N LYS G 13 -29.25 21.24 2.33
CA LYS G 13 -29.70 20.39 1.23
C LYS G 13 -29.39 21.09 -0.08
N GLU G 14 -29.64 20.38 -1.18
CA GLU G 14 -29.49 20.96 -2.50
C GLU G 14 -30.75 21.74 -2.84
N SER G 15 -30.58 22.96 -3.36
CA SER G 15 -31.71 23.79 -3.74
C SER G 15 -31.22 24.99 -4.53
N ASP G 16 -31.97 25.42 -5.54
CA ASP G 16 -31.50 26.53 -6.36
C ASP G 16 -32.06 27.87 -5.87
N THR G 17 -32.57 27.90 -4.64
CA THR G 17 -33.18 29.12 -4.09
C THR G 17 -32.39 29.75 -2.95
N SER G 18 -31.64 28.95 -2.21
CA SER G 18 -30.89 29.44 -1.08
C SER G 18 -29.51 29.91 -1.52
N TYR G 19 -29.10 31.08 -1.07
CA TYR G 19 -27.80 31.63 -1.43
C TYR G 19 -27.53 32.87 -0.60
N VAL G 20 -26.25 33.21 -0.47
CA VAL G 20 -25.85 34.46 0.17
C VAL G 20 -25.22 35.35 -0.89
N SER G 21 -25.24 36.65 -0.62
CA SER G 21 -24.71 37.65 -1.53
C SER G 21 -23.85 38.62 -0.75
N LEU G 22 -22.64 38.87 -1.24
CA LEU G 22 -21.67 39.72 -0.56
C LEU G 22 -21.44 40.98 -1.39
N LYS G 23 -21.24 42.10 -0.70
CA LYS G 23 -21.02 43.39 -1.34
C LYS G 23 -19.63 43.91 -0.99
N ALA G 24 -19.03 44.63 -1.94
CA ALA G 24 -17.70 45.18 -1.78
C ALA G 24 -17.69 46.65 -2.16
N PRO G 25 -16.77 47.44 -1.60
CA PRO G 25 -16.69 48.86 -1.93
C PRO G 25 -15.80 49.20 -3.12
N LEU G 26 -15.45 48.23 -3.96
CA LEU G 26 -14.52 48.48 -5.05
C LEU G 26 -15.09 49.52 -6.01
N THR G 27 -14.20 50.33 -6.59
CA THR G 27 -14.60 51.38 -7.51
C THR G 27 -13.79 51.38 -8.80
N LYS G 28 -12.56 50.88 -8.76
CA LYS G 28 -11.66 50.93 -9.89
C LYS G 28 -11.60 49.59 -10.61
N PRO G 29 -11.25 49.59 -11.90
CA PRO G 29 -11.16 48.32 -12.63
C PRO G 29 -10.04 47.45 -12.07
N LEU G 30 -10.43 46.25 -11.62
CA LEU G 30 -9.46 45.32 -11.07
C LEU G 30 -8.50 44.90 -12.15
N LYS G 31 -7.21 44.85 -11.82
CA LYS G 31 -6.22 44.38 -12.77
C LYS G 31 -5.40 43.19 -12.28
N ALA G 32 -5.20 43.06 -10.97
CA ALA G 32 -4.55 41.89 -10.39
C ALA G 32 -5.19 41.62 -9.05
N PHE G 33 -5.50 40.35 -8.79
CA PHE G 33 -6.27 40.00 -7.60
C PHE G 33 -5.81 38.67 -7.03
N THR G 34 -6.34 38.35 -5.86
CA THR G 34 -6.03 37.12 -5.13
C THR G 34 -7.21 36.80 -4.23
N VAL G 35 -7.46 35.52 -4.05
CA VAL G 35 -8.55 35.09 -3.20
C VAL G 35 -8.14 33.90 -2.36
N CYS G 36 -8.85 33.67 -1.28
CA CYS G 36 -8.58 32.55 -0.38
C CYS G 36 -9.87 32.16 0.33
N LEU G 37 -10.03 30.85 0.55
CA LEU G 37 -11.22 30.35 1.20
C LEU G 37 -11.09 28.95 1.72
N HIS G 38 -11.99 28.55 2.60
CA HIS G 38 -12.02 27.19 3.10
C HIS G 38 -13.41 26.65 2.87
N PHE G 39 -13.51 25.37 2.53
CA PHE G 39 -14.81 24.77 2.28
C PHE G 39 -14.76 23.28 2.63
N TYR G 40 -15.95 22.71 2.78
CA TYR G 40 -16.06 21.32 3.17
C TYR G 40 -17.37 20.72 2.68
N THR G 41 -17.29 19.72 1.80
CA THR G 41 -18.45 19.03 1.24
C THR G 41 -17.99 17.67 0.76
N GLU G 42 -18.92 16.91 0.15
CA GLU G 42 -18.65 15.56 -0.29
C GLU G 42 -19.28 15.24 -1.64
N LEU G 43 -19.62 16.28 -2.42
CA LEU G 43 -20.28 16.10 -3.72
C LEU G 43 -19.36 15.65 -4.83
N SER G 44 -18.09 15.48 -4.55
CA SER G 44 -17.14 15.19 -5.62
C SER G 44 -17.53 13.96 -6.41
N SER G 45 -17.88 12.88 -5.71
CA SER G 45 -18.16 11.61 -6.37
C SER G 45 -19.58 11.54 -6.94
N THR G 46 -20.32 12.63 -6.94
CA THR G 46 -21.72 12.62 -7.40
C THR G 46 -21.97 13.53 -8.57
N ARG G 47 -21.41 14.73 -8.58
CA ARG G 47 -21.67 15.71 -9.64
C ARG G 47 -20.67 16.85 -9.48
N GLY G 48 -20.84 17.89 -10.29
CA GLY G 48 -20.03 19.08 -10.19
C GLY G 48 -20.74 20.16 -9.37
N TYR G 49 -19.94 20.93 -8.63
CA TYR G 49 -20.46 21.98 -7.77
C TYR G 49 -19.65 23.25 -7.96
N SER G 50 -20.32 24.39 -7.79
CA SER G 50 -19.69 25.69 -7.94
C SER G 50 -19.15 26.17 -6.59
N ILE G 51 -17.87 26.52 -6.56
CA ILE G 51 -17.24 26.97 -5.33
C ILE G 51 -17.32 28.47 -5.18
N PHE G 52 -16.97 29.22 -6.23
CA PHE G 52 -16.98 30.68 -6.17
C PHE G 52 -17.46 31.23 -7.49
N SER G 53 -18.36 32.21 -7.44
CA SER G 53 -18.97 32.77 -8.64
C SER G 53 -18.99 34.28 -8.53
N TYR G 54 -18.41 34.95 -9.52
CA TYR G 54 -18.47 36.41 -9.58
C TYR G 54 -19.62 36.79 -10.50
N ALA G 55 -19.71 38.05 -10.90
CA ALA G 55 -20.77 38.49 -11.79
C ALA G 55 -20.46 39.88 -12.31
N THR G 56 -20.83 40.12 -13.57
CA THR G 56 -20.70 41.43 -14.18
C THR G 56 -21.80 41.61 -15.22
N LYS G 57 -22.03 42.87 -15.60
CA LYS G 57 -23.09 43.18 -16.55
C LYS G 57 -22.86 42.48 -17.88
N ARG G 58 -21.64 42.56 -18.42
CA ARG G 58 -21.39 42.07 -19.76
C ARG G 58 -21.16 40.57 -19.81
N GLN G 59 -20.49 40.00 -18.82
CA GLN G 59 -20.14 38.59 -18.82
C GLN G 59 -20.71 37.93 -17.57
N ASP G 60 -21.31 36.76 -17.75
CA ASP G 60 -21.89 36.04 -16.62
C ASP G 60 -20.83 35.60 -15.63
N ASN G 61 -19.68 35.13 -16.11
CA ASN G 61 -18.63 34.57 -15.26
C ASN G 61 -17.35 35.37 -15.48
N GLU G 62 -17.11 36.35 -14.63
CA GLU G 62 -15.90 37.13 -14.71
C GLU G 62 -14.83 36.31 -14.05
N ILE G 63 -15.09 35.85 -12.85
CA ILE G 63 -14.16 34.98 -12.13
C ILE G 63 -14.98 33.84 -11.58
N LEU G 64 -14.50 32.60 -11.71
CA LEU G 64 -15.32 31.45 -11.33
C LEU G 64 -14.42 30.27 -10.98
N ILE G 65 -14.64 29.69 -9.80
CA ILE G 65 -13.95 28.51 -9.35
C ILE G 65 -14.98 27.39 -9.20
N PHE G 66 -14.77 26.29 -9.92
CA PHE G 66 -15.75 25.22 -10.05
C PHE G 66 -15.02 23.87 -9.92
N TRP G 67 -15.80 22.82 -9.67
CA TRP G 67 -15.27 21.46 -9.57
C TRP G 67 -15.94 20.60 -10.64
N SER G 68 -15.13 20.00 -11.50
CA SER G 68 -15.64 19.18 -12.60
C SER G 68 -15.44 17.70 -12.30
N LYS G 69 -16.47 16.92 -12.58
CA LYS G 69 -16.52 15.51 -12.19
C LYS G 69 -15.33 14.74 -12.75
N ASP G 70 -14.59 14.06 -11.86
CA ASP G 70 -13.44 13.27 -12.28
C ASP G 70 -12.34 14.11 -12.92
N ILE G 71 -12.50 15.43 -12.91
CA ILE G 71 -11.53 16.32 -13.54
C ILE G 71 -10.76 17.11 -12.49
N GLY G 72 -11.48 17.81 -11.61
CA GLY G 72 -10.83 18.57 -10.56
C GLY G 72 -11.22 20.03 -10.57
N TYR G 73 -10.33 20.90 -10.13
CA TYR G 73 -10.63 22.32 -10.04
C TYR G 73 -10.50 22.99 -11.39
N SER G 74 -11.46 23.88 -11.68
CA SER G 74 -11.46 24.67 -12.90
C SER G 74 -11.59 26.13 -12.51
N PHE G 75 -10.71 26.96 -13.07
CA PHE G 75 -10.60 28.37 -12.68
C PHE G 75 -10.69 29.21 -13.95
N THR G 76 -11.70 30.07 -14.02
CA THR G 76 -11.94 30.91 -15.19
C THR G 76 -11.84 32.37 -14.78
N VAL G 77 -11.12 33.16 -15.58
CA VAL G 77 -10.98 34.58 -15.35
C VAL G 77 -11.67 35.35 -16.48
N GLY G 78 -12.56 34.67 -17.19
CA GLY G 78 -13.25 35.27 -18.31
C GLY G 78 -13.75 34.21 -19.26
N GLY G 79 -13.39 34.32 -20.54
CA GLY G 79 -13.79 33.35 -21.52
C GLY G 79 -12.77 32.23 -21.68
N SER G 80 -11.85 32.14 -20.72
CA SER G 80 -10.80 31.15 -20.74
C SER G 80 -10.63 30.56 -19.36
N GLU G 81 -9.97 29.40 -19.26
CA GLU G 81 -9.79 28.75 -17.97
C GLU G 81 -8.59 27.82 -18.03
N ILE G 82 -8.12 27.43 -16.84
CA ILE G 82 -7.10 26.41 -16.67
C ILE G 82 -7.77 25.19 -16.05
N LEU G 83 -7.32 24.01 -16.44
CA LEU G 83 -7.86 22.75 -15.93
C LEU G 83 -6.84 22.14 -14.97
N PHE G 84 -6.92 22.53 -13.70
CA PHE G 84 -6.05 21.98 -12.67
C PHE G 84 -6.53 20.60 -12.29
N GLU G 85 -5.58 19.66 -12.32
CA GLU G 85 -5.93 18.27 -12.09
C GLU G 85 -5.69 17.74 -10.71
N VAL G 86 -6.62 16.94 -10.24
CA VAL G 86 -6.51 16.28 -8.95
C VAL G 86 -6.74 14.78 -9.18
N PRO G 87 -5.74 13.92 -8.94
CA PRO G 87 -5.92 12.50 -9.26
C PRO G 87 -6.91 11.79 -8.35
N GLU G 88 -6.70 11.96 -7.04
CA GLU G 88 -7.53 11.28 -6.06
C GLU G 88 -8.34 12.26 -5.24
N VAL G 89 -9.40 11.77 -4.62
CA VAL G 89 -10.29 12.59 -3.81
C VAL G 89 -10.42 11.97 -2.43
N THR G 90 -10.43 12.82 -1.41
CA THR G 90 -10.64 12.41 -0.02
C THR G 90 -11.78 13.25 0.55
N VAL G 91 -12.14 12.97 1.80
CA VAL G 91 -13.18 13.70 2.51
C VAL G 91 -12.58 14.39 3.72
N ALA G 92 -12.42 15.70 3.64
CA ALA G 92 -11.87 16.50 4.73
C ALA G 92 -11.95 17.97 4.33
N PRO G 93 -11.86 18.88 5.30
CA PRO G 93 -11.88 20.31 4.95
C PRO G 93 -10.72 20.67 4.04
N VAL G 94 -10.95 21.66 3.17
CA VAL G 94 -9.97 22.03 2.16
C VAL G 94 -9.82 23.54 2.11
N HIS G 95 -8.57 23.99 2.06
CA HIS G 95 -8.21 25.38 1.81
C HIS G 95 -7.85 25.56 0.34
N ILE G 96 -8.13 26.74 -0.21
CA ILE G 96 -7.69 27.04 -1.57
C ILE G 96 -7.46 28.53 -1.77
N CYS G 97 -6.27 28.90 -2.24
CA CYS G 97 -5.89 30.28 -2.55
C CYS G 97 -5.48 30.35 -4.01
N THR G 98 -5.79 31.46 -4.66
CA THR G 98 -5.40 31.67 -6.05
C THR G 98 -5.09 33.14 -6.27
N SER G 99 -4.29 33.41 -7.30
CA SER G 99 -3.90 34.78 -7.62
C SER G 99 -3.70 34.90 -9.13
N TRP G 100 -3.88 36.12 -9.62
CA TRP G 100 -3.69 36.39 -11.04
C TRP G 100 -3.38 37.86 -11.23
N GLU G 101 -2.69 38.17 -12.33
CA GLU G 101 -2.42 39.55 -12.71
C GLU G 101 -2.53 39.68 -14.21
N SER G 102 -2.91 40.87 -14.67
CA SER G 102 -3.09 41.12 -16.09
C SER G 102 -1.76 41.33 -16.81
N ALA G 103 -0.77 41.92 -16.13
CA ALA G 103 0.47 42.26 -16.80
C ALA G 103 1.17 41.03 -17.36
N SER G 104 1.23 39.95 -16.57
CA SER G 104 1.93 38.74 -16.98
C SER G 104 1.00 37.59 -17.34
N GLY G 105 -0.17 37.51 -16.73
CA GLY G 105 -1.08 36.42 -16.99
C GLY G 105 -0.78 35.14 -16.26
N ILE G 106 0.10 35.18 -15.25
CA ILE G 106 0.44 33.97 -14.51
C ILE G 106 -0.65 33.65 -13.51
N VAL G 107 -0.71 32.38 -13.11
CA VAL G 107 -1.69 31.95 -12.12
C VAL G 107 -1.06 30.89 -11.23
N GLU G 108 -1.47 30.90 -9.95
CA GLU G 108 -0.95 29.95 -8.99
C GLU G 108 -2.11 29.41 -8.18
N PHE G 109 -2.25 28.09 -8.15
CA PHE G 109 -3.35 27.44 -7.43
C PHE G 109 -2.70 26.85 -6.18
N TRP G 110 -2.70 27.63 -5.11
CA TRP G 110 -2.21 27.16 -3.81
C TRP G 110 -3.29 26.31 -3.15
N VAL G 111 -2.99 25.03 -2.93
CA VAL G 111 -3.94 24.09 -2.35
C VAL G 111 -3.34 23.49 -1.09
N ASP G 112 -4.07 23.56 0.02
CA ASP G 112 -3.61 22.94 1.26
C ASP G 112 -2.20 23.37 1.63
N GLY G 113 -1.88 24.62 1.34
CA GLY G 113 -0.57 25.13 1.68
C GLY G 113 0.55 24.70 0.76
N LYS G 114 0.24 24.14 -0.40
CA LYS G 114 1.25 23.71 -1.35
C LYS G 114 0.94 24.26 -2.73
N PRO G 115 1.97 24.54 -3.54
CA PRO G 115 1.75 25.03 -4.89
C PRO G 115 1.68 23.88 -5.90
N ARG G 116 1.17 24.19 -7.09
CA ARG G 116 1.07 23.20 -8.16
C ARG G 116 1.96 23.56 -9.33
N VAL G 117 1.70 24.66 -10.02
CA VAL G 117 2.46 25.05 -11.22
C VAL G 117 2.08 26.49 -11.56
N ARG G 118 2.98 27.19 -12.24
CA ARG G 118 2.64 28.46 -12.85
C ARG G 118 2.15 28.25 -14.27
N LYS G 119 1.07 28.93 -14.64
CA LYS G 119 0.49 28.81 -15.97
C LYS G 119 -0.01 30.18 -16.43
N SER G 120 -0.18 30.31 -17.74
CA SER G 120 -0.51 31.58 -18.36
C SER G 120 -1.95 31.58 -18.86
N LEU G 121 -2.59 32.76 -18.79
CA LEU G 121 -3.96 32.91 -19.27
C LEU G 121 -4.32 34.38 -19.41
N LYS G 122 -4.98 34.74 -20.51
CA LYS G 122 -5.65 36.02 -20.69
C LYS G 122 -4.79 37.18 -20.19
N LYS G 123 -3.67 37.37 -20.88
CA LYS G 123 -2.76 38.47 -20.57
C LYS G 123 -3.27 39.73 -21.25
N GLY G 124 -3.73 40.69 -20.47
CA GLY G 124 -4.24 41.94 -21.00
C GLY G 124 -5.66 42.24 -20.57
N TYR G 125 -6.41 41.18 -20.27
CA TYR G 125 -7.80 41.33 -19.86
C TYR G 125 -7.93 42.12 -18.57
N THR G 126 -8.80 43.12 -18.55
CA THR G 126 -9.04 43.93 -17.36
C THR G 126 -10.41 43.58 -16.79
N VAL G 127 -10.47 43.42 -15.46
CA VAL G 127 -11.70 43.01 -14.80
C VAL G 127 -12.57 44.24 -14.53
N GLY G 128 -13.87 44.00 -14.39
CA GLY G 128 -14.83 45.05 -14.11
C GLY G 128 -14.84 45.44 -12.65
N ALA G 129 -15.71 46.41 -12.33
CA ALA G 129 -15.83 46.93 -10.98
C ALA G 129 -17.13 46.54 -10.31
N GLU G 130 -18.27 46.82 -10.94
CA GLU G 130 -19.55 46.42 -10.37
C GLU G 130 -19.66 44.90 -10.42
N ALA G 131 -20.17 44.32 -9.32
CA ALA G 131 -20.23 42.88 -9.22
C ALA G 131 -21.41 42.47 -8.34
N SER G 132 -21.83 41.20 -8.52
CA SER G 132 -22.88 40.62 -7.67
C SER G 132 -22.16 39.33 -7.25
N ILE G 133 -21.54 39.35 -6.09
CA ILE G 133 -20.75 38.21 -5.59
C ILE G 133 -21.72 37.27 -4.87
N ILE G 134 -22.19 36.25 -5.57
CA ILE G 134 -23.09 35.26 -5.00
C ILE G 134 -22.27 34.10 -4.44
N LEU G 135 -22.87 33.37 -3.51
CA LEU G 135 -22.24 32.19 -2.95
C LEU G 135 -23.35 31.18 -2.63
N GLY G 136 -23.21 29.99 -3.18
CA GLY G 136 -24.19 28.93 -3.02
C GLY G 136 -24.57 28.28 -4.34
N GLN G 137 -24.62 29.07 -5.40
CA GLN G 137 -24.98 28.57 -6.72
C GLN G 137 -24.31 29.45 -7.77
N GLU G 138 -23.87 28.71 -8.87
CA GLU G 138 -23.32 29.43 -9.98
C GLU G 138 -24.45 30.13 -10.71
N GLN G 139 -24.15 31.38 -11.18
CA GLN G 139 -25.15 32.11 -11.93
C GLN G 139 -24.69 32.44 -13.34
N ASP G 140 -25.59 32.33 -14.29
CA ASP G 140 -25.40 32.61 -15.70
C ASP G 140 -25.93 33.98 -16.08
N SER G 141 -26.21 34.80 -15.07
CA SER G 141 -26.67 36.16 -15.29
C SER G 141 -26.29 36.98 -14.07
N PHE G 142 -26.72 38.24 -14.02
CA PHE G 142 -26.39 39.11 -12.88
C PHE G 142 -27.34 38.55 -11.83
N GLY G 143 -26.81 37.68 -10.98
CA GLY G 143 -27.52 37.19 -9.81
C GLY G 143 -28.87 36.61 -10.14
N GLY G 144 -28.89 35.56 -10.97
CA GLY G 144 -30.14 34.94 -11.35
C GLY G 144 -29.89 33.76 -12.27
N ASN G 145 -30.95 33.08 -12.68
CA ASN G 145 -30.81 31.97 -13.61
C ASN G 145 -29.99 30.78 -13.12
N PHE G 146 -30.20 30.39 -11.86
CA PHE G 146 -29.49 29.26 -11.31
C PHE G 146 -30.00 27.89 -11.71
N GLU G 147 -29.08 26.94 -11.82
CA GLU G 147 -29.41 25.55 -12.11
C GLU G 147 -29.05 24.68 -10.90
N GLY G 148 -30.02 23.88 -10.45
CA GLY G 148 -29.86 23.11 -9.23
C GLY G 148 -28.71 22.12 -9.27
N SER G 149 -28.29 21.71 -10.47
CA SER G 149 -27.20 20.74 -10.55
C SER G 149 -25.93 21.28 -9.92
N GLN G 150 -25.61 22.55 -10.17
CA GLN G 150 -24.40 23.16 -9.66
C GLN G 150 -24.49 23.56 -8.18
N SER G 151 -25.68 23.48 -7.61
CA SER G 151 -25.85 23.87 -6.21
C SER G 151 -24.87 23.14 -5.31
N LEU G 152 -24.43 23.78 -4.24
CA LEU G 152 -23.50 23.17 -3.29
C LEU G 152 -24.22 22.86 -1.99
N VAL G 153 -23.95 21.68 -1.42
CA VAL G 153 -24.53 21.30 -0.14
C VAL G 153 -23.38 20.98 0.77
N GLY G 154 -23.30 21.58 1.95
CA GLY G 154 -22.15 21.46 2.84
C GLY G 154 -21.90 22.72 3.63
N ASP G 155 -20.70 23.21 3.70
CA ASP G 155 -20.41 24.44 4.41
C ASP G 155 -19.18 25.11 3.85
N ILE G 156 -18.99 26.35 4.13
CA ILE G 156 -17.90 27.15 3.56
C ILE G 156 -17.68 28.37 4.44
N GLY G 157 -16.46 28.89 4.41
CA GLY G 157 -16.16 30.10 5.15
C GLY G 157 -14.74 30.57 4.92
N ASN G 158 -14.27 31.48 5.78
CA ASN G 158 -12.89 31.98 5.67
C ASN G 158 -12.63 32.67 4.33
N VAL G 159 -13.65 33.28 3.74
CA VAL G 159 -13.45 33.90 2.43
C VAL G 159 -12.74 35.23 2.61
N ASN G 160 -11.75 35.48 1.75
CA ASN G 160 -11.02 36.75 1.78
C ASN G 160 -10.45 37.02 0.40
N MET G 161 -10.27 38.29 0.10
CA MET G 161 -9.80 38.72 -1.22
C MET G 161 -8.88 39.93 -1.08
N TRP G 162 -7.97 40.05 -2.04
CA TRP G 162 -7.05 41.16 -2.13
C TRP G 162 -6.96 41.61 -3.58
N ASP G 163 -6.64 42.89 -3.78
CA ASP G 163 -6.44 43.44 -5.10
C ASP G 163 -4.97 43.48 -5.50
N PHE G 164 -4.14 42.69 -4.84
CA PHE G 164 -2.77 42.59 -5.28
C PHE G 164 -2.38 41.14 -5.32
N VAL G 165 -1.15 40.87 -5.71
CA VAL G 165 -0.68 39.50 -5.88
C VAL G 165 0.26 39.22 -4.70
N LEU G 166 -0.16 38.33 -3.82
CA LEU G 166 0.59 38.07 -2.60
C LEU G 166 1.88 37.32 -2.90
N SER G 167 2.91 37.60 -2.11
CA SER G 167 4.17 36.89 -2.23
C SER G 167 4.02 35.49 -1.65
N PRO G 168 4.94 34.58 -1.97
CA PRO G 168 4.74 33.17 -1.59
C PRO G 168 4.83 32.90 -0.10
N ASP G 169 5.11 33.93 0.70
CA ASP G 169 5.19 33.76 2.16
C ASP G 169 3.90 34.12 2.90
N GLU G 170 3.25 35.23 2.54
CA GLU G 170 2.00 35.57 3.20
C GLU G 170 0.96 34.47 3.04
N ILE G 171 1.04 33.70 1.96
CA ILE G 171 0.13 32.57 1.80
C ILE G 171 0.35 31.56 2.93
N ASN G 172 1.61 31.31 3.28
CA ASN G 172 1.90 30.41 4.40
C ASN G 172 1.29 30.93 5.69
N THR G 173 1.43 32.24 5.95
CA THR G 173 0.85 32.82 7.16
C THR G 173 -0.66 32.70 7.17
N ILE G 174 -1.30 32.93 6.02
CA ILE G 174 -2.73 32.70 5.92
C ILE G 174 -3.07 31.27 6.28
N TYR G 175 -2.31 30.32 5.74
CA TYR G 175 -2.56 28.91 6.02
C TYR G 175 -2.42 28.62 7.50
N LEU G 176 -1.50 29.30 8.18
CA LEU G 176 -1.32 29.09 9.62
C LEU G 176 -2.31 29.88 10.46
N GLY G 177 -3.07 30.80 9.87
CA GLY G 177 -4.11 31.51 10.60
C GLY G 177 -3.64 32.74 11.33
N GLY G 178 -3.07 33.71 10.60
CA GLY G 178 -2.55 34.91 11.20
C GLY G 178 -3.38 36.13 10.87
N PRO G 179 -3.04 37.28 11.47
CA PRO G 179 -3.82 38.51 11.24
C PRO G 179 -3.30 39.38 10.11
N PHE G 180 -4.20 39.67 9.17
CA PHE G 180 -3.89 40.37 7.94
C PHE G 180 -5.09 41.23 7.54
N SER G 181 -4.88 42.10 6.55
CA SER G 181 -5.87 43.12 6.18
C SER G 181 -6.29 42.97 4.72
N PRO G 182 -7.37 42.24 4.45
CA PRO G 182 -7.95 42.27 3.10
C PRO G 182 -8.40 43.67 2.73
N ASN G 183 -8.36 43.96 1.42
CA ASN G 183 -8.73 45.27 0.91
C ASN G 183 -9.99 45.27 0.06
N VAL G 184 -10.54 44.09 -0.27
CA VAL G 184 -11.76 44.02 -1.08
C VAL G 184 -12.85 43.35 -0.26
N LEU G 185 -12.64 42.09 0.11
CA LEU G 185 -13.55 41.34 0.95
C LEU G 185 -12.80 40.89 2.20
N ASN G 186 -13.28 41.29 3.37
CA ASN G 186 -12.62 41.03 4.63
C ASN G 186 -13.54 40.21 5.51
N TRP G 187 -13.14 38.98 5.83
CA TRP G 187 -13.93 38.13 6.71
C TRP G 187 -14.09 38.76 8.08
N ARG G 188 -13.10 39.53 8.53
CA ARG G 188 -13.17 40.14 9.85
C ARG G 188 -14.28 41.19 9.90
N ALA G 189 -14.53 41.90 8.80
CA ALA G 189 -15.58 42.90 8.72
C ALA G 189 -16.23 42.76 7.35
N LEU G 190 -17.46 42.24 7.33
CA LEU G 190 -18.10 41.82 6.09
C LEU G 190 -19.55 42.28 6.07
N LYS G 191 -20.06 42.50 4.86
CA LYS G 191 -21.44 42.84 4.61
C LYS G 191 -22.06 41.80 3.69
N TYR G 192 -23.27 41.36 4.01
CA TYR G 192 -23.87 40.24 3.28
C TYR G 192 -25.38 40.30 3.44
N GLU G 193 -26.06 39.54 2.59
CA GLU G 193 -27.51 39.37 2.68
C GLU G 193 -27.84 37.97 2.16
N VAL G 194 -28.69 37.24 2.89
CA VAL G 194 -28.92 35.83 2.62
C VAL G 194 -30.40 35.59 2.36
N GLN G 195 -30.68 34.65 1.45
CA GLN G 195 -32.03 34.20 1.15
C GLN G 195 -32.09 32.68 1.17
N GLY G 196 -33.24 32.16 1.57
CA GLY G 196 -33.46 30.72 1.54
C GLY G 196 -32.94 30.02 2.78
N GLU G 197 -32.72 28.71 2.62
CA GLU G 197 -32.28 27.84 3.72
C GLU G 197 -30.76 27.86 3.78
N VAL G 198 -30.23 28.75 4.61
CA VAL G 198 -28.81 28.79 4.92
C VAL G 198 -28.67 29.15 6.39
N PHE G 199 -27.65 28.62 7.04
CA PHE G 199 -27.46 28.85 8.46
C PHE G 199 -26.02 29.25 8.76
N THR G 200 -25.83 29.86 9.93
CA THR G 200 -24.51 30.23 10.42
C THR G 200 -24.20 29.40 11.65
N LYS G 201 -23.07 28.72 11.63
CA LYS G 201 -22.70 27.86 12.74
C LYS G 201 -21.20 27.92 12.97
N PRO G 202 -20.73 27.59 14.18
CA PRO G 202 -19.29 27.55 14.42
C PRO G 202 -18.62 26.59 13.44
N GLN G 203 -17.46 27.01 12.93
CA GLN G 203 -16.78 26.23 11.90
C GLN G 203 -16.38 24.89 12.53
N LEU G 204 -16.93 23.81 12.00
CA LEU G 204 -16.59 22.48 12.51
C LEU G 204 -15.15 22.18 12.10
N TRP G 205 -14.75 22.54 10.94
CA TRP G 205 -13.38 22.30 10.53
C TRP G 205 -12.45 23.08 11.46
N PRO G 206 -11.21 22.68 11.58
CA PRO G 206 -10.28 23.25 12.57
C PRO G 206 -9.90 24.70 12.30
N VAL H 4 -19.94 25.46 -32.62
CA VAL H 4 -20.96 25.92 -33.55
C VAL H 4 -21.12 24.93 -34.70
N GLN H 5 -20.15 24.02 -34.81
CA GLN H 5 -20.17 23.01 -35.85
C GLN H 5 -19.45 21.77 -35.35
N LEU H 6 -19.77 20.62 -35.95
CA LEU H 6 -19.18 19.34 -35.52
C LEU H 6 -19.40 18.25 -36.55
N VAL H 7 -18.37 17.42 -36.75
CA VAL H 7 -18.44 16.32 -37.71
C VAL H 7 -17.68 15.13 -37.17
N GLU H 8 -18.20 13.92 -37.39
CA GLU H 8 -17.56 12.73 -36.86
C GLU H 8 -17.34 11.66 -37.91
N SER H 9 -16.37 10.79 -37.68
CA SER H 9 -16.06 9.70 -38.59
C SER H 9 -15.60 8.50 -37.78
N GLY H 10 -16.28 7.38 -37.96
CA GLY H 10 -15.95 6.17 -37.22
C GLY H 10 -16.98 5.10 -37.52
N GLY H 11 -16.66 3.89 -37.09
CA GLY H 11 -17.52 2.74 -37.35
C GLY H 11 -17.61 1.83 -36.14
N GLY H 12 -18.78 1.24 -35.98
CA GLY H 12 -19.03 0.25 -34.94
C GLY H 12 -18.94 -1.16 -35.48
N LEU H 13 -19.61 -2.09 -34.99
CA LEU H 13 -19.55 -3.46 -35.50
C LEU H 13 -18.12 -3.97 -35.49
N VAL H 14 -17.43 -3.79 -34.37
CA VAL H 14 -16.05 -4.25 -34.27
C VAL H 14 -15.97 -5.55 -33.49
N GLN H 15 -14.99 -6.38 -33.84
CA GLN H 15 -14.86 -7.68 -33.18
C GLN H 15 -14.24 -7.56 -31.81
N ALA H 16 -14.30 -8.61 -31.01
CA ALA H 16 -13.79 -8.55 -29.65
C ALA H 16 -12.26 -8.48 -29.64
N GLY H 17 -11.73 -7.36 -29.16
CA GLY H 17 -10.31 -7.21 -28.92
C GLY H 17 -9.54 -6.42 -29.97
N GLU H 18 -10.13 -6.25 -31.14
CA GLU H 18 -9.47 -5.53 -32.22
C GLU H 18 -9.44 -4.03 -31.97
N SER H 19 -8.80 -3.30 -32.88
CA SER H 19 -8.69 -1.87 -32.70
C SER H 19 -9.77 -1.09 -33.43
N LEU H 20 -9.71 0.22 -33.28
CA LEU H 20 -10.66 1.08 -33.97
C LEU H 20 -10.12 2.51 -33.95
N ARG H 21 -10.39 3.26 -35.01
CA ARG H 21 -9.87 4.62 -35.19
C ARG H 21 -11.06 5.57 -35.37
N LEU H 22 -11.41 6.37 -34.50
CA LEU H 22 -12.48 7.31 -34.70
C LEU H 22 -11.86 8.69 -34.84
N SER H 23 -12.57 9.65 -35.24
CA SER H 23 -12.10 10.98 -35.61
C SER H 23 -13.25 11.97 -35.51
N CYS H 24 -12.90 13.22 -35.24
CA CYS H 24 -13.86 14.30 -35.21
C CYS H 24 -13.22 15.57 -35.75
N THR H 25 -14.07 16.45 -36.29
CA THR H 25 -13.63 17.71 -36.88
C THR H 25 -14.64 18.79 -36.54
N ALA H 26 -14.22 20.04 -36.71
CA ALA H 26 -15.07 21.19 -36.42
C ALA H 26 -14.53 22.38 -37.22
N SER H 27 -15.20 23.53 -37.08
CA SER H 27 -14.81 24.74 -37.78
C SER H 27 -14.07 25.73 -36.88
N ILE H 28 -13.37 25.25 -35.86
CA ILE H 28 -12.71 26.16 -34.91
C ILE H 28 -11.34 25.71 -34.46
N ASN H 29 -10.44 26.67 -34.22
CA ASN H 29 -9.10 26.33 -33.72
C ASN H 29 -9.20 25.56 -32.42
N ILE H 30 -8.16 24.82 -32.08
CA ILE H 30 -8.18 24.06 -30.84
C ILE H 30 -7.41 24.81 -29.76
N ALA H 31 -6.68 25.86 -30.17
CA ALA H 31 -5.96 26.64 -29.17
C ALA H 31 -6.93 27.16 -28.12
N GLY H 32 -6.63 26.88 -26.86
CA GLY H 32 -7.51 27.28 -25.78
C GLY H 32 -8.84 26.55 -25.75
N LEU H 33 -8.89 25.33 -26.29
CA LEU H 33 -10.10 24.51 -26.25
C LEU H 33 -9.70 23.08 -25.93
N ALA H 34 -10.02 22.62 -24.72
CA ALA H 34 -9.78 21.24 -24.34
C ALA H 34 -10.88 20.36 -24.94
N MET H 35 -10.48 19.37 -25.73
CA MET H 35 -11.40 18.51 -26.45
C MET H 35 -11.30 17.08 -25.94
N GLY H 36 -12.45 16.40 -25.88
CA GLY H 36 -12.44 15.07 -25.30
C GLY H 36 -13.61 14.23 -25.74
N TRP H 37 -13.66 13.02 -25.17
CA TRP H 37 -14.63 11.98 -25.50
C TRP H 37 -15.29 11.47 -24.24
N TYR H 38 -16.61 11.29 -24.33
CA TYR H 38 -17.46 10.79 -23.26
C TYR H 38 -18.09 9.49 -23.73
N ARG H 39 -18.41 8.60 -22.79
CA ARG H 39 -19.05 7.33 -23.11
C ARG H 39 -20.45 7.29 -22.54
N GLN H 40 -21.39 6.78 -23.32
CA GLN H 40 -22.79 6.64 -22.93
C GLN H 40 -23.22 5.22 -23.29
N ALA H 41 -23.09 4.31 -22.33
CA ALA H 41 -23.52 2.93 -22.52
C ALA H 41 -25.02 2.84 -22.28
N PRO H 42 -25.61 1.66 -22.48
CA PRO H 42 -27.04 1.51 -22.17
C PRO H 42 -27.31 1.82 -20.71
N GLY H 43 -28.44 2.50 -20.47
CA GLY H 43 -28.72 2.96 -19.12
C GLY H 43 -27.62 3.88 -18.63
N LYS H 44 -27.21 3.67 -17.37
CA LYS H 44 -26.15 4.46 -16.76
C LYS H 44 -26.32 5.95 -17.03
N GLN H 45 -25.29 6.57 -17.60
CA GLN H 45 -25.31 8.00 -17.87
C GLN H 45 -24.10 8.34 -18.74
N ARG H 46 -24.22 9.45 -19.46
CA ARG H 46 -23.10 9.91 -20.28
C ARG H 46 -21.92 10.24 -19.38
N GLU H 47 -20.84 9.47 -19.53
CA GLU H 47 -19.66 9.68 -18.69
C GLU H 47 -18.49 10.05 -19.56
N LEU H 48 -17.39 10.54 -18.98
CA LEU H 48 -16.18 10.96 -19.74
C LEU H 48 -15.07 9.91 -19.98
N ALA H 49 -14.87 9.50 -21.22
CA ALA H 49 -13.84 8.52 -21.55
C ALA H 49 -12.45 9.10 -21.31
N ALA H 50 -12.11 10.18 -22.02
CA ALA H 50 -10.83 10.83 -21.80
C ALA H 50 -10.75 12.06 -22.70
N LEU H 51 -9.95 13.03 -22.26
CA LEU H 51 -9.79 14.24 -23.06
C LEU H 51 -8.35 14.72 -23.03
N SER H 52 -8.05 15.70 -23.87
CA SER H 52 -6.72 16.27 -23.95
C SER H 52 -6.74 17.67 -23.35
N THR H 53 -5.88 17.90 -22.37
CA THR H 53 -5.83 19.22 -21.73
C THR H 53 -5.39 20.27 -22.74
N ASN H 54 -5.54 21.53 -22.35
CA ASN H 54 -5.16 22.63 -23.22
C ASN H 54 -3.66 22.68 -23.47
N SER H 55 -2.86 22.36 -22.45
CA SER H 55 -1.40 22.53 -22.52
C SER H 55 -0.70 21.28 -22.01
N GLY H 56 -0.28 20.41 -22.92
CA GLY H 56 0.63 19.33 -22.62
C GLY H 56 0.19 18.36 -21.54
N THR H 57 -1.05 17.89 -21.60
CA THR H 57 -1.51 16.87 -20.66
C THR H 57 -2.73 16.19 -21.26
N THR H 58 -2.98 14.95 -20.81
CA THR H 58 -4.14 14.20 -21.28
C THR H 58 -4.81 13.48 -20.11
N ILE H 59 -6.03 13.89 -19.80
CA ILE H 59 -6.77 13.24 -18.73
C ILE H 59 -7.37 11.95 -19.26
N TYR H 60 -7.38 10.93 -18.43
CA TYR H 60 -7.90 9.64 -18.83
C TYR H 60 -8.96 9.17 -17.85
N GLY H 61 -10.05 8.63 -18.39
CA GLY H 61 -11.08 8.03 -17.56
C GLY H 61 -10.53 6.91 -16.69
N ASN H 62 -10.86 6.92 -15.41
CA ASN H 62 -10.33 5.90 -14.51
C ASN H 62 -10.78 4.50 -14.90
N SER H 63 -12.02 4.37 -15.35
CA SER H 63 -12.54 3.04 -15.68
C SER H 63 -11.65 2.32 -16.67
N VAL H 64 -11.26 3.00 -17.75
CA VAL H 64 -10.41 2.39 -18.77
C VAL H 64 -9.03 3.02 -18.73
N LYS H 65 -8.13 2.37 -18.00
CA LYS H 65 -6.76 2.86 -17.94
C LYS H 65 -5.99 2.28 -19.09
N GLY H 66 -5.10 3.08 -19.68
CA GLY H 66 -4.32 2.63 -20.82
C GLY H 66 -5.20 2.04 -21.90
N ARG H 67 -6.42 2.55 -22.01
CA ARG H 67 -7.39 2.01 -22.96
C ARG H 67 -7.18 2.57 -24.36
N PHE H 68 -7.11 3.89 -24.48
CA PHE H 68 -7.02 4.54 -25.79
C PHE H 68 -6.05 5.71 -25.68
N THR H 69 -5.89 6.43 -26.79
CA THR H 69 -4.97 7.55 -26.88
C THR H 69 -5.74 8.78 -27.35
N ILE H 70 -5.44 9.95 -26.79
CA ILE H 70 -6.18 11.15 -27.16
C ILE H 70 -5.77 11.68 -28.54
N SER H 71 -4.51 11.48 -28.91
CA SER H 71 -4.06 11.91 -30.23
C SER H 71 -4.49 13.31 -30.64
N ARG H 72 -4.13 14.30 -29.83
CA ARG H 72 -4.56 15.68 -30.05
C ARG H 72 -4.14 16.17 -31.42
N ASP H 73 -5.11 16.65 -32.19
CA ASP H 73 -4.82 17.29 -33.47
C ASP H 73 -4.44 18.75 -33.25
N ASN H 74 -3.55 19.26 -34.11
CA ASN H 74 -3.18 20.68 -34.08
C ASN H 74 -3.28 21.23 -35.49
N ALA H 75 -3.64 22.50 -35.66
CA ALA H 75 -3.78 23.16 -36.96
C ALA H 75 -5.01 22.63 -37.69
N LYS H 76 -5.65 21.62 -37.12
CA LYS H 76 -6.84 21.01 -37.69
C LYS H 76 -7.68 20.46 -36.55
N LYS H 77 -8.81 19.85 -36.91
CA LYS H 77 -9.74 19.26 -35.94
C LYS H 77 -9.86 17.79 -36.34
N THR H 78 -9.04 16.93 -35.72
CA THR H 78 -9.10 15.47 -35.98
C THR H 78 -8.69 14.65 -34.74
N VAL H 79 -9.61 14.46 -33.81
CA VAL H 79 -9.30 13.70 -32.59
C VAL H 79 -9.26 12.22 -32.87
N TYR H 80 -8.39 11.50 -32.16
CA TYR H 80 -8.23 10.08 -32.37
C TYR H 80 -8.23 9.36 -31.03
N LEU H 81 -8.59 8.08 -31.05
CA LEU H 81 -8.64 7.26 -29.84
C LEU H 81 -7.70 6.07 -29.89
N GLN H 82 -7.51 5.45 -31.05
CA GLN H 82 -6.67 4.28 -31.20
C GLN H 82 -7.15 3.15 -30.27
N VAL H 83 -8.38 2.75 -30.52
CA VAL H 83 -8.95 1.69 -29.71
C VAL H 83 -8.13 0.43 -29.82
N ASP H 84 -8.13 -0.36 -28.77
CA ASP H 84 -7.44 -1.65 -28.76
C ASP H 84 -8.01 -2.48 -27.63
N SER H 85 -7.84 -3.80 -27.73
CA SER H 85 -8.38 -4.73 -26.75
C SER H 85 -9.88 -4.48 -26.54
N LEU H 86 -10.57 -4.28 -27.66
CA LEU H 86 -12.02 -4.00 -27.63
C LEU H 86 -12.69 -5.17 -26.93
N LYS H 87 -13.35 -4.90 -25.83
CA LYS H 87 -14.11 -5.91 -25.12
C LYS H 87 -15.61 -5.65 -25.28
N PRO H 88 -16.44 -6.59 -24.82
CA PRO H 88 -17.90 -6.41 -24.99
C PRO H 88 -18.45 -5.17 -24.29
N GLU H 89 -17.85 -4.76 -23.16
CA GLU H 89 -18.42 -3.65 -22.41
C GLU H 89 -18.28 -2.31 -23.14
N ASP H 90 -17.50 -2.28 -24.20
CA ASP H 90 -17.26 -1.02 -24.91
C ASP H 90 -18.46 -0.57 -25.75
N THR H 91 -19.44 -1.44 -25.92
CA THR H 91 -20.59 -1.10 -26.75
C THR H 91 -21.34 0.10 -26.17
N GLY H 92 -21.80 0.98 -27.05
CA GLY H 92 -22.52 2.17 -26.65
C GLY H 92 -22.22 3.38 -27.51
N ILE H 93 -22.77 4.53 -27.15
CA ILE H 93 -22.46 5.76 -27.86
C ILE H 93 -21.17 6.35 -27.33
N TYR H 94 -20.39 6.97 -28.23
CA TYR H 94 -19.16 7.65 -27.88
C TYR H 94 -19.34 9.10 -28.33
N TYR H 95 -19.68 9.96 -27.38
CA TYR H 95 -19.79 11.39 -27.64
C TYR H 95 -18.41 12.03 -27.68
N CYS H 96 -18.29 13.12 -28.41
CA CYS H 96 -17.05 13.87 -28.44
C CYS H 96 -17.38 15.36 -28.52
N ASN H 97 -16.66 16.17 -27.76
CA ASN H 97 -16.99 17.59 -27.73
C ASN H 97 -15.81 18.41 -27.20
N VAL H 98 -15.90 19.71 -27.43
CA VAL H 98 -14.97 20.71 -26.92
C VAL H 98 -15.75 21.70 -26.09
N ARG H 99 -15.37 21.85 -24.82
CA ARG H 99 -16.02 22.80 -23.93
C ARG H 99 -15.01 23.87 -23.50
N PHE H 100 -15.39 25.13 -23.69
CA PHE H 100 -14.61 26.25 -23.20
C PHE H 100 -15.41 26.94 -22.09
N ASN H 101 -14.93 26.90 -20.87
CA ASN H 101 -15.67 27.48 -19.75
C ASN H 101 -16.87 26.61 -19.40
N PRO H 102 -17.29 26.63 -18.13
CA PRO H 102 -18.37 25.75 -17.68
C PRO H 102 -19.64 26.33 -18.27
N ASP H 103 -20.68 25.51 -18.46
CA ASP H 103 -21.97 25.99 -18.99
C ASP H 103 -21.92 26.34 -20.48
N ARG H 104 -20.82 26.00 -21.14
CA ARG H 104 -20.70 26.23 -22.58
C ARG H 104 -19.80 25.13 -23.15
N ILE H 105 -20.40 24.10 -23.73
CA ILE H 105 -19.60 22.97 -24.24
C ILE H 105 -19.98 22.57 -25.67
N TYR H 106 -21.08 23.10 -26.17
CA TYR H 106 -21.51 22.81 -27.53
C TYR H 106 -21.44 21.31 -27.82
N TRP H 107 -22.30 20.56 -27.10
CA TRP H 107 -22.30 19.11 -27.15
C TRP H 107 -22.27 18.51 -28.55
N GLY H 108 -21.39 17.52 -28.74
CA GLY H 108 -21.33 16.79 -29.98
C GLY H 108 -22.46 15.79 -30.22
N GLN H 109 -22.41 15.12 -31.37
CA GLN H 109 -23.47 14.18 -31.74
C GLN H 109 -23.12 12.74 -31.36
N GLY H 110 -21.85 12.39 -31.40
CA GLY H 110 -21.44 11.08 -30.96
C GLY H 110 -21.69 10.01 -32.00
N THR H 111 -21.02 8.87 -31.82
CA THR H 111 -21.11 7.77 -32.76
C THR H 111 -21.24 6.46 -31.99
N GLN H 112 -22.13 5.59 -32.44
CA GLN H 112 -22.35 4.34 -31.75
C GLN H 112 -21.36 3.29 -32.17
N VAL H 113 -21.00 2.42 -31.23
CA VAL H 113 -20.10 1.32 -31.54
C VAL H 113 -20.55 0.04 -30.84
N THR H 114 -20.63 -1.03 -31.62
CA THR H 114 -21.05 -2.31 -31.07
C THR H 114 -19.87 -3.23 -30.85
N VAL H 115 -20.10 -4.30 -30.12
CA VAL H 115 -19.06 -5.29 -29.85
C VAL H 115 -19.60 -6.66 -30.26
N SER H 116 -19.07 -7.19 -31.36
CA SER H 116 -19.45 -8.55 -31.77
C SER H 116 -18.76 -9.57 -30.88
N SER H 117 -19.54 -10.51 -30.37
CA SER H 117 -19.01 -11.54 -29.47
C SER H 117 -18.42 -12.69 -30.26
N GLN I 1 -26.78 7.50 42.08
CA GLN I 1 -25.74 8.30 42.78
C GLN I 1 -24.49 7.46 43.02
N THR I 2 -23.87 7.00 41.94
CA THR I 2 -22.66 6.20 42.02
C THR I 2 -21.72 6.62 40.91
N ASP I 3 -20.42 6.47 41.16
CA ASP I 3 -19.41 6.81 40.17
C ASP I 3 -18.99 5.56 39.42
N MET I 4 -18.57 5.76 38.16
CA MET I 4 -18.09 4.66 37.32
C MET I 4 -16.83 5.06 36.57
N SER I 5 -16.09 6.03 37.09
CA SER I 5 -14.85 6.45 36.45
C SER I 5 -13.91 5.27 36.27
N ARG I 6 -13.37 5.12 35.06
CA ARG I 6 -12.44 4.06 34.71
C ARG I 6 -13.08 2.68 34.77
N LYS I 7 -14.41 2.61 34.80
CA LYS I 7 -15.14 1.35 34.79
C LYS I 7 -15.94 1.25 33.50
N ALA I 8 -16.32 0.02 33.14
CA ALA I 8 -17.08 -0.20 31.93
C ALA I 8 -17.91 -1.47 32.08
N PHE I 9 -19.02 -1.52 31.34
CA PHE I 9 -19.90 -2.66 31.34
C PHE I 9 -19.47 -3.65 30.26
N VAL I 10 -19.51 -4.94 30.62
CA VAL I 10 -19.07 -6.02 29.76
C VAL I 10 -20.21 -7.00 29.58
N PHE I 11 -20.54 -7.28 28.31
CA PHE I 11 -21.49 -8.32 27.94
C PHE I 11 -20.70 -9.49 27.37
N PRO I 12 -20.61 -10.63 28.08
CA PRO I 12 -19.70 -11.70 27.63
C PRO I 12 -20.14 -12.38 26.34
N LYS I 13 -21.40 -12.81 26.28
CA LYS I 13 -21.92 -13.59 25.17
C LYS I 13 -23.15 -12.89 24.62
N GLU I 14 -23.68 -13.43 23.52
CA GLU I 14 -24.91 -12.93 22.95
C GLU I 14 -26.09 -13.54 23.70
N SER I 15 -27.06 -12.70 24.06
CA SER I 15 -28.24 -13.17 24.77
C SER I 15 -29.29 -12.07 24.82
N ASP I 16 -30.57 -12.40 24.71
CA ASP I 16 -31.59 -11.36 24.68
C ASP I 16 -32.16 -11.12 26.08
N THR I 17 -31.47 -11.58 27.11
CA THR I 17 -31.96 -11.44 28.49
C THR I 17 -31.15 -10.48 29.35
N SER I 18 -29.86 -10.34 29.05
CA SER I 18 -28.99 -9.49 29.84
C SER I 18 -29.02 -8.07 29.31
N TYR I 19 -29.16 -7.10 30.21
CA TYR I 19 -29.21 -5.70 29.81
C TYR I 19 -29.16 -4.83 31.06
N VAL I 20 -28.73 -3.59 30.87
CA VAL I 20 -28.77 -2.59 31.94
C VAL I 20 -29.78 -1.52 31.56
N SER I 21 -30.31 -0.84 32.58
CA SER I 21 -31.31 0.20 32.39
C SER I 21 -30.91 1.40 33.21
N LEU I 22 -30.93 2.58 32.58
CA LEU I 22 -30.49 3.83 33.20
C LEU I 22 -31.70 4.75 33.36
N LYS I 23 -31.71 5.50 34.45
CA LYS I 23 -32.79 6.42 34.77
C LYS I 23 -32.27 7.85 34.81
N ALA I 24 -33.12 8.79 34.39
CA ALA I 24 -32.76 10.19 34.34
C ALA I 24 -33.84 11.03 35.02
N PRO I 25 -33.48 12.20 35.54
CA PRO I 25 -34.47 13.08 36.19
C PRO I 25 -35.18 14.06 35.27
N LEU I 26 -35.14 13.85 33.96
CA LEU I 26 -35.71 14.82 33.03
C LEU I 26 -37.21 14.96 33.27
N THR I 27 -37.72 16.18 33.06
CA THR I 27 -39.14 16.46 33.27
C THR I 27 -39.76 17.19 32.09
N LYS I 28 -38.96 17.95 31.33
CA LYS I 28 -39.48 18.77 30.26
C LYS I 28 -39.27 18.12 28.90
N PRO I 29 -40.08 18.46 27.90
CA PRO I 29 -39.90 17.89 26.56
C PRO I 29 -38.57 18.31 25.96
N LEU I 30 -37.75 17.31 25.65
CA LEU I 30 -36.45 17.58 25.05
C LEU I 30 -36.63 18.19 23.69
N LYS I 31 -35.86 19.22 23.39
CA LYS I 31 -35.91 19.83 22.08
C LYS I 31 -34.58 19.85 21.34
N ALA I 32 -33.46 19.87 22.05
CA ALA I 32 -32.14 19.75 21.45
C ALA I 32 -31.25 19.00 22.42
N PHE I 33 -30.49 18.03 21.91
CA PHE I 33 -29.73 17.14 22.77
C PHE I 33 -28.40 16.76 22.13
N THR I 34 -27.58 16.09 22.92
CA THR I 34 -26.25 15.64 22.50
C THR I 34 -25.88 14.44 23.35
N VAL I 35 -25.15 13.52 22.75
CA VAL I 35 -24.73 12.34 23.47
C VAL I 35 -23.30 11.99 23.11
N CYS I 36 -22.65 11.21 23.96
CA CYS I 36 -21.27 10.79 23.75
C CYS I 36 -21.05 9.46 24.46
N LEU I 37 -20.25 8.59 23.84
CA LEU I 37 -19.96 7.29 24.42
C LEU I 37 -18.77 6.61 23.82
N HIS I 38 -18.26 5.60 24.50
CA HIS I 38 -17.17 4.80 23.97
C HIS I 38 -17.60 3.36 24.01
N PHE I 39 -17.20 2.58 23.01
CA PHE I 39 -17.58 1.18 22.96
C PHE I 39 -16.50 0.39 22.22
N TYR I 40 -16.55 -0.93 22.42
CA TYR I 40 -15.55 -1.80 21.83
C TYR I 40 -16.12 -3.20 21.62
N THR I 41 -16.20 -3.64 20.37
CA THR I 41 -16.71 -4.96 20.01
C THR I 41 -16.14 -5.31 18.64
N GLU I 42 -16.55 -6.47 18.10
CA GLU I 42 -16.03 -6.97 16.84
C GLU I 42 -17.12 -7.61 15.98
N LEU I 43 -18.39 -7.28 16.25
CA LEU I 43 -19.52 -7.87 15.52
C LEU I 43 -19.74 -7.30 14.14
N SER I 44 -18.93 -6.34 13.73
CA SER I 44 -19.19 -5.66 12.46
C SER I 44 -19.26 -6.63 11.30
N SER I 45 -18.30 -7.55 11.22
CA SER I 45 -18.22 -8.46 10.08
C SER I 45 -19.16 -9.64 10.18
N THR I 46 -20.05 -9.66 11.17
CA THR I 46 -20.93 -10.81 11.39
C THR I 46 -22.41 -10.47 11.29
N ARG I 47 -22.85 -9.34 11.83
CA ARG I 47 -24.25 -8.97 11.83
C ARG I 47 -24.35 -7.52 12.29
N GLY I 48 -25.58 -7.05 12.47
CA GLY I 48 -25.83 -5.72 12.99
C GLY I 48 -26.09 -5.75 14.49
N TYR I 49 -25.64 -4.70 15.18
CA TYR I 49 -25.78 -4.60 16.62
C TYR I 49 -26.28 -3.21 16.99
N SER I 50 -27.03 -3.16 18.08
CA SER I 50 -27.59 -1.90 18.57
C SER I 50 -26.64 -1.26 19.57
N ILE I 51 -26.30 0.01 19.33
CA ILE I 51 -25.37 0.72 20.19
C ILE I 51 -26.11 1.48 21.28
N PHE I 52 -27.15 2.23 20.92
CA PHE I 52 -27.89 3.01 21.89
C PHE I 52 -29.37 2.99 21.54
N SER I 53 -30.22 2.77 22.55
CA SER I 53 -31.66 2.63 22.33
C SER I 53 -32.40 3.43 23.38
N TYR I 54 -33.27 4.33 22.92
CA TYR I 54 -34.12 5.09 23.83
C TYR I 54 -35.46 4.38 23.89
N ALA I 55 -36.48 5.02 24.46
CA ALA I 55 -37.79 4.42 24.55
C ALA I 55 -38.81 5.47 24.97
N THR I 56 -40.02 5.35 24.42
CA THR I 56 -41.13 6.21 24.80
C THR I 56 -42.44 5.44 24.64
N LYS I 57 -43.49 5.96 25.28
CA LYS I 57 -44.78 5.29 25.24
C LYS I 57 -45.30 5.16 23.81
N ARG I 58 -45.25 6.24 23.04
CA ARG I 58 -45.89 6.26 21.73
C ARG I 58 -45.03 5.61 20.66
N GLN I 59 -43.72 5.82 20.70
CA GLN I 59 -42.81 5.33 19.67
C GLN I 59 -41.75 4.43 20.30
N ASP I 60 -41.49 3.29 19.67
CA ASP I 60 -40.50 2.37 20.19
C ASP I 60 -39.10 2.96 20.17
N ASN I 61 -38.75 3.68 19.10
CA ASN I 61 -37.40 4.21 18.91
C ASN I 61 -37.48 5.73 18.78
N GLU I 62 -37.29 6.42 19.89
CA GLU I 62 -37.30 7.87 19.87
C GLU I 62 -35.94 8.29 19.38
N ILE I 63 -34.89 7.75 19.99
CA ILE I 63 -33.52 8.03 19.55
C ILE I 63 -32.82 6.68 19.52
N LEU I 64 -32.06 6.40 18.46
CA LEU I 64 -31.47 5.07 18.29
C LEU I 64 -30.23 5.16 17.44
N ILE I 65 -29.13 4.59 17.94
CA ILE I 65 -27.87 4.50 17.22
C ILE I 65 -27.58 3.01 17.01
N PHE I 66 -27.43 2.62 15.74
CA PHE I 66 -27.33 1.22 15.34
C PHE I 66 -26.23 1.08 14.30
N TRP I 67 -25.78 -0.16 14.10
CA TRP I 67 -24.76 -0.47 13.09
C TRP I 67 -25.36 -1.46 12.09
N SER I 68 -25.35 -1.08 10.82
CA SER I 68 -25.93 -1.89 9.75
C SER I 68 -24.82 -2.55 8.94
N LYS I 69 -25.02 -3.83 8.65
CA LYS I 69 -24.00 -4.67 8.03
C LYS I 69 -23.51 -4.07 6.71
N ASP I 70 -22.20 -3.87 6.60
CA ASP I 70 -21.62 -3.33 5.37
C ASP I 70 -22.11 -1.93 5.06
N ILE I 71 -22.87 -1.32 5.96
CA ILE I 71 -23.44 0.00 5.74
C ILE I 71 -22.78 1.02 6.65
N GLY I 72 -22.78 0.77 7.96
CA GLY I 72 -22.17 1.68 8.90
C GLY I 72 -23.12 2.16 9.97
N TYR I 73 -22.90 3.37 10.47
CA TYR I 73 -23.72 3.90 11.55
C TYR I 73 -25.04 4.43 11.02
N SER I 74 -26.11 4.14 11.76
CA SER I 74 -27.45 4.62 11.45
C SER I 74 -27.99 5.31 12.69
N PHE I 75 -28.52 6.52 12.51
CA PHE I 75 -28.95 7.37 13.62
C PHE I 75 -30.37 7.82 13.34
N THR I 76 -31.29 7.45 14.24
CA THR I 76 -32.71 7.76 14.08
C THR I 76 -33.15 8.64 15.24
N VAL I 77 -33.88 9.70 14.93
CA VAL I 77 -34.43 10.60 15.94
C VAL I 77 -35.95 10.50 15.93
N GLY I 78 -36.47 9.41 15.37
CA GLY I 78 -37.89 9.22 15.26
C GLY I 78 -38.22 8.26 14.14
N GLY I 79 -39.09 8.68 13.22
CA GLY I 79 -39.45 7.85 12.10
C GLY I 79 -38.57 8.10 10.88
N SER I 80 -37.44 8.79 11.12
CA SER I 80 -36.50 9.11 10.07
C SER I 80 -35.08 8.86 10.55
N GLU I 81 -34.12 8.78 9.63
CA GLU I 81 -32.74 8.50 10.01
C GLU I 81 -31.80 8.99 8.92
N ILE I 82 -30.53 9.11 9.30
CA ILE I 82 -29.44 9.39 8.37
C ILE I 82 -28.60 8.14 8.26
N LEU I 83 -28.07 7.89 7.07
CA LEU I 83 -27.22 6.71 6.82
C LEU I 83 -25.78 7.19 6.69
N PHE I 84 -25.08 7.27 7.82
CA PHE I 84 -23.67 7.65 7.82
C PHE I 84 -22.83 6.46 7.39
N GLU I 85 -21.97 6.74 6.40
CA GLU I 85 -21.19 5.67 5.81
C GLU I 85 -19.79 5.52 6.30
N VAL I 86 -19.37 4.28 6.46
CA VAL I 86 -18.01 3.95 6.86
C VAL I 86 -17.47 2.96 5.84
N PRO I 87 -16.43 3.29 5.07
CA PRO I 87 -15.96 2.38 4.02
C PRO I 87 -15.30 1.12 4.55
N GLU I 88 -14.34 1.32 5.46
CA GLU I 88 -13.58 0.21 6.00
C GLU I 88 -13.82 0.04 7.49
N VAL I 89 -13.52 -1.15 8.00
CA VAL I 89 -13.72 -1.47 9.40
C VAL I 89 -12.41 -1.99 9.97
N THR I 90 -12.11 -1.57 11.20
CA THR I 90 -10.96 -2.03 11.95
C THR I 90 -11.43 -2.55 13.31
N VAL I 91 -10.50 -3.06 14.10
CA VAL I 91 -10.78 -3.57 15.44
C VAL I 91 -10.01 -2.74 16.46
N ALA I 92 -10.72 -1.88 17.18
CA ALA I 92 -10.13 -1.04 18.21
C ALA I 92 -11.25 -0.27 18.91
N PRO I 93 -10.99 0.26 20.10
CA PRO I 93 -12.02 1.04 20.79
C PRO I 93 -12.44 2.25 19.97
N VAL I 94 -13.70 2.64 20.10
CA VAL I 94 -14.25 3.71 19.27
C VAL I 94 -15.05 4.67 20.15
N HIS I 95 -14.85 5.96 19.93
CA HIS I 95 -15.64 7.04 20.51
C HIS I 95 -16.67 7.51 19.50
N ILE I 96 -17.83 7.95 20.00
CA ILE I 96 -18.83 8.54 19.11
C ILE I 96 -19.70 9.57 19.83
N CYS I 97 -19.77 10.78 19.29
CA CYS I 97 -20.59 11.87 19.82
C CYS I 97 -21.54 12.31 18.73
N THR I 98 -22.75 12.70 19.12
CA THR I 98 -23.73 13.21 18.17
C THR I 98 -24.57 14.29 18.84
N SER I 99 -25.16 15.15 18.02
CA SER I 99 -25.97 16.24 18.52
C SER I 99 -27.08 16.54 17.53
N TRP I 100 -28.18 17.10 18.03
CA TRP I 100 -29.30 17.46 17.18
C TRP I 100 -30.11 18.54 17.88
N GLU I 101 -30.82 19.33 17.07
CA GLU I 101 -31.74 20.34 17.59
C GLU I 101 -32.97 20.40 16.70
N SER I 102 -34.11 20.75 17.32
CA SER I 102 -35.36 20.81 16.59
C SER I 102 -35.48 22.07 15.73
N ALA I 103 -34.89 23.18 16.17
CA ALA I 103 -35.08 24.44 15.47
C ALA I 103 -34.56 24.36 14.04
N SER I 104 -33.37 23.79 13.87
CA SER I 104 -32.73 23.72 12.55
C SER I 104 -32.75 22.34 11.93
N GLY I 105 -32.72 21.28 12.74
CA GLY I 105 -32.69 19.93 12.22
C GLY I 105 -31.33 19.44 11.78
N ILE I 106 -30.26 20.16 12.14
CA ILE I 106 -28.93 19.75 11.74
C ILE I 106 -28.45 18.61 12.62
N VAL I 107 -27.48 17.84 12.11
CA VAL I 107 -26.91 16.74 12.87
C VAL I 107 -25.43 16.64 12.55
N GLU I 108 -24.64 16.25 13.56
CA GLU I 108 -23.21 16.11 13.40
C GLU I 108 -22.77 14.80 14.05
N PHE I 109 -22.10 13.96 13.29
CA PHE I 109 -21.66 12.65 13.78
C PHE I 109 -20.15 12.81 13.99
N TRP I 110 -19.78 13.20 15.20
CA TRP I 110 -18.37 13.28 15.58
C TRP I 110 -17.85 11.88 15.89
N VAL I 111 -16.87 11.42 15.11
CA VAL I 111 -16.32 10.08 15.27
C VAL I 111 -14.81 10.19 15.50
N ASP I 112 -14.32 9.57 16.56
CA ASP I 112 -12.89 9.55 16.82
C ASP I 112 -12.29 10.95 16.81
N GLY I 113 -13.05 11.92 17.29
CA GLY I 113 -12.55 13.28 17.34
C GLY I 113 -12.55 14.01 16.02
N LYS I 114 -13.24 13.51 15.00
CA LYS I 114 -13.30 14.15 13.71
C LYS I 114 -14.76 14.27 13.25
N PRO I 115 -15.08 15.31 12.49
CA PRO I 115 -16.45 15.46 11.98
C PRO I 115 -16.60 14.82 10.61
N ARG I 116 -17.86 14.62 10.20
CA ARG I 116 -18.15 14.04 8.90
C ARG I 116 -18.86 15.04 7.99
N VAL I 117 -20.07 15.47 8.33
CA VAL I 117 -20.86 16.37 7.49
C VAL I 117 -22.03 16.85 8.32
N ARG I 118 -22.57 18.02 7.96
CA ARG I 118 -23.84 18.46 8.50
C ARG I 118 -24.97 18.01 7.59
N LYS I 119 -26.05 17.50 8.20
CA LYS I 119 -27.20 17.01 7.46
C LYS I 119 -28.47 17.37 8.21
N SER I 120 -29.59 17.36 7.48
CA SER I 120 -30.87 17.81 8.00
C SER I 120 -31.81 16.64 8.22
N LEU I 121 -32.65 16.75 9.26
CA LEU I 121 -33.63 15.71 9.56
C LEU I 121 -34.68 16.23 10.53
N LYS I 122 -35.94 15.92 10.28
CA LYS I 122 -37.04 16.08 11.24
C LYS I 122 -36.95 17.42 11.98
N LYS I 123 -37.11 18.48 11.21
CA LYS I 123 -37.12 19.83 11.77
C LYS I 123 -38.51 20.14 12.31
N GLY I 124 -38.63 20.24 13.63
CA GLY I 124 -39.91 20.53 14.26
C GLY I 124 -40.31 19.49 15.28
N TYR I 125 -39.82 18.27 15.10
CA TYR I 125 -40.15 17.18 16.00
C TYR I 125 -39.67 17.44 17.42
N THR I 126 -40.54 17.26 18.40
CA THR I 126 -40.19 17.45 19.80
C THR I 126 -40.13 16.09 20.49
N VAL I 127 -39.08 15.90 21.29
CA VAL I 127 -38.86 14.61 21.95
C VAL I 127 -39.67 14.55 23.24
N GLY I 128 -39.95 13.33 23.68
CA GLY I 128 -40.69 13.10 24.90
C GLY I 128 -39.82 13.22 26.13
N ALA I 129 -40.46 13.03 27.29
CA ALA I 129 -39.79 13.14 28.58
C ALA I 129 -39.61 11.82 29.28
N GLU I 130 -40.67 11.05 29.47
CA GLU I 130 -40.54 9.74 30.08
C GLU I 130 -39.80 8.80 29.13
N ALA I 131 -38.88 8.02 29.69
CA ALA I 131 -38.04 7.16 28.86
C ALA I 131 -37.64 5.92 29.64
N SER I 132 -37.25 4.87 28.88
CA SER I 132 -36.73 3.64 29.47
C SER I 132 -35.44 3.51 28.66
N ILE I 133 -34.33 3.99 29.20
CA ILE I 133 -33.04 3.99 28.52
C ILE I 133 -32.39 2.64 28.77
N ILE I 134 -32.55 1.72 27.83
CA ILE I 134 -31.94 0.39 27.94
C ILE I 134 -30.58 0.42 27.25
N LEU I 135 -29.73 -0.53 27.63
CA LEU I 135 -28.42 -0.69 27.03
C LEU I 135 -28.08 -2.17 27.02
N GLY I 136 -27.80 -2.70 25.84
CA GLY I 136 -27.49 -4.11 25.65
C GLY I 136 -28.27 -4.72 24.50
N GLN I 137 -29.51 -4.27 24.31
CA GLN I 137 -30.36 -4.78 23.24
C GLN I 137 -31.34 -3.70 22.84
N GLU I 138 -31.59 -3.68 21.47
CA GLU I 138 -32.58 -2.77 20.97
C GLU I 138 -33.94 -3.30 21.36
N GLN I 139 -34.86 -2.34 21.73
CA GLN I 139 -36.20 -2.74 22.08
C GLN I 139 -37.24 -2.10 21.16
N ASP I 140 -38.24 -2.86 20.80
CA ASP I 140 -39.36 -2.49 19.96
C ASP I 140 -40.59 -2.16 20.79
N SER I 141 -40.41 -2.00 22.10
CA SER I 141 -41.49 -1.61 22.98
C SER I 141 -40.87 -0.91 24.18
N PHE I 142 -41.68 -0.57 25.18
CA PHE I 142 -41.17 0.12 26.37
C PHE I 142 -40.47 -1.03 27.09
N GLY I 143 -39.16 -1.10 26.89
CA GLY I 143 -38.32 -2.01 27.64
C GLY I 143 -38.79 -3.44 27.56
N GLY I 144 -38.84 -4.00 26.35
CA GLY I 144 -39.28 -5.36 26.18
C GLY I 144 -39.23 -5.76 24.71
N ASN I 145 -39.58 -7.00 24.41
CA ASN I 145 -39.61 -7.45 23.03
C ASN I 145 -38.30 -7.45 22.28
N PHE I 146 -37.23 -7.89 22.96
CA PHE I 146 -35.92 -7.94 22.34
C PHE I 146 -35.68 -9.11 21.39
N GLU I 147 -34.88 -8.86 20.36
CA GLU I 147 -34.47 -9.89 19.40
C GLU I 147 -32.98 -10.13 19.53
N GLY I 148 -32.60 -11.39 19.69
CA GLY I 148 -31.21 -11.73 19.95
C GLY I 148 -30.24 -11.32 18.86
N SER I 149 -30.74 -11.15 17.63
CA SER I 149 -29.85 -10.76 16.54
C SER I 149 -29.17 -9.43 16.82
N GLN I 150 -29.91 -8.46 17.35
CA GLN I 150 -29.38 -7.14 17.61
C GLN I 150 -28.54 -7.06 18.89
N SER I 151 -28.54 -8.13 19.68
CA SER I 151 -27.79 -8.12 20.93
C SER I 151 -26.34 -7.75 20.69
N LEU I 152 -25.71 -7.08 21.64
CA LEU I 152 -24.31 -6.69 21.54
C LEU I 152 -23.45 -7.52 22.49
N VAL I 153 -22.30 -7.96 22.02
CA VAL I 153 -21.37 -8.72 22.85
C VAL I 153 -20.06 -7.98 22.81
N GLY I 154 -19.49 -7.63 23.96
CA GLY I 154 -18.31 -6.79 24.04
C GLY I 154 -18.29 -5.92 25.27
N ASP I 155 -18.03 -4.66 25.18
CA ASP I 155 -18.05 -3.78 26.32
C ASP I 155 -18.35 -2.35 25.90
N ILE I 156 -18.73 -1.52 26.81
CA ILE I 156 -19.15 -0.15 26.52
C ILE I 156 -19.06 0.67 27.80
N GLY I 157 -18.90 1.98 27.64
CA GLY I 157 -18.86 2.85 28.79
C GLY I 157 -18.73 4.30 28.40
N ASN I 158 -18.40 5.16 29.37
CA ASN I 158 -18.20 6.59 29.09
C ASN I 158 -19.46 7.26 28.53
N VAL I 159 -20.63 6.76 28.91
CA VAL I 159 -21.86 7.33 28.35
C VAL I 159 -22.16 8.64 29.04
N ASN I 160 -22.55 9.65 28.26
CA ASN I 160 -22.91 10.95 28.80
C ASN I 160 -23.85 11.64 27.84
N MET I 161 -24.70 12.51 28.37
CA MET I 161 -25.71 13.19 27.59
C MET I 161 -25.90 14.62 28.09
N TRP I 162 -26.31 15.49 27.18
CA TRP I 162 -26.62 16.88 27.47
C TRP I 162 -27.89 17.27 26.75
N ASP I 163 -28.60 18.24 27.32
CA ASP I 163 -29.81 18.78 26.70
C ASP I 163 -29.53 20.04 25.89
N PHE I 164 -28.29 20.26 25.52
CA PHE I 164 -28.02 21.37 24.64
C PHE I 164 -27.11 20.90 23.54
N VAL I 165 -26.76 21.80 22.63
CA VAL I 165 -25.96 21.45 21.47
C VAL I 165 -24.57 22.02 21.72
N LEU I 166 -23.59 21.14 21.90
CA LEU I 166 -22.26 21.58 22.26
C LEU I 166 -21.55 22.24 21.09
N SER I 167 -20.71 23.23 21.40
CA SER I 167 -19.92 23.89 20.40
C SER I 167 -18.79 22.96 19.95
N PRO I 168 -18.17 23.24 18.80
CA PRO I 168 -17.21 22.28 18.23
C PRO I 168 -15.92 22.14 19.02
N ASP I 169 -15.77 22.91 20.11
CA ASP I 169 -14.57 22.81 20.94
C ASP I 169 -14.73 21.89 22.17
N GLU I 170 -15.84 21.98 22.88
CA GLU I 170 -16.03 21.09 24.02
C GLU I 170 -15.97 19.63 23.61
N ILE I 171 -16.33 19.32 22.36
CA ILE I 171 -16.19 17.94 21.89
C ILE I 171 -14.73 17.52 21.92
N ASN I 172 -13.83 18.42 21.51
CA ASN I 172 -12.41 18.12 21.58
C ASN I 172 -11.97 17.83 23.01
N THR I 173 -12.43 18.65 23.96
CA THR I 173 -12.07 18.44 25.35
C THR I 173 -12.60 17.11 25.86
N ILE I 174 -13.83 16.76 25.49
CA ILE I 174 -14.36 15.43 25.82
C ILE I 174 -13.45 14.36 25.28
N TYR I 175 -13.03 14.49 24.02
CA TYR I 175 -12.17 13.50 23.41
C TYR I 175 -10.86 13.37 24.18
N LEU I 176 -10.35 14.49 24.70
CA LEU I 176 -9.11 14.47 25.46
C LEU I 176 -9.30 14.03 26.90
N GLY I 177 -10.54 13.93 27.38
CA GLY I 177 -10.79 13.42 28.72
C GLY I 177 -10.73 14.46 29.82
N GLY I 178 -11.56 15.49 29.73
CA GLY I 178 -11.56 16.56 30.70
C GLY I 178 -12.80 16.57 31.57
N PRO I 179 -12.85 17.45 32.57
CA PRO I 179 -13.98 17.48 33.50
C PRO I 179 -15.08 18.45 33.09
N PHE I 180 -16.29 17.90 32.99
CA PHE I 180 -17.47 18.61 32.50
C PHE I 180 -18.69 18.09 33.24
N SER I 181 -19.82 18.79 33.05
CA SER I 181 -21.04 18.55 33.82
C SER I 181 -22.22 18.19 32.92
N PRO I 182 -22.45 16.90 32.68
CA PRO I 182 -23.70 16.49 32.03
C PRO I 182 -24.91 16.91 32.83
N ASN I 183 -26.01 17.16 32.14
CA ASN I 183 -27.25 17.60 32.76
C ASN I 183 -28.38 16.58 32.68
N VAL I 184 -28.21 15.50 31.91
CA VAL I 184 -29.25 14.48 31.80
C VAL I 184 -28.72 13.16 32.34
N LEU I 185 -27.68 12.63 31.70
CA LEU I 185 -27.01 11.40 32.13
C LEU I 185 -25.55 11.74 32.39
N ASN I 186 -25.10 11.50 33.62
CA ASN I 186 -23.74 11.84 34.04
C ASN I 186 -23.02 10.58 34.46
N TRP I 187 -21.96 10.23 33.74
CA TRP I 187 -21.17 9.06 34.09
C TRP I 187 -20.55 9.21 35.48
N ARG I 188 -20.24 10.44 35.88
CA ARG I 188 -19.63 10.65 37.19
C ARG I 188 -20.59 10.30 38.31
N ALA I 189 -21.88 10.54 38.12
CA ALA I 189 -22.91 10.22 39.10
C ALA I 189 -24.11 9.66 38.35
N LEU I 190 -24.34 8.36 38.48
CA LEU I 190 -25.28 7.65 37.62
C LEU I 190 -26.11 6.69 38.45
N LYS I 191 -27.34 6.45 37.98
CA LYS I 191 -28.26 5.48 38.57
C LYS I 191 -28.61 4.45 37.51
N TYR I 192 -28.62 3.18 37.91
CA TYR I 192 -28.81 2.09 36.95
C TYR I 192 -29.31 0.86 37.67
N GLU I 193 -29.81 -0.08 36.87
CA GLU I 193 -30.22 -1.39 37.37
C GLU I 193 -30.00 -2.41 36.27
N VAL I 194 -29.39 -3.55 36.61
CA VAL I 194 -28.92 -4.52 35.63
C VAL I 194 -29.58 -5.86 35.87
N GLN I 195 -29.85 -6.58 34.77
CA GLN I 195 -30.37 -7.93 34.80
C GLN I 195 -29.56 -8.81 33.85
N GLY I 196 -29.43 -10.08 34.23
CA GLY I 196 -28.77 -11.06 33.39
C GLY I 196 -27.26 -11.07 33.57
N GLU I 197 -26.59 -11.60 32.55
CA GLU I 197 -25.13 -11.76 32.57
C GLU I 197 -24.48 -10.49 32.04
N VAL I 198 -24.14 -9.59 32.96
CA VAL I 198 -23.37 -8.39 32.65
C VAL I 198 -22.42 -8.16 33.81
N PHE I 199 -21.24 -7.63 33.51
CA PHE I 199 -20.24 -7.41 34.54
C PHE I 199 -19.66 -6.00 34.44
N THR I 200 -19.06 -5.56 35.54
CA THR I 200 -18.36 -4.29 35.60
C THR I 200 -16.87 -4.54 35.77
N LYS I 201 -16.07 -3.96 34.89
CA LYS I 201 -14.63 -4.19 34.95
C LYS I 201 -13.89 -2.91 34.57
N PRO I 202 -12.65 -2.76 35.00
CA PRO I 202 -11.86 -1.59 34.57
C PRO I 202 -11.81 -1.52 33.05
N GLN I 203 -11.95 -0.29 32.53
CA GLN I 203 -12.03 -0.11 31.08
C GLN I 203 -10.68 -0.54 30.50
N LEU I 204 -10.70 -1.57 29.67
CA LEU I 204 -9.47 -2.04 29.03
C LEU I 204 -9.03 -0.99 28.01
N TRP I 205 -9.93 -0.39 27.31
CA TRP I 205 -9.56 0.63 26.36
C TRP I 205 -8.92 1.79 27.13
N PRO I 206 -8.12 2.59 26.49
CA PRO I 206 -7.32 3.64 27.14
C PRO I 206 -8.16 4.76 27.74
N VAL J 4 -45.87 -1.08 2.00
CA VAL J 4 -47.21 -1.64 2.06
C VAL J 4 -47.59 -2.26 0.72
N GLN J 5 -46.80 -1.94 -0.31
CA GLN J 5 -47.03 -2.48 -1.64
C GLN J 5 -45.70 -2.58 -2.37
N LEU J 6 -45.66 -3.45 -3.38
CA LEU J 6 -44.42 -3.68 -4.13
C LEU J 6 -44.67 -4.42 -5.43
N VAL J 7 -43.96 -4.01 -6.48
CA VAL J 7 -44.10 -4.63 -7.80
C VAL J 7 -42.75 -4.68 -8.49
N GLU J 8 -42.48 -5.77 -9.20
CA GLU J 8 -41.19 -5.91 -9.85
C GLU J 8 -41.30 -6.27 -11.33
N SER J 9 -40.27 -5.95 -12.09
CA SER J 9 -40.24 -6.24 -13.52
C SER J 9 -38.80 -6.56 -13.91
N GLY J 10 -38.60 -7.73 -14.50
CA GLY J 10 -37.27 -8.16 -14.89
C GLY J 10 -37.32 -9.59 -15.38
N GLY J 11 -36.23 -10.01 -15.98
CA GLY J 11 -36.13 -11.34 -16.56
C GLY J 11 -34.79 -11.98 -16.29
N GLY J 12 -34.81 -13.29 -16.12
CA GLY J 12 -33.60 -14.10 -15.95
C GLY J 12 -33.20 -14.77 -17.25
N LEU J 13 -32.61 -15.86 -17.26
CA LEU J 13 -32.22 -16.55 -18.49
C LEU J 13 -31.37 -15.63 -19.36
N VAL J 14 -30.36 -15.01 -18.76
CA VAL J 14 -29.50 -14.11 -19.50
C VAL J 14 -28.18 -14.80 -19.85
N GLN J 15 -27.60 -14.43 -20.98
CA GLN J 15 -26.36 -15.07 -21.42
C GLN J 15 -25.16 -14.53 -20.67
N ALA J 16 -24.02 -15.21 -20.78
CA ALA J 16 -22.85 -14.81 -20.02
C ALA J 16 -22.27 -13.51 -20.55
N GLY J 17 -22.31 -12.46 -19.72
CA GLY J 17 -21.64 -11.21 -20.01
C GLY J 17 -22.54 -10.09 -20.50
N GLU J 18 -23.73 -10.43 -20.96
CA GLU J 18 -24.66 -9.43 -21.46
C GLU J 18 -25.27 -8.60 -20.36
N SER J 19 -26.08 -7.62 -20.75
CA SER J 19 -26.69 -6.74 -19.76
C SER J 19 -28.07 -7.17 -19.34
N LEU J 20 -28.66 -6.42 -18.42
CA LEU J 20 -30.02 -6.70 -17.97
C LEU J 20 -30.54 -5.47 -17.27
N ARG J 21 -31.85 -5.23 -17.39
CA ARG J 21 -32.51 -4.05 -16.84
C ARG J 21 -33.62 -4.50 -15.90
N LEU J 22 -33.54 -4.40 -14.68
CA LEU J 22 -34.64 -4.76 -13.80
C LEU J 22 -35.24 -3.48 -13.26
N SER J 23 -36.33 -3.52 -12.64
CA SER J 23 -37.14 -2.38 -12.22
C SER J 23 -38.06 -2.79 -11.09
N CYS J 24 -38.40 -1.82 -10.25
CA CYS J 24 -39.34 -2.04 -9.16
C CYS J 24 -40.17 -0.78 -8.96
N THR J 25 -41.38 -0.98 -8.45
CA THR J 25 -42.32 0.11 -8.20
C THR J 25 -43.06 -0.16 -6.90
N ALA J 26 -43.70 0.89 -6.39
CA ALA J 26 -44.44 0.81 -5.14
C ALA J 26 -45.46 1.95 -5.12
N SER J 27 -46.24 2.02 -4.04
CA SER J 27 -47.27 3.04 -3.87
C SER J 27 -46.84 4.16 -2.93
N ILE J 28 -45.54 4.42 -2.82
CA ILE J 28 -45.07 5.43 -1.86
C ILE J 28 -43.93 6.31 -2.37
N ASN J 29 -43.91 7.58 -1.95
CA ASN J 29 -42.83 8.48 -2.34
C ASN J 29 -41.49 7.91 -1.92
N ILE J 30 -40.43 8.35 -2.56
CA ILE J 30 -39.11 7.86 -2.20
C ILE J 30 -38.40 8.87 -1.31
N ALA J 31 -38.99 10.07 -1.18
CA ALA J 31 -38.38 11.06 -0.29
C ALA J 31 -38.27 10.49 1.12
N GLY J 32 -37.06 10.52 1.66
CA GLY J 32 -36.83 9.96 2.98
C GLY J 32 -36.95 8.45 3.04
N LEU J 33 -36.70 7.75 1.92
CA LEU J 33 -36.72 6.30 1.89
C LEU J 33 -35.55 5.83 1.03
N ALA J 34 -34.53 5.25 1.69
CA ALA J 34 -33.41 4.67 0.97
C ALA J 34 -33.81 3.30 0.42
N MET J 35 -33.70 3.13 -0.89
CA MET J 35 -34.14 1.92 -1.57
C MET J 35 -32.95 1.19 -2.17
N GLY J 36 -33.00 -0.14 -2.13
CA GLY J 36 -31.84 -0.90 -2.58
C GLY J 36 -32.18 -2.32 -2.97
N TRP J 37 -31.13 -3.04 -3.34
CA TRP J 37 -31.19 -4.41 -3.86
C TRP J 37 -30.24 -5.31 -3.08
N TYR J 38 -30.74 -6.50 -2.74
CA TYR J 38 -30.01 -7.53 -2.03
C TYR J 38 -29.91 -8.76 -2.93
N ARG J 39 -28.86 -9.55 -2.75
CA ARG J 39 -28.67 -10.76 -3.53
C ARG J 39 -28.79 -11.98 -2.62
N GLN J 40 -29.47 -13.01 -3.11
CA GLN J 40 -29.66 -14.28 -2.40
C GLN J 40 -29.32 -15.39 -3.38
N ALA J 41 -28.07 -15.83 -3.37
CA ALA J 41 -27.64 -16.94 -4.22
C ALA J 41 -28.00 -18.26 -3.54
N PRO J 42 -27.75 -19.38 -4.20
CA PRO J 42 -28.00 -20.67 -3.54
C PRO J 42 -27.22 -20.79 -2.26
N GLY J 43 -27.84 -21.37 -1.24
CA GLY J 43 -27.20 -21.41 0.07
C GLY J 43 -26.89 -20.02 0.56
N LYS J 44 -25.69 -19.85 1.11
CA LYS J 44 -25.24 -18.56 1.62
C LYS J 44 -26.31 -17.86 2.45
N GLN J 45 -26.66 -16.65 2.08
CA GLN J 45 -27.65 -15.86 2.81
C GLN J 45 -27.98 -14.63 1.99
N ARG J 46 -29.17 -14.08 2.25
CA ARG J 46 -29.58 -12.85 1.56
C ARG J 46 -28.62 -11.72 1.93
N GLU J 47 -27.89 -11.24 0.93
CA GLU J 47 -26.91 -10.19 1.17
C GLU J 47 -27.28 -8.97 0.37
N LEU J 48 -26.69 -7.81 0.66
CA LEU J 48 -26.98 -6.53 -0.06
C LEU J 48 -26.15 -6.17 -1.30
N ALA J 49 -26.77 -6.18 -2.47
CA ALA J 49 -26.09 -5.84 -3.71
C ALA J 49 -25.66 -4.37 -3.71
N ALA J 50 -26.64 -3.46 -3.63
CA ALA J 50 -26.32 -2.05 -3.56
C ALA J 50 -27.61 -1.25 -3.41
N LEU J 51 -27.50 -0.08 -2.81
CA LEU J 51 -28.68 0.75 -2.63
C LEU J 51 -28.34 2.21 -2.85
N SER J 52 -29.37 3.05 -2.91
CA SER J 52 -29.22 4.48 -3.11
C SER J 52 -29.53 5.19 -1.80
N THR J 53 -28.59 6.00 -1.33
CA THR J 53 -28.80 6.74 -0.09
C THR J 53 -29.94 7.73 -0.26
N ASN J 54 -30.40 8.27 0.87
CA ASN J 54 -31.49 9.24 0.83
C ASN J 54 -31.10 10.52 0.12
N SER J 55 -29.86 10.98 0.30
CA SER J 55 -29.43 12.29 -0.20
C SER J 55 -28.08 12.15 -0.93
N GLY J 56 -28.13 12.07 -2.25
CA GLY J 56 -26.95 12.22 -3.08
C GLY J 56 -25.80 11.28 -2.81
N THR J 57 -26.09 9.98 -2.67
CA THR J 57 -25.03 8.99 -2.52
C THR J 57 -25.59 7.62 -2.88
N THR J 58 -24.69 6.71 -3.27
CA THR J 58 -25.09 5.36 -3.62
C THR J 58 -24.09 4.35 -3.05
N ILE J 59 -24.58 3.55 -2.11
CA ILE J 59 -23.73 2.51 -1.52
C ILE J 59 -23.66 1.34 -2.47
N TYR J 60 -22.50 0.73 -2.57
CA TYR J 60 -22.30 -0.40 -3.46
C TYR J 60 -21.75 -1.59 -2.69
N GLY J 61 -22.28 -2.78 -2.98
CA GLY J 61 -21.76 -3.99 -2.41
C GLY J 61 -20.30 -4.19 -2.75
N ASN J 62 -19.48 -4.53 -1.76
CA ASN J 62 -18.05 -4.68 -2.01
C ASN J 62 -17.77 -5.80 -2.99
N SER J 63 -18.52 -6.89 -2.90
CA SER J 63 -18.25 -8.05 -3.77
C SER J 63 -18.24 -7.66 -5.23
N VAL J 64 -19.26 -6.91 -5.67
CA VAL J 64 -19.35 -6.49 -7.06
C VAL J 64 -19.10 -4.99 -7.16
N LYS J 65 -17.86 -4.63 -7.44
CA LYS J 65 -17.53 -3.23 -7.60
C LYS J 65 -17.76 -2.84 -9.05
N GLY J 66 -18.27 -1.64 -9.26
CA GLY J 66 -18.57 -1.18 -10.61
C GLY J 66 -19.41 -2.18 -11.37
N ARG J 67 -20.25 -2.92 -10.65
CA ARG J 67 -21.04 -3.98 -11.27
C ARG J 67 -22.30 -3.43 -11.93
N PHE J 68 -23.07 -2.63 -11.20
CA PHE J 68 -24.36 -2.15 -11.69
C PHE J 68 -24.52 -0.70 -11.25
N THR J 69 -25.67 -0.11 -11.60
CA THR J 69 -25.98 1.27 -11.29
C THR J 69 -27.29 1.33 -10.53
N ILE J 70 -27.39 2.19 -9.53
CA ILE J 70 -28.61 2.25 -8.72
C ILE J 70 -29.75 2.94 -9.46
N SER J 71 -29.43 3.91 -10.32
CA SER J 71 -30.46 4.58 -11.11
C SER J 71 -31.68 5.02 -10.33
N ARG J 72 -31.47 5.83 -9.30
CA ARG J 72 -32.55 6.23 -8.39
C ARG J 72 -33.67 6.92 -9.16
N ASP J 73 -34.89 6.42 -9.01
CA ASP J 73 -36.06 7.07 -9.56
C ASP J 73 -36.54 8.17 -8.62
N ASN J 74 -37.10 9.24 -9.21
CA ASN J 74 -37.69 10.32 -8.43
C ASN J 74 -39.08 10.61 -8.99
N ALA J 75 -40.03 11.02 -8.16
CA ALA J 75 -41.40 11.31 -8.56
C ALA J 75 -42.14 10.05 -8.92
N LYS J 76 -41.44 8.92 -8.93
CA LYS J 76 -42.01 7.62 -9.24
C LYS J 76 -41.19 6.57 -8.51
N LYS J 77 -41.58 5.30 -8.71
CA LYS J 77 -40.91 4.16 -8.08
C LYS J 77 -40.47 3.27 -9.24
N THR J 78 -39.22 3.45 -9.69
CA THR J 78 -38.65 2.61 -10.76
C THR J 78 -37.13 2.45 -10.61
N VAL J 79 -36.69 1.52 -9.75
CA VAL J 79 -35.26 1.31 -9.54
C VAL J 79 -34.64 0.54 -10.68
N TYR J 80 -33.39 0.84 -11.00
CA TYR J 80 -32.71 0.19 -12.11
C TYR J 80 -31.32 -0.26 -11.67
N LEU J 81 -30.80 -1.26 -12.36
CA LEU J 81 -29.48 -1.80 -12.06
C LEU J 81 -28.50 -1.67 -13.21
N GLN J 82 -28.95 -1.81 -14.45
CA GLN J 82 -28.08 -1.75 -15.62
C GLN J 82 -26.98 -2.80 -15.53
N VAL J 83 -27.44 -4.05 -15.47
CA VAL J 83 -26.49 -5.15 -15.39
C VAL J 83 -25.57 -5.15 -16.58
N ASP J 84 -24.36 -5.64 -16.38
CA ASP J 84 -23.38 -5.77 -17.47
C ASP J 84 -22.32 -6.75 -17.01
N SER J 85 -21.62 -7.33 -17.99
CA SER J 85 -20.61 -8.34 -17.71
C SER J 85 -21.18 -9.46 -16.85
N LEU J 86 -22.40 -9.88 -17.20
CA LEU J 86 -23.09 -10.93 -16.45
C LEU J 86 -22.22 -12.16 -16.47
N LYS J 87 -21.81 -12.61 -15.31
CA LYS J 87 -21.05 -13.84 -15.18
C LYS J 87 -21.89 -14.94 -14.55
N PRO J 88 -21.38 -16.17 -14.52
CA PRO J 88 -22.18 -17.28 -13.96
C PRO J 88 -22.55 -17.08 -12.50
N GLU J 89 -21.70 -16.42 -11.70
CA GLU J 89 -21.96 -16.31 -10.28
C GLU J 89 -23.17 -15.44 -9.97
N ASP J 90 -23.67 -14.71 -10.96
CA ASP J 90 -24.78 -13.79 -10.72
C ASP J 90 -26.12 -14.50 -10.54
N THR J 91 -26.18 -15.79 -10.83
CA THR J 91 -27.42 -16.52 -10.73
C THR J 91 -27.94 -16.51 -9.29
N GLY J 92 -29.26 -16.36 -9.15
CA GLY J 92 -29.88 -16.33 -7.85
C GLY J 92 -31.06 -15.37 -7.77
N ILE J 93 -31.64 -15.22 -6.58
CA ILE J 93 -32.70 -14.25 -6.39
C ILE J 93 -32.11 -12.87 -6.17
N TYR J 94 -32.80 -11.85 -6.66
CA TYR J 94 -32.42 -10.45 -6.47
C TYR J 94 -33.61 -9.79 -5.78
N TYR J 95 -33.50 -9.64 -4.47
CA TYR J 95 -34.52 -8.94 -3.69
C TYR J 95 -34.34 -7.44 -3.83
N CYS J 96 -35.43 -6.69 -3.67
CA CYS J 96 -35.36 -5.25 -3.68
C CYS J 96 -36.35 -4.71 -2.67
N ASN J 97 -35.94 -3.68 -1.92
CA ASN J 97 -36.82 -3.19 -0.86
C ASN J 97 -36.40 -1.78 -0.44
N VAL J 98 -37.31 -1.12 0.27
CA VAL J 98 -37.10 0.18 0.88
C VAL J 98 -37.33 0.03 2.38
N ARG J 99 -36.32 0.38 3.17
CA ARG J 99 -36.43 0.32 4.62
C ARG J 99 -36.29 1.73 5.19
N PHE J 100 -37.25 2.12 6.02
CA PHE J 100 -37.19 3.36 6.77
C PHE J 100 -37.06 3.01 8.25
N ASN J 101 -35.94 3.34 8.86
CA ASN J 101 -35.71 2.99 10.26
C ASN J 101 -35.47 1.49 10.41
N PRO J 102 -34.71 1.09 11.44
CA PRO J 102 -34.33 -0.32 11.59
C PRO J 102 -35.59 -1.03 12.05
N ASP J 103 -35.69 -2.33 11.79
CA ASP J 103 -36.86 -3.12 12.24
C ASP J 103 -38.13 -2.81 11.44
N ARG J 104 -38.00 -2.06 10.36
CA ARG J 104 -39.14 -1.77 9.50
C ARG J 104 -38.62 -1.60 8.07
N ILE J 105 -38.73 -2.62 7.25
CA ILE J 105 -38.18 -2.57 5.89
C ILE J 105 -39.16 -3.03 4.83
N TYR J 106 -40.26 -3.64 5.25
CA TYR J 106 -41.29 -4.09 4.31
C TYR J 106 -40.66 -4.85 3.14
N TRP J 107 -40.08 -6.00 3.47
CA TRP J 107 -39.32 -6.80 2.52
C TRP J 107 -40.03 -7.04 1.19
N GLY J 108 -39.28 -6.84 0.10
CA GLY J 108 -39.77 -7.14 -1.23
C GLY J 108 -39.88 -8.62 -1.58
N GLN J 109 -40.35 -8.89 -2.80
CA GLN J 109 -40.52 -10.28 -3.24
C GLN J 109 -39.34 -10.80 -4.03
N GLY J 110 -38.67 -9.92 -4.78
CA GLY J 110 -37.46 -10.32 -5.48
C GLY J 110 -37.76 -11.08 -6.76
N THR J 111 -36.74 -11.16 -7.62
CA THR J 111 -36.88 -11.80 -8.91
C THR J 111 -35.65 -12.65 -9.18
N GLN J 112 -35.87 -13.86 -9.69
CA GLN J 112 -34.77 -14.76 -9.95
C GLN J 112 -34.13 -14.49 -11.27
N VAL J 113 -32.81 -14.72 -11.34
CA VAL J 113 -32.08 -14.55 -12.59
C VAL J 113 -31.07 -15.67 -12.76
N THR J 114 -31.09 -16.28 -13.93
CA THR J 114 -30.16 -17.36 -14.22
C THR J 114 -29.03 -16.90 -15.12
N VAL J 115 -28.00 -17.72 -15.21
CA VAL J 115 -26.85 -17.41 -16.06
C VAL J 115 -26.64 -18.59 -17.00
N SER J 116 -26.95 -18.40 -18.28
CA SER J 116 -26.68 -19.43 -19.27
C SER J 116 -25.19 -19.46 -19.58
N SER J 117 -24.61 -20.65 -19.55
CA SER J 117 -23.18 -20.82 -19.81
C SER J 117 -22.90 -20.92 -21.30
#